data_2VPW
#
_entry.id   2VPW
#
_cell.length_a   115.377
_cell.length_b   163.580
_cell.length_c   238.891
_cell.angle_alpha   90.00
_cell.angle_beta   90.00
_cell.angle_gamma   90.00
#
_symmetry.space_group_name_H-M   'P 21 21 21'
#
loop_
_entity.id
_entity.type
_entity.pdbx_description
1 polymer 'THIOSULFATE REDUCTASE'
2 polymer 'NRFC PROTEIN'
3 polymer 'HYPOTHETICAL MEMBRANE SPANNING PROTEIN'
4 non-polymer 'IRON/SULFUR CLUSTER'
5 non-polymer '2-AMINO-5,6-DIMERCAPTO-7-METHYL-3,7,8A,9-TETRAHYDRO-8-OXA-1,3,9,10-TETRAAZA-ANTHRACEN-4-ONE GUANOSINE DINUCLEOTIDE'
6 non-polymer 'MOLYBDENUM ATOM'
7 non-polymer MENAQUINONE-7
8 water water
#
loop_
_entity_poly.entity_id
_entity_poly.type
_entity_poly.pdbx_seq_one_letter_code
_entity_poly.pdbx_strand_id
1 'polypeptide(L)'
;MQRREFLKLSALGVGAMALRGSGPAKALKAPWYAQEVKSVYQICEGCFWRCGIVAHAVGNRVYKVEGYEANPKSRGRLCP
RGQGAPQTTYDPDRLKRPLIRVEGSQRGEGKYRVATWEEALDHIAKKMLEIREKYGPEAIAFFGHGTGDYWFVDFLPAAW
GSPNAAKPSVSLCTAPREVASQWVFGRPIGGHEPIDWENARYIVLIGHHIGEDTHNTQLQDFALALKNGAKVVVVDPRFS
TAAAKAHRWLPIKPGTDTALLLAWIHVLIYEDLYDKEYVAKYTVGFEELKAHVKDFTPEWAEKHTEIPAQVIREVAREMA
AHKPRAVLPPTRHNVWYGDDTYRVMALLYVNVLLGNYGRPGGFYIAQSPYLEKYPLPPLPLEPAAGGCSGPSGGDHEPEG
FKPRADKGKFFARSTAIQELIEPMITGEPYPIKGLFAYGINLFHSIPNVPRTKEALKNLDLYVAIDVLPQEHVMWADVIL
PEATYLERYDDFVLVAHKTPFIQLRTPAHEPLFDTKPGWWIARELGLRLGLEQYFPWKTIEEYLETRLQSLGLDLETMKG
MGTLVQRGKPWLEDWEKEGRLPFGTASGKIELYCQRFKEAGHQPLPVFTPPEEPPEGFYRLLYGRSPVHTFARTQNNWVL
MEMDPENEVWIHKEEAKRLGLKEGDYVMLVNQDGVKEGPVRVKPTARIRKDCVYIVHGFGHKAPLMRLAHGRGASDNYLQ
TRYKLDPISGGAGLRVNFVRLEKAERPRLPSLTGLAKRPFDERRM
;
A,E
2 'polypeptide(L)'
;MPRYAMAIDLSLCVGCAACAVACKMENEVPPGVFNLWIREREVGEYPNLVVEFRPEQCLHCENPPCVPVCPTGASYQTKD
GLVLVDPKKCIACGACIAACPYDARYLHPAGYVSKCTFCAHRLEKGKVPACVETCPTYCRTFGDLEDPESPVAKALKAAE
RVDVLRPEQGTRPKLFYLNAPSKKGLTRESEVHHG
;
B,F
3 'polypeptide(L)'
;MAEFYGLPNAQEFWHWTNALHFVLVGLAGGVALLAALLHLKGDAEARRYTLYALMLIALDLFILWAESPARFRFTHIWLF
LSFHPTSPIWWGAWGLGLGFLTGGLLYLGKGSQRALAWALLVFSLVALSYPGLALAVNLNRPLWNGLMAGLFPLTALVLA
LGLAALLKSPWALFPLRVLAGASLLLALLYPLTLPPEARGHLLEEAGFWYGLFLLLGLGTFWQERLAPWAGLLAAAGLRA
LLVLAGQWQGLGL
;
C,G
#
loop_
_chem_comp.id
_chem_comp.type
_chem_comp.name
_chem_comp.formula
MGD non-polymer '2-AMINO-5,6-DIMERCAPTO-7-METHYL-3,7,8A,9-TETRAHYDRO-8-OXA-1,3,9,10-TETRAAZA-ANTHRACEN-4-ONE GUANOSINE DINUCLEOTIDE' 'C20 H26 N10 O13 P2 S2'
MO non-polymer 'MOLYBDENUM ATOM' Mo
MQ7 non-polymer MENAQUINONE-7 'C46 H64 O2'
SF4 non-polymer 'IRON/SULFUR CLUSTER' 'Fe4 S4'
#
# COMPACT_ATOMS: atom_id res chain seq x y z
N ALA A 30 -30.19 -29.34 -9.97
CA ALA A 30 -29.00 -29.94 -9.36
C ALA A 30 -28.56 -29.16 -8.10
N PRO A 31 -28.41 -27.83 -8.13
CA PRO A 31 -28.01 -27.14 -6.89
C PRO A 31 -29.01 -27.38 -5.79
N TRP A 32 -28.57 -27.50 -4.54
CA TRP A 32 -29.53 -27.74 -3.43
C TRP A 32 -30.56 -26.58 -3.31
N TYR A 33 -30.14 -25.33 -3.37
CA TYR A 33 -31.09 -24.19 -3.15
C TYR A 33 -32.15 -24.02 -4.26
N ALA A 34 -32.02 -24.72 -5.36
CA ALA A 34 -33.01 -24.61 -6.46
C ALA A 34 -34.04 -25.71 -6.37
N GLN A 35 -33.55 -26.67 -5.65
CA GLN A 35 -34.31 -27.79 -5.25
C GLN A 35 -35.11 -27.31 -4.09
N GLU A 36 -36.26 -27.96 -3.89
CA GLU A 36 -37.16 -27.79 -2.81
C GLU A 36 -36.42 -27.79 -1.50
N VAL A 37 -36.71 -26.86 -0.56
CA VAL A 37 -36.03 -26.96 0.76
C VAL A 37 -37.07 -26.98 1.89
N LYS A 38 -36.58 -27.36 3.06
CA LYS A 38 -37.34 -27.25 4.31
C LYS A 38 -36.36 -26.69 5.28
N SER A 39 -36.71 -25.61 5.94
CA SER A 39 -35.82 -25.07 6.96
C SER A 39 -36.40 -25.46 8.30
N VAL A 40 -35.59 -25.25 9.30
CA VAL A 40 -35.95 -25.49 10.70
C VAL A 40 -34.94 -24.66 11.46
N TYR A 41 -35.35 -24.30 12.66
CA TYR A 41 -34.48 -23.59 13.61
C TYR A 41 -33.78 -24.66 14.36
N GLN A 42 -32.44 -24.59 14.31
CA GLN A 42 -31.64 -25.62 14.92
C GLN A 42 -30.31 -25.14 15.50
N ILE A 43 -29.99 -25.70 16.66
CA ILE A 43 -28.77 -25.43 17.38
C ILE A 43 -27.58 -26.08 16.73
N CYS A 44 -26.43 -25.47 16.80
CA CYS A 44 -25.25 -26.07 16.25
C CYS A 44 -24.62 -26.97 17.33
N GLU A 45 -24.28 -28.22 17.01
CA GLU A 45 -23.59 -29.06 17.99
C GLU A 45 -22.10 -29.08 17.62
N GLY A 46 -21.72 -28.15 16.74
CA GLY A 46 -20.34 -27.96 16.32
C GLY A 46 -19.40 -27.90 17.52
N CYS A 47 -19.84 -27.26 18.59
CA CYS A 47 -19.07 -27.16 19.84
C CYS A 47 -20.04 -26.75 20.89
N PHE A 48 -19.56 -26.43 22.06
CA PHE A 48 -20.49 -26.18 23.11
C PHE A 48 -21.05 -24.78 23.13
N TRP A 49 -20.67 -23.91 22.21
CA TRP A 49 -21.20 -22.57 22.27
C TRP A 49 -22.69 -22.56 22.00
N ARG A 50 -23.13 -23.60 21.29
CA ARG A 50 -24.49 -23.88 20.90
C ARG A 50 -25.22 -22.73 20.17
N CYS A 51 -24.62 -22.25 19.08
CA CYS A 51 -25.24 -21.16 18.32
C CYS A 51 -26.56 -21.63 17.73
N GLY A 52 -27.50 -20.69 17.65
CA GLY A 52 -28.79 -20.92 17.06
C GLY A 52 -28.58 -20.79 15.57
N ILE A 53 -29.08 -21.77 14.82
CA ILE A 53 -28.91 -21.82 13.38
C ILE A 53 -30.18 -22.22 12.66
N VAL A 54 -30.23 -21.93 11.38
CA VAL A 54 -31.33 -22.42 10.59
C VAL A 54 -30.70 -23.49 9.75
N ALA A 55 -31.34 -24.63 9.59
CA ALA A 55 -30.79 -25.70 8.77
C ALA A 55 -31.67 -25.84 7.58
N HIS A 56 -31.05 -25.86 6.41
CA HIS A 56 -31.75 -26.01 5.17
C HIS A 56 -31.57 -27.38 4.66
N ALA A 57 -32.64 -28.14 4.73
CA ALA A 57 -32.59 -29.47 4.20
C ALA A 57 -33.42 -29.56 2.91
N VAL A 58 -33.03 -30.51 2.10
CA VAL A 58 -33.70 -30.89 0.88
C VAL A 58 -33.82 -32.39 1.05
N GLY A 59 -35.00 -32.87 1.41
CA GLY A 59 -35.08 -34.29 1.66
C GLY A 59 -34.29 -34.56 2.94
N ASN A 60 -33.59 -35.68 2.96
CA ASN A 60 -32.86 -36.10 4.15
C ASN A 60 -31.47 -35.59 4.24
N ARG A 61 -31.28 -34.34 3.93
CA ARG A 61 -29.95 -33.85 3.97
C ARG A 61 -29.85 -32.37 4.10
N VAL A 62 -29.12 -31.97 5.13
CA VAL A 62 -28.89 -30.59 5.42
C VAL A 62 -27.73 -30.09 4.58
N TYR A 63 -28.06 -29.31 3.57
CA TYR A 63 -27.07 -28.77 2.65
C TYR A 63 -26.39 -27.52 3.14
N LYS A 64 -27.10 -26.76 3.95
CA LYS A 64 -26.63 -25.49 4.40
C LYS A 64 -27.25 -25.18 5.75
N VAL A 65 -26.51 -24.47 6.49
CA VAL A 65 -26.89 -24.10 7.80
C VAL A 65 -26.57 -22.62 7.94
N GLU A 66 -27.32 -21.88 8.71
CA GLU A 66 -26.97 -20.48 8.74
C GLU A 66 -27.25 -19.87 10.09
N GLY A 67 -26.57 -18.82 10.45
CA GLY A 67 -26.94 -18.22 11.72
C GLY A 67 -28.25 -17.49 11.47
N TYR A 68 -28.82 -16.88 12.50
CA TYR A 68 -30.03 -16.07 12.30
C TYR A 68 -30.02 -14.90 13.24
N GLU A 69 -30.51 -13.75 12.76
CA GLU A 69 -30.43 -12.44 13.43
C GLU A 69 -30.90 -12.41 14.89
N ALA A 70 -32.16 -12.69 15.19
CA ALA A 70 -32.64 -12.68 16.57
C ALA A 70 -31.75 -13.48 17.54
N ASN A 71 -31.36 -14.69 17.16
CA ASN A 71 -30.50 -15.49 18.04
C ASN A 71 -29.31 -14.68 18.53
N PRO A 72 -29.18 -14.47 19.83
CA PRO A 72 -28.07 -13.65 20.37
C PRO A 72 -26.67 -14.28 20.24
N LYS A 73 -26.59 -15.53 19.82
CA LYS A 73 -25.30 -16.17 19.65
C LYS A 73 -24.82 -16.04 18.22
N SER A 74 -25.59 -16.49 17.25
CA SER A 74 -25.10 -16.38 15.91
C SER A 74 -25.34 -14.99 15.30
N ARG A 75 -26.49 -14.38 15.56
CA ARG A 75 -26.85 -13.10 14.95
C ARG A 75 -26.63 -13.05 13.48
N GLY A 76 -26.90 -14.15 12.80
CA GLY A 76 -26.77 -14.14 11.34
C GLY A 76 -25.50 -14.78 10.82
N ARG A 77 -24.46 -14.80 11.66
CA ARG A 77 -23.15 -15.39 11.29
C ARG A 77 -22.95 -16.80 11.88
N LEU A 78 -21.86 -17.39 11.45
CA LEU A 78 -21.47 -18.76 11.83
C LEU A 78 -19.99 -18.92 11.59
N CYS A 79 -19.34 -19.65 12.50
CA CYS A 79 -17.92 -19.93 12.34
C CYS A 79 -17.77 -21.10 11.40
N PRO A 80 -16.57 -21.40 10.95
CA PRO A 80 -16.33 -22.50 10.02
C PRO A 80 -16.82 -23.87 10.54
N ARG A 81 -16.60 -24.15 11.80
CA ARG A 81 -17.04 -25.39 12.39
C ARG A 81 -18.53 -25.52 12.33
N GLY A 82 -19.24 -24.40 12.45
CA GLY A 82 -20.68 -24.44 12.40
C GLY A 82 -21.13 -24.77 10.99
N GLN A 83 -20.43 -24.16 10.06
CA GLN A 83 -20.77 -24.36 8.66
C GLN A 83 -20.50 -25.78 8.18
N GLY A 84 -19.40 -26.37 8.64
CA GLY A 84 -19.06 -27.70 8.18
C GLY A 84 -19.65 -28.80 9.06
N ALA A 85 -20.11 -28.44 10.25
CA ALA A 85 -20.62 -29.42 11.19
C ALA A 85 -21.61 -30.43 10.60
N PRO A 86 -22.40 -30.08 9.61
CA PRO A 86 -23.34 -31.07 9.18
C PRO A 86 -22.73 -32.28 8.49
N GLN A 87 -21.48 -32.26 8.01
CA GLN A 87 -21.16 -33.48 7.25
C GLN A 87 -20.98 -34.73 8.12
N THR A 88 -20.79 -34.61 9.42
CA THR A 88 -20.67 -35.85 10.18
C THR A 88 -21.91 -36.69 10.01
N THR A 89 -23.04 -36.01 9.82
CA THR A 89 -24.28 -36.69 9.62
C THR A 89 -24.21 -37.46 8.33
N TYR A 90 -23.38 -37.00 7.39
CA TYR A 90 -23.30 -37.61 6.08
C TYR A 90 -21.96 -38.14 5.79
N ASP A 91 -21.42 -38.69 6.81
CA ASP A 91 -20.11 -39.30 6.81
C ASP A 91 -20.29 -40.83 6.72
N PRO A 92 -19.79 -41.50 5.67
CA PRO A 92 -19.94 -42.98 5.45
C PRO A 92 -19.37 -43.90 6.54
N ASP A 93 -18.57 -43.32 7.46
CA ASP A 93 -17.96 -43.99 8.62
C ASP A 93 -18.69 -43.64 9.87
N ARG A 94 -19.62 -42.77 9.75
CA ARG A 94 -20.39 -42.44 10.91
C ARG A 94 -21.11 -43.68 11.35
N LEU A 95 -21.04 -43.92 12.67
CA LEU A 95 -21.65 -45.07 13.41
C LEU A 95 -23.14 -45.20 13.11
N LYS A 96 -23.63 -46.40 12.76
CA LYS A 96 -25.05 -46.52 12.39
C LYS A 96 -25.75 -47.50 13.32
N ARG A 97 -25.15 -48.68 13.57
CA ARG A 97 -25.91 -49.63 14.39
C ARG A 97 -25.41 -49.79 15.82
N PRO A 98 -26.25 -50.33 16.74
CA PRO A 98 -25.68 -50.62 18.04
C PRO A 98 -24.69 -51.73 17.82
N LEU A 99 -23.70 -51.83 18.70
CA LEU A 99 -22.72 -52.86 18.53
C LEU A 99 -22.34 -53.45 19.83
N ILE A 100 -22.14 -54.75 19.88
CA ILE A 100 -21.69 -55.29 21.13
C ILE A 100 -20.42 -56.05 20.88
N ARG A 101 -19.53 -55.93 21.85
CA ARG A 101 -18.25 -56.57 21.82
C ARG A 101 -18.31 -58.07 21.82
N VAL A 102 -17.75 -58.71 20.79
CA VAL A 102 -17.70 -60.16 20.70
C VAL A 102 -17.17 -60.74 21.99
N GLU A 103 -17.90 -61.69 22.56
CA GLU A 103 -17.46 -62.27 23.85
C GLU A 103 -16.12 -62.98 23.75
N GLY A 104 -15.24 -62.66 24.66
CA GLY A 104 -13.95 -63.29 24.66
C GLY A 104 -12.90 -62.42 23.99
N SER A 105 -13.33 -61.39 23.28
CA SER A 105 -12.35 -60.50 22.67
C SER A 105 -12.08 -59.37 23.64
N GLN A 106 -10.81 -59.03 23.73
CA GLN A 106 -10.29 -57.98 24.58
C GLN A 106 -10.82 -56.61 24.16
N ARG A 107 -10.97 -55.73 25.15
CA ARG A 107 -11.33 -54.35 24.88
C ARG A 107 -10.11 -53.73 24.23
N GLY A 108 -10.26 -53.21 23.05
CA GLY A 108 -9.10 -52.60 22.39
C GLY A 108 -9.00 -53.30 21.04
N GLU A 109 -8.87 -54.59 21.12
CA GLU A 109 -9.01 -55.46 19.99
C GLU A 109 -10.34 -54.91 19.43
N GLY A 110 -10.60 -54.87 18.12
CA GLY A 110 -11.83 -54.17 17.72
C GLY A 110 -12.98 -55.05 17.23
N LYS A 111 -13.24 -56.15 17.91
CA LYS A 111 -14.25 -57.14 17.50
C LYS A 111 -15.65 -56.86 18.05
N TYR A 112 -16.60 -56.58 17.16
CA TYR A 112 -17.98 -56.25 17.50
C TYR A 112 -18.94 -57.03 16.66
N ARG A 113 -20.15 -57.09 17.13
CA ARG A 113 -21.22 -57.71 16.36
C ARG A 113 -22.40 -56.75 16.49
N VAL A 114 -23.13 -56.62 15.40
CA VAL A 114 -24.28 -55.74 15.35
C VAL A 114 -25.32 -56.24 16.34
N ALA A 115 -26.10 -55.33 16.83
CA ALA A 115 -27.10 -55.63 17.81
C ALA A 115 -28.26 -54.74 17.57
N THR A 116 -29.26 -55.07 18.32
CA THR A 116 -30.51 -54.40 18.24
C THR A 116 -30.55 -53.34 19.31
N TRP A 117 -31.29 -52.25 19.12
CA TRP A 117 -31.35 -51.29 20.21
C TRP A 117 -31.83 -51.96 21.48
N GLU A 118 -32.78 -52.87 21.29
CA GLU A 118 -33.36 -53.59 22.38
C GLU A 118 -32.30 -54.43 23.08
N GLU A 119 -31.60 -55.23 22.28
CA GLU A 119 -30.59 -56.10 22.83
C GLU A 119 -29.42 -55.36 23.49
N ALA A 120 -28.98 -54.28 22.87
CA ALA A 120 -27.87 -53.50 23.40
C ALA A 120 -28.28 -52.82 24.69
N LEU A 121 -29.50 -52.28 24.70
CA LEU A 121 -29.99 -51.58 25.87
C LEU A 121 -30.19 -52.53 27.04
N ASP A 122 -30.59 -53.77 26.76
CA ASP A 122 -30.79 -54.76 27.81
C ASP A 122 -29.47 -55.19 28.40
N HIS A 123 -28.57 -55.44 27.51
CA HIS A 123 -27.23 -55.85 27.87
C HIS A 123 -26.59 -54.83 28.80
N ILE A 124 -26.82 -53.54 28.55
CA ILE A 124 -26.25 -52.52 29.39
C ILE A 124 -26.93 -52.53 30.78
N ALA A 125 -28.25 -52.45 30.83
CA ALA A 125 -28.94 -52.50 32.13
C ALA A 125 -28.60 -53.76 32.92
N LYS A 126 -28.60 -54.91 32.28
CA LYS A 126 -28.25 -56.16 32.97
C LYS A 126 -26.91 -56.01 33.70
N LYS A 127 -25.91 -55.56 32.95
CA LYS A 127 -24.55 -55.38 33.46
C LYS A 127 -24.45 -54.31 34.52
N MET A 128 -25.21 -53.25 34.31
CA MET A 128 -25.22 -52.13 35.23
C MET A 128 -25.78 -52.54 36.55
N LEU A 129 -26.79 -53.41 36.48
CA LEU A 129 -27.50 -53.85 37.66
C LEU A 129 -26.62 -54.76 38.52
N GLU A 130 -25.80 -55.55 37.84
CA GLU A 130 -24.88 -56.47 38.50
C GLU A 130 -23.83 -55.71 39.25
N ILE A 131 -23.35 -54.63 38.67
CA ILE A 131 -22.37 -53.79 39.31
C ILE A 131 -22.97 -53.18 40.55
N ARG A 132 -24.25 -52.88 40.44
CA ARG A 132 -24.99 -52.24 41.49
C ARG A 132 -25.40 -53.18 42.62
N GLU A 133 -25.34 -54.48 42.39
CA GLU A 133 -25.76 -55.32 43.52
C GLU A 133 -24.52 -55.69 44.36
N LYS A 134 -23.33 -55.82 43.78
CA LYS A 134 -22.23 -56.11 44.67
C LYS A 134 -21.36 -54.88 44.91
N TYR A 135 -21.57 -53.74 44.21
CA TYR A 135 -20.73 -52.55 44.51
C TYR A 135 -21.56 -51.30 44.83
N GLY A 136 -22.81 -51.21 44.39
CA GLY A 136 -23.56 -49.98 44.66
C GLY A 136 -23.63 -49.17 43.37
N PRO A 137 -24.49 -48.14 43.23
CA PRO A 137 -24.52 -47.50 41.92
C PRO A 137 -23.36 -46.55 41.64
N GLU A 138 -22.61 -46.23 42.68
CA GLU A 138 -21.48 -45.29 42.55
C GLU A 138 -20.28 -45.94 41.89
N ALA A 139 -20.42 -47.20 41.62
CA ALA A 139 -19.36 -47.91 40.95
C ALA A 139 -19.58 -47.72 39.46
N ILE A 140 -20.44 -46.79 39.07
CA ILE A 140 -20.59 -46.50 37.65
C ILE A 140 -20.27 -45.03 37.41
N ALA A 141 -19.24 -44.79 36.63
CA ALA A 141 -18.85 -43.45 36.28
C ALA A 141 -19.56 -43.13 34.98
N PHE A 142 -19.97 -41.90 34.93
CA PHE A 142 -20.69 -41.37 33.78
C PHE A 142 -19.91 -40.16 33.28
N PHE A 143 -19.20 -40.28 32.15
CA PHE A 143 -18.44 -39.17 31.59
C PHE A 143 -19.20 -38.65 30.37
N GLY A 144 -19.24 -37.39 30.12
CA GLY A 144 -19.96 -37.07 28.92
C GLY A 144 -19.77 -35.63 28.56
N HIS A 145 -20.19 -35.32 27.36
CA HIS A 145 -20.06 -33.99 26.89
C HIS A 145 -21.09 -33.68 25.82
N GLY A 146 -21.29 -32.42 25.53
CA GLY A 146 -22.22 -32.05 24.48
C GLY A 146 -23.64 -31.83 25.03
N THR A 147 -24.56 -31.34 24.21
CA THR A 147 -25.93 -31.06 24.67
C THR A 147 -26.56 -32.18 25.49
N GLY A 148 -26.56 -33.38 24.95
CA GLY A 148 -27.16 -34.50 25.62
C GLY A 148 -26.39 -34.93 26.86
N ASP A 149 -25.46 -34.12 27.37
CA ASP A 149 -24.73 -34.53 28.56
C ASP A 149 -25.63 -34.27 29.76
N TYR A 150 -26.68 -33.52 29.49
CA TYR A 150 -27.71 -33.27 30.46
C TYR A 150 -28.21 -34.65 30.82
N TRP A 151 -28.50 -35.47 29.82
CA TRP A 151 -29.09 -36.77 30.14
C TRP A 151 -28.09 -37.72 30.73
N PHE A 152 -26.96 -37.80 30.12
CA PHE A 152 -26.03 -38.72 30.59
C PHE A 152 -25.28 -38.28 31.81
N VAL A 153 -24.79 -37.05 31.82
CA VAL A 153 -23.96 -36.62 32.94
C VAL A 153 -24.65 -35.95 34.12
N ASP A 154 -25.69 -35.16 33.85
CA ASP A 154 -26.41 -34.42 34.87
C ASP A 154 -27.62 -35.22 35.41
N PHE A 155 -28.38 -35.80 34.51
CA PHE A 155 -29.61 -36.45 34.89
C PHE A 155 -29.53 -37.96 35.18
N LEU A 156 -29.35 -38.77 34.16
CA LEU A 156 -29.21 -40.18 34.41
C LEU A 156 -28.31 -40.54 35.60
N PRO A 157 -27.12 -40.00 35.74
CA PRO A 157 -26.29 -40.40 36.87
C PRO A 157 -26.89 -40.07 38.22
N ALA A 158 -27.51 -38.94 38.34
CA ALA A 158 -28.08 -38.59 39.62
C ALA A 158 -29.33 -39.43 39.86
N ALA A 159 -30.13 -39.65 38.82
CA ALA A 159 -31.32 -40.45 38.96
C ALA A 159 -30.90 -41.87 39.27
N TRP A 160 -29.70 -42.24 38.87
CA TRP A 160 -29.26 -43.58 39.16
C TRP A 160 -28.53 -43.65 40.51
N GLY A 161 -27.98 -42.53 40.97
CA GLY A 161 -27.33 -42.52 42.26
C GLY A 161 -25.82 -42.59 42.24
N SER A 162 -25.19 -42.17 41.14
CA SER A 162 -23.73 -42.19 41.09
C SER A 162 -23.27 -40.75 41.07
N PRO A 163 -22.38 -40.39 41.99
CA PRO A 163 -21.87 -39.02 42.05
C PRO A 163 -20.68 -38.89 41.11
N ASN A 164 -20.26 -40.00 40.52
CA ASN A 164 -19.11 -40.05 39.64
C ASN A 164 -19.47 -39.74 38.20
N ALA A 165 -19.97 -38.54 38.06
CA ALA A 165 -20.39 -37.98 36.78
C ALA A 165 -19.49 -36.79 36.53
N ALA A 166 -18.93 -36.74 35.34
CA ALA A 166 -18.00 -35.69 35.04
C ALA A 166 -17.92 -35.33 33.55
N LYS A 167 -17.45 -34.15 33.31
CA LYS A 167 -17.21 -33.67 31.98
C LYS A 167 -15.88 -33.02 31.98
N PRO A 168 -15.18 -33.17 30.87
CA PRO A 168 -13.83 -32.65 30.66
C PRO A 168 -13.83 -31.11 30.63
N SER A 169 -15.00 -30.50 30.43
CA SER A 169 -15.00 -29.02 30.38
C SER A 169 -14.93 -28.43 31.82
N VAL A 170 -14.62 -29.28 32.82
CA VAL A 170 -14.57 -28.90 34.25
C VAL A 170 -13.24 -29.09 34.88
N SER A 171 -12.62 -30.24 34.71
CA SER A 171 -11.29 -30.32 35.27
C SER A 171 -10.26 -30.32 34.12
N LEU A 172 -10.78 -30.29 32.90
CA LEU A 172 -9.83 -30.17 31.78
C LEU A 172 -10.08 -28.93 31.04
N CYS A 173 -10.76 -28.03 31.71
CA CYS A 173 -10.98 -26.78 31.07
C CYS A 173 -11.16 -25.64 32.00
N THR A 174 -12.36 -25.62 32.51
CA THR A 174 -12.85 -24.43 33.15
C THR A 174 -12.83 -24.36 34.66
N ALA A 175 -12.58 -25.48 35.32
CA ALA A 175 -12.60 -25.53 36.77
C ALA A 175 -11.82 -24.42 37.46
N PRO A 176 -10.59 -24.12 37.06
CA PRO A 176 -9.85 -23.11 37.78
C PRO A 176 -10.56 -21.77 37.83
N ARG A 177 -11.15 -21.38 36.74
CA ARG A 177 -11.81 -20.09 36.76
C ARG A 177 -13.18 -20.12 37.36
N GLU A 178 -13.84 -21.26 37.33
CA GLU A 178 -15.18 -21.31 37.88
C GLU A 178 -15.12 -21.23 39.39
N VAL A 179 -14.11 -21.87 39.95
CA VAL A 179 -13.85 -21.88 41.36
C VAL A 179 -13.45 -20.50 41.78
N ALA A 180 -12.44 -19.97 41.11
CA ALA A 180 -11.98 -18.61 41.37
C ALA A 180 -13.17 -17.64 41.39
N SER A 181 -14.02 -17.73 40.37
CA SER A 181 -15.20 -16.91 40.24
C SER A 181 -16.24 -17.15 41.34
N GLN A 182 -16.44 -18.40 41.72
CA GLN A 182 -17.43 -18.65 42.75
C GLN A 182 -17.01 -18.00 44.07
N TRP A 183 -15.72 -18.09 44.38
CA TRP A 183 -15.14 -17.53 45.59
C TRP A 183 -15.07 -15.99 45.55
N VAL A 184 -14.72 -15.45 44.41
CA VAL A 184 -14.57 -14.00 44.31
C VAL A 184 -15.89 -13.26 44.13
N PHE A 185 -16.75 -13.78 43.28
CA PHE A 185 -18.04 -13.18 42.97
C PHE A 185 -19.03 -14.16 43.45
N GLY A 186 -20.26 -13.91 43.44
CA GLY A 186 -20.99 -15.04 43.91
C GLY A 186 -21.41 -15.87 42.70
N ARG A 187 -20.82 -15.56 41.57
CA ARG A 187 -21.33 -16.13 40.37
C ARG A 187 -20.36 -16.89 39.47
N PRO A 188 -20.89 -17.66 38.55
CA PRO A 188 -20.07 -18.40 37.60
C PRO A 188 -19.54 -17.40 36.56
N ILE A 189 -18.73 -17.85 35.66
CA ILE A 189 -18.36 -17.00 34.59
C ILE A 189 -19.33 -17.48 33.54
N GLY A 190 -19.50 -18.78 33.44
CA GLY A 190 -20.49 -19.36 32.57
C GLY A 190 -19.99 -19.79 31.22
N GLY A 191 -20.89 -20.36 30.44
CA GLY A 191 -20.56 -20.83 29.09
C GLY A 191 -20.47 -19.73 28.05
N HIS A 192 -21.20 -18.67 28.22
CA HIS A 192 -21.20 -17.51 27.34
C HIS A 192 -20.61 -16.43 28.16
N GLU A 193 -19.28 -16.48 28.37
CA GLU A 193 -18.65 -15.52 29.27
C GLU A 193 -19.17 -14.08 29.04
N PRO A 194 -19.66 -13.52 30.15
CA PRO A 194 -20.34 -12.19 30.27
C PRO A 194 -19.53 -10.90 30.11
N ILE A 195 -18.77 -10.82 29.03
CA ILE A 195 -17.98 -9.66 28.74
C ILE A 195 -18.75 -8.74 27.85
N ASP A 196 -18.78 -7.49 28.22
CA ASP A 196 -19.44 -6.46 27.50
C ASP A 196 -18.42 -5.95 26.53
N TRP A 197 -18.16 -6.76 25.52
CA TRP A 197 -17.14 -6.40 24.58
C TRP A 197 -17.36 -5.11 23.83
N GLU A 198 -18.62 -4.83 23.54
CA GLU A 198 -18.94 -3.71 22.71
C GLU A 198 -18.67 -2.36 23.37
N ASN A 199 -18.60 -2.32 24.69
CA ASN A 199 -18.24 -1.08 25.33
C ASN A 199 -16.82 -1.12 25.87
N ALA A 200 -16.15 -2.27 25.78
CA ALA A 200 -14.79 -2.38 26.25
C ALA A 200 -13.85 -1.47 25.46
N ARG A 201 -12.84 -0.94 26.13
CA ARG A 201 -11.96 0.02 25.53
C ARG A 201 -10.53 -0.33 25.49
N TYR A 202 -10.23 -1.30 26.28
CA TYR A 202 -8.94 -1.81 26.49
C TYR A 202 -9.18 -3.22 26.98
N ILE A 203 -8.61 -4.21 26.29
CA ILE A 203 -8.83 -5.59 26.62
C ILE A 203 -7.53 -6.38 26.82
N VAL A 204 -7.40 -7.08 27.94
CA VAL A 204 -6.19 -7.85 28.13
C VAL A 204 -6.49 -9.33 28.12
N LEU A 205 -5.92 -10.00 27.12
CA LEU A 205 -6.08 -11.43 26.90
C LEU A 205 -4.87 -12.18 27.42
N ILE A 206 -5.16 -13.05 28.37
CA ILE A 206 -4.10 -13.89 28.90
C ILE A 206 -4.33 -15.29 28.35
N GLY A 207 -3.62 -15.63 27.28
CA GLY A 207 -3.65 -17.01 26.71
C GLY A 207 -4.93 -17.36 25.97
N HIS A 208 -5.76 -16.41 26.08
CA HIS A 208 -7.01 -16.40 25.45
C HIS A 208 -6.78 -16.27 23.93
N HIS A 209 -6.82 -17.34 23.15
CA HIS A 209 -6.58 -17.09 21.74
C HIS A 209 -7.91 -16.95 20.97
N ILE A 210 -8.26 -15.70 20.61
CA ILE A 210 -9.48 -15.45 19.87
C ILE A 210 -9.19 -15.32 18.40
N GLY A 211 -9.88 -16.14 17.67
CA GLY A 211 -9.63 -16.17 16.25
C GLY A 211 -9.14 -17.56 15.90
N GLU A 212 -8.50 -18.25 16.86
CA GLU A 212 -8.10 -19.66 16.72
C GLU A 212 -9.21 -20.42 17.42
N ASP A 213 -9.48 -19.95 18.62
CA ASP A 213 -10.63 -20.34 19.40
C ASP A 213 -11.68 -19.54 18.67
N THR A 214 -12.63 -20.26 18.10
CA THR A 214 -13.48 -19.59 17.16
C THR A 214 -14.97 -19.56 17.51
N HIS A 215 -15.22 -19.57 18.82
CA HIS A 215 -16.54 -19.39 19.39
C HIS A 215 -17.14 -18.22 18.71
N ASN A 216 -18.25 -18.47 18.07
CA ASN A 216 -18.91 -17.52 17.25
C ASN A 216 -19.02 -16.09 17.77
N THR A 217 -19.91 -15.90 18.73
CA THR A 217 -20.24 -14.56 19.20
C THR A 217 -19.07 -13.81 19.73
N GLN A 218 -18.15 -14.51 20.39
CA GLN A 218 -17.04 -13.78 20.91
C GLN A 218 -16.12 -13.40 19.81
N LEU A 219 -16.13 -14.08 18.69
CA LEU A 219 -15.34 -13.65 17.57
C LEU A 219 -15.96 -12.36 17.06
N GLN A 220 -17.27 -12.43 16.81
CA GLN A 220 -18.02 -11.26 16.42
C GLN A 220 -17.73 -10.12 17.33
N ASP A 221 -17.92 -10.32 18.63
CA ASP A 221 -17.73 -9.21 19.60
C ASP A 221 -16.32 -8.63 19.64
N PHE A 222 -15.37 -9.54 19.65
CA PHE A 222 -13.97 -9.16 19.63
C PHE A 222 -13.70 -8.32 18.40
N ALA A 223 -14.20 -8.78 17.27
CA ALA A 223 -14.03 -8.06 16.01
C ALA A 223 -14.71 -6.70 16.07
N LEU A 224 -15.86 -6.61 16.73
CA LEU A 224 -16.55 -5.33 16.83
C LEU A 224 -15.80 -4.40 17.75
N ALA A 225 -15.22 -4.97 18.80
CA ALA A 225 -14.41 -4.17 19.71
C ALA A 225 -13.25 -3.60 18.91
N LEU A 226 -12.52 -4.44 18.22
CA LEU A 226 -11.39 -3.93 17.44
C LEU A 226 -11.80 -2.77 16.57
N LYS A 227 -12.92 -3.00 15.91
CA LYS A 227 -13.58 -2.11 14.98
C LYS A 227 -13.89 -0.74 15.51
N ASN A 228 -14.39 -0.70 16.75
CA ASN A 228 -14.69 0.58 17.40
C ASN A 228 -13.49 1.16 18.12
N GLY A 229 -12.30 0.66 17.87
CA GLY A 229 -11.16 1.30 18.50
C GLY A 229 -10.87 0.72 19.89
N ALA A 230 -11.00 -0.60 19.99
CA ALA A 230 -10.69 -1.36 21.18
C ALA A 230 -9.27 -1.86 21.00
N LYS A 231 -8.41 -1.37 21.86
CA LYS A 231 -7.05 -1.82 21.82
C LYS A 231 -6.89 -2.94 22.85
N VAL A 232 -6.32 -3.99 22.27
CA VAL A 232 -6.15 -5.34 22.83
C VAL A 232 -4.72 -5.77 23.17
N VAL A 233 -4.48 -6.15 24.42
CA VAL A 233 -3.16 -6.62 24.82
C VAL A 233 -3.15 -8.12 24.94
N VAL A 234 -2.22 -8.82 24.29
CA VAL A 234 -2.22 -10.28 24.43
C VAL A 234 -0.97 -10.72 25.15
N VAL A 235 -1.16 -11.56 26.12
CA VAL A 235 -0.11 -12.15 26.93
C VAL A 235 -0.14 -13.61 26.55
N ASP A 236 0.98 -14.08 26.02
CA ASP A 236 0.99 -15.44 25.52
C ASP A 236 2.42 -15.76 25.11
N PRO A 237 2.96 -16.95 25.35
CA PRO A 237 4.32 -17.18 24.92
C PRO A 237 4.32 -17.38 23.41
N ARG A 238 3.14 -17.36 22.79
CA ARG A 238 2.98 -17.58 21.37
C ARG A 238 2.29 -16.42 20.69
N PHE A 239 2.82 -15.99 19.55
CA PHE A 239 2.18 -14.87 18.80
C PHE A 239 1.04 -15.41 17.98
N SER A 240 -0.08 -15.53 18.68
CA SER A 240 -1.31 -16.07 18.12
C SER A 240 -2.08 -15.14 17.18
N THR A 241 -3.29 -15.58 16.81
CA THR A 241 -4.12 -14.77 15.92
C THR A 241 -4.54 -13.52 16.63
N ALA A 242 -4.97 -13.68 17.87
CA ALA A 242 -5.42 -12.55 18.66
C ALA A 242 -4.26 -11.61 18.89
N ALA A 243 -3.06 -12.14 19.04
CA ALA A 243 -1.89 -11.30 19.17
C ALA A 243 -1.71 -10.53 17.86
N ALA A 244 -2.11 -11.14 16.75
CA ALA A 244 -1.92 -10.50 15.45
C ALA A 244 -2.78 -9.27 15.27
N LYS A 245 -3.71 -9.09 16.21
CA LYS A 245 -4.66 -7.99 16.24
C LYS A 245 -4.43 -7.06 17.42
N ALA A 246 -3.35 -7.30 18.16
CA ALA A 246 -3.09 -6.60 19.39
C ALA A 246 -2.17 -5.41 19.28
N HIS A 247 -2.43 -4.46 20.15
CA HIS A 247 -1.62 -3.28 20.26
C HIS A 247 -0.36 -3.70 20.97
N ARG A 248 -0.47 -4.56 21.97
CA ARG A 248 0.75 -5.06 22.62
C ARG A 248 0.78 -6.58 22.70
N TRP A 249 1.93 -7.18 22.41
CA TRP A 249 2.04 -8.62 22.63
C TRP A 249 3.05 -8.79 23.77
N LEU A 250 2.67 -9.39 24.89
CA LEU A 250 3.68 -9.64 25.91
C LEU A 250 4.08 -11.15 25.82
N PRO A 251 5.25 -11.46 25.24
CA PRO A 251 5.64 -12.89 25.12
C PRO A 251 6.17 -13.48 26.40
N ILE A 252 5.23 -13.69 27.31
CA ILE A 252 5.48 -14.19 28.64
C ILE A 252 6.16 -15.57 28.74
N LYS A 253 7.03 -15.66 29.72
CA LYS A 253 7.66 -16.93 29.92
C LYS A 253 6.55 -17.85 30.41
N PRO A 254 6.38 -19.04 29.88
CA PRO A 254 5.29 -19.87 30.28
C PRO A 254 5.23 -20.25 31.72
N GLY A 255 4.00 -20.25 32.22
CA GLY A 255 3.63 -20.65 33.58
C GLY A 255 3.97 -19.58 34.60
N THR A 256 3.98 -18.39 34.08
CA THR A 256 4.46 -17.27 34.84
C THR A 256 3.48 -16.11 34.98
N ASP A 257 2.26 -16.33 34.53
CA ASP A 257 1.21 -15.29 34.49
C ASP A 257 0.75 -14.77 35.81
N THR A 258 0.87 -15.58 36.83
CA THR A 258 0.41 -15.08 38.09
C THR A 258 1.36 -14.01 38.58
N ALA A 259 2.64 -14.07 38.21
CA ALA A 259 3.58 -13.06 38.67
C ALA A 259 3.30 -11.72 38.01
N LEU A 260 2.85 -11.77 36.79
CA LEU A 260 2.49 -10.60 36.00
C LEU A 260 1.15 -10.08 36.53
N LEU A 261 0.24 -10.98 36.86
CA LEU A 261 -1.01 -10.51 37.41
C LEU A 261 -0.78 -9.89 38.80
N LEU A 262 0.00 -10.53 39.68
CA LEU A 262 0.29 -9.96 41.00
C LEU A 262 0.95 -8.59 40.92
N ALA A 263 1.86 -8.43 39.97
CA ALA A 263 2.57 -7.17 39.80
C ALA A 263 1.67 -6.10 39.20
N TRP A 264 0.60 -6.48 38.53
CA TRP A 264 -0.32 -5.48 38.01
C TRP A 264 -1.23 -5.12 39.17
N ILE A 265 -1.56 -6.11 40.00
CA ILE A 265 -2.37 -5.85 41.18
C ILE A 265 -1.62 -4.86 42.01
N HIS A 266 -0.34 -5.13 42.21
CA HIS A 266 0.52 -4.23 42.92
C HIS A 266 0.52 -2.83 42.31
N VAL A 267 0.62 -2.70 40.99
CA VAL A 267 0.65 -1.37 40.42
C VAL A 267 -0.65 -0.60 40.59
N LEU A 268 -1.80 -1.25 40.46
CA LEU A 268 -3.06 -0.55 40.62
C LEU A 268 -3.33 -0.21 42.09
N ILE A 269 -2.81 -1.01 43.01
CA ILE A 269 -3.01 -0.73 44.42
C ILE A 269 -2.00 0.30 44.87
N TYR A 270 -0.71 0.05 44.60
CA TYR A 270 0.33 0.93 45.09
C TYR A 270 0.54 2.21 44.34
N GLU A 271 0.08 2.30 43.13
CA GLU A 271 0.23 3.58 42.43
C GLU A 271 -1.07 4.27 42.55
N ASP A 272 -1.95 3.63 43.28
CA ASP A 272 -3.23 4.22 43.57
C ASP A 272 -4.08 4.51 42.35
N LEU A 273 -4.19 3.53 41.47
CA LEU A 273 -4.94 3.70 40.24
C LEU A 273 -6.28 3.04 40.28
N TYR A 274 -6.51 2.27 41.32
CA TYR A 274 -7.73 1.50 41.31
C TYR A 274 -8.98 2.29 41.60
N ASP A 275 -10.09 1.65 41.30
CA ASP A 275 -11.37 2.26 41.53
C ASP A 275 -11.75 2.16 42.97
N LYS A 276 -11.51 3.28 43.64
CA LYS A 276 -11.69 3.36 45.06
C LYS A 276 -13.10 3.10 45.52
N GLU A 277 -14.05 3.76 44.90
CA GLU A 277 -15.42 3.57 45.29
C GLU A 277 -15.87 2.17 45.13
N TYR A 278 -15.59 1.64 43.94
CA TYR A 278 -15.99 0.30 43.65
C TYR A 278 -15.53 -0.65 44.73
N VAL A 279 -14.27 -0.57 45.13
CA VAL A 279 -13.81 -1.46 46.19
C VAL A 279 -14.55 -1.16 47.49
N ALA A 280 -14.69 0.12 47.81
CA ALA A 280 -15.43 0.54 48.98
C ALA A 280 -16.83 -0.04 48.95
N LYS A 281 -17.59 0.12 47.88
CA LYS A 281 -18.99 -0.38 48.05
C LYS A 281 -19.26 -1.84 47.68
N TYR A 282 -18.36 -2.55 47.03
CA TYR A 282 -18.68 -3.96 46.61
C TYR A 282 -17.60 -5.00 46.86
N THR A 283 -16.68 -4.62 47.71
CA THR A 283 -15.53 -5.44 47.91
C THR A 283 -15.26 -5.76 49.38
N VAL A 284 -15.09 -7.06 49.73
CA VAL A 284 -14.68 -7.38 51.10
C VAL A 284 -13.20 -7.75 51.07
N GLY A 285 -12.53 -7.56 52.20
CA GLY A 285 -11.12 -7.86 52.35
C GLY A 285 -10.17 -7.38 51.25
N PHE A 286 -10.19 -6.06 50.96
CA PHE A 286 -9.28 -5.48 49.94
C PHE A 286 -7.91 -5.24 50.55
N GLU A 287 -7.89 -5.14 51.87
CA GLU A 287 -6.69 -4.84 52.66
C GLU A 287 -5.66 -5.95 52.73
N GLU A 288 -6.18 -7.16 52.83
CA GLU A 288 -5.32 -8.35 52.86
C GLU A 288 -4.51 -8.40 51.57
N LEU A 289 -5.14 -8.00 50.46
CA LEU A 289 -4.55 -8.00 49.11
C LEU A 289 -3.44 -7.00 48.94
N LYS A 290 -3.63 -5.80 49.49
CA LYS A 290 -2.61 -4.79 49.36
C LYS A 290 -1.32 -5.19 50.05
N ALA A 291 -1.45 -5.72 51.27
CA ALA A 291 -0.30 -6.16 52.05
C ALA A 291 0.39 -7.41 51.47
N HIS A 292 -0.42 -8.33 50.95
CA HIS A 292 0.06 -9.55 50.31
C HIS A 292 0.99 -9.20 49.17
N VAL A 293 0.51 -8.25 48.40
CA VAL A 293 1.13 -7.84 47.16
C VAL A 293 2.23 -6.81 47.28
N LYS A 294 2.70 -6.59 48.49
CA LYS A 294 3.69 -5.57 48.81
C LYS A 294 4.99 -5.64 48.00
N ASP A 295 5.59 -6.82 47.99
CA ASP A 295 6.86 -7.04 47.34
C ASP A 295 6.76 -7.50 45.90
N PHE A 296 5.56 -7.85 45.44
CA PHE A 296 5.42 -8.27 44.05
C PHE A 296 5.39 -7.07 43.14
N THR A 297 6.58 -6.59 42.85
CA THR A 297 6.73 -5.43 42.06
C THR A 297 7.01 -5.73 40.58
N PRO A 298 6.80 -4.74 39.71
CA PRO A 298 7.14 -4.98 38.32
C PRO A 298 8.58 -5.46 38.17
N GLU A 299 9.47 -5.15 39.11
CA GLU A 299 10.84 -5.65 38.98
C GLU A 299 10.95 -7.09 39.45
N TRP A 300 10.18 -7.45 40.48
CA TRP A 300 10.13 -8.81 40.90
C TRP A 300 9.54 -9.68 39.77
N ALA A 301 8.49 -9.15 39.12
CA ALA A 301 7.76 -9.81 38.04
C ALA A 301 8.60 -10.03 36.80
N GLU A 302 9.25 -8.98 36.36
CA GLU A 302 10.08 -9.04 35.18
C GLU A 302 11.16 -10.13 35.18
N LYS A 303 11.50 -10.54 36.38
CA LYS A 303 12.55 -11.46 36.66
C LYS A 303 12.11 -12.87 36.36
N HIS A 304 10.85 -13.14 36.65
CA HIS A 304 10.28 -14.44 36.38
C HIS A 304 9.50 -14.47 35.08
N THR A 305 8.84 -13.37 34.79
CA THR A 305 7.91 -13.19 33.70
C THR A 305 8.63 -12.98 32.37
N GLU A 306 9.69 -12.22 32.51
CA GLU A 306 10.55 -11.94 31.43
C GLU A 306 10.04 -10.85 30.57
N ILE A 307 9.00 -10.20 31.04
CA ILE A 307 8.41 -9.05 30.39
C ILE A 307 9.07 -7.90 31.12
N PRO A 308 9.59 -6.91 30.38
CA PRO A 308 10.26 -5.79 31.06
C PRO A 308 9.37 -5.10 32.09
N ALA A 309 9.98 -4.57 33.15
CA ALA A 309 9.20 -3.93 34.19
C ALA A 309 8.41 -2.70 33.73
N GLN A 310 8.90 -1.97 32.73
CA GLN A 310 8.21 -0.76 32.22
C GLN A 310 6.90 -1.19 31.56
N VAL A 311 7.01 -2.19 30.71
CA VAL A 311 5.87 -2.76 30.06
C VAL A 311 4.88 -3.19 31.14
N ILE A 312 5.31 -3.90 32.18
CA ILE A 312 4.34 -4.32 33.21
C ILE A 312 3.57 -3.15 33.82
N ARG A 313 4.30 -2.09 34.09
CA ARG A 313 3.76 -0.85 34.60
C ARG A 313 2.81 -0.14 33.64
N GLU A 314 3.28 0.09 32.43
CA GLU A 314 2.50 0.73 31.40
C GLU A 314 1.20 0.02 31.15
N VAL A 315 1.25 -1.30 31.05
CA VAL A 315 0.00 -2.01 30.84
C VAL A 315 -0.97 -1.76 31.98
N ALA A 316 -0.54 -1.78 33.24
CA ALA A 316 -1.51 -1.54 34.31
C ALA A 316 -2.04 -0.11 34.30
N ARG A 317 -1.19 0.84 33.92
CA ARG A 317 -1.61 2.24 33.90
C ARG A 317 -2.64 2.49 32.85
N GLU A 318 -2.36 1.98 31.66
CA GLU A 318 -3.24 2.10 30.53
C GLU A 318 -4.57 1.49 30.82
N MET A 319 -4.57 0.40 31.58
CA MET A 319 -5.84 -0.21 31.82
C MET A 319 -6.57 0.61 32.86
N ALA A 320 -5.87 1.09 33.88
CA ALA A 320 -6.45 1.99 34.87
C ALA A 320 -7.03 3.22 34.11
N ALA A 321 -6.27 3.83 33.20
CA ALA A 321 -6.79 4.98 32.42
C ALA A 321 -8.13 4.72 31.71
N HIS A 322 -8.56 3.48 31.58
CA HIS A 322 -9.77 3.25 30.82
C HIS A 322 -10.95 2.79 31.57
N LYS A 323 -10.70 2.39 32.81
CA LYS A 323 -11.74 1.89 33.67
C LYS A 323 -12.96 2.77 33.60
N PRO A 324 -14.13 2.17 33.82
CA PRO A 324 -14.35 0.75 34.06
C PRO A 324 -14.33 -0.09 32.79
N ARG A 325 -13.99 0.55 31.68
CA ARG A 325 -14.01 -0.07 30.35
C ARG A 325 -12.71 -0.71 29.86
N ALA A 326 -12.03 -1.34 30.81
CA ALA A 326 -10.81 -2.07 30.62
C ALA A 326 -11.13 -3.40 31.26
N VAL A 327 -10.95 -4.47 30.49
CA VAL A 327 -11.22 -5.85 30.95
C VAL A 327 -10.14 -6.85 30.69
N LEU A 328 -9.91 -7.73 31.65
CA LEU A 328 -9.05 -8.87 31.36
C LEU A 328 -10.07 -10.00 31.25
N PRO A 329 -10.66 -10.23 30.09
CA PRO A 329 -11.60 -11.34 30.16
C PRO A 329 -10.91 -12.63 30.53
N PRO A 330 -11.54 -13.44 31.38
CA PRO A 330 -10.91 -14.71 31.77
C PRO A 330 -10.99 -15.71 30.62
N THR A 331 -9.88 -16.36 30.32
CA THR A 331 -9.85 -17.34 29.26
C THR A 331 -10.70 -18.56 29.60
N ARG A 332 -10.96 -19.40 28.65
CA ARG A 332 -11.77 -20.53 29.00
C ARG A 332 -10.91 -21.72 29.44
N HIS A 333 -9.91 -22.06 28.64
CA HIS A 333 -9.05 -23.14 29.05
C HIS A 333 -7.95 -22.60 29.93
N ASN A 334 -8.11 -23.01 31.17
CA ASN A 334 -7.30 -22.67 32.34
C ASN A 334 -6.54 -23.78 33.14
N VAL A 335 -6.28 -24.93 32.59
CA VAL A 335 -5.69 -25.99 33.44
C VAL A 335 -4.14 -25.89 33.44
N TRP A 336 -3.62 -25.14 32.43
CA TRP A 336 -2.20 -24.84 32.15
C TRP A 336 -1.14 -25.31 33.05
N TYR A 337 -1.34 -25.11 34.32
CA TYR A 337 -0.35 -25.55 35.29
C TYR A 337 -1.16 -25.96 36.55
N GLY A 338 -0.51 -26.60 37.55
CA GLY A 338 -1.18 -27.06 38.79
C GLY A 338 -1.77 -25.93 39.63
N ASP A 339 -1.19 -24.77 39.57
CA ASP A 339 -1.67 -23.69 40.40
C ASP A 339 -2.89 -22.90 39.88
N ASP A 340 -3.28 -23.03 38.67
CA ASP A 340 -4.40 -22.29 37.99
C ASP A 340 -5.50 -21.45 38.70
N THR A 341 -6.06 -21.88 39.82
CA THR A 341 -7.09 -21.08 40.43
C THR A 341 -6.51 -19.80 40.95
N TYR A 342 -5.25 -19.83 41.35
CA TYR A 342 -4.58 -18.62 41.78
C TYR A 342 -4.47 -17.64 40.62
N ARG A 343 -4.00 -18.09 39.46
CA ARG A 343 -3.90 -17.14 38.36
C ARG A 343 -5.26 -16.52 38.08
N VAL A 344 -6.31 -17.31 37.97
CA VAL A 344 -7.60 -16.69 37.69
C VAL A 344 -8.03 -15.72 38.80
N MET A 345 -7.86 -16.10 40.06
CA MET A 345 -8.26 -15.23 41.16
C MET A 345 -7.63 -13.86 40.98
N ALA A 346 -6.33 -13.86 40.68
CA ALA A 346 -5.54 -12.66 40.48
C ALA A 346 -6.04 -11.80 39.32
N LEU A 347 -6.47 -12.46 38.25
CA LEU A 347 -7.00 -11.80 37.06
C LEU A 347 -8.32 -11.15 37.41
N LEU A 348 -9.07 -11.82 38.27
CA LEU A 348 -10.35 -11.32 38.71
C LEU A 348 -10.16 -10.14 39.64
N TYR A 349 -9.13 -10.16 40.48
CA TYR A 349 -8.85 -9.04 41.39
C TYR A 349 -8.59 -7.80 40.57
N VAL A 350 -7.76 -7.95 39.55
CA VAL A 350 -7.46 -6.85 38.64
C VAL A 350 -8.76 -6.30 38.03
N ASN A 351 -9.70 -7.16 37.67
CA ASN A 351 -10.95 -6.66 37.10
C ASN A 351 -11.75 -5.91 38.14
N VAL A 352 -11.72 -6.43 39.36
CA VAL A 352 -12.41 -5.81 40.47
C VAL A 352 -11.82 -4.44 40.74
N LEU A 353 -10.49 -4.39 40.85
CA LEU A 353 -9.74 -3.18 41.10
C LEU A 353 -9.96 -2.12 40.03
N LEU A 354 -10.43 -2.57 38.87
CA LEU A 354 -10.69 -1.65 37.78
C LEU A 354 -12.14 -1.18 37.82
N GLY A 355 -12.95 -1.85 38.64
CA GLY A 355 -14.35 -1.51 38.80
C GLY A 355 -15.22 -1.93 37.65
N ASN A 356 -14.82 -2.96 36.93
CA ASN A 356 -15.57 -3.32 35.76
C ASN A 356 -16.66 -4.32 35.86
N TYR A 357 -16.76 -5.03 36.96
CA TYR A 357 -17.75 -6.06 37.03
C TYR A 357 -19.15 -5.54 37.18
N GLY A 358 -19.99 -5.80 36.19
CA GLY A 358 -21.36 -5.33 36.26
C GLY A 358 -21.48 -3.92 35.71
N ARG A 359 -20.43 -3.39 35.10
CA ARG A 359 -20.51 -2.06 34.50
C ARG A 359 -20.30 -2.19 33.02
N PRO A 360 -20.88 -1.23 32.35
CA PRO A 360 -20.59 -1.34 30.98
C PRO A 360 -19.16 -0.99 30.79
N GLY A 361 -18.55 -2.01 30.21
CA GLY A 361 -17.18 -2.02 29.89
C GLY A 361 -16.72 -3.48 29.80
N GLY A 362 -16.99 -4.30 30.76
CA GLY A 362 -16.53 -5.63 30.52
C GLY A 362 -17.33 -6.81 31.15
N PHE A 363 -18.22 -6.56 32.07
CA PHE A 363 -18.93 -7.67 32.74
C PHE A 363 -20.39 -7.27 32.96
N TYR A 364 -21.30 -7.66 32.09
CA TYR A 364 -22.68 -7.08 32.26
C TYR A 364 -23.67 -7.53 33.41
N ILE A 365 -23.52 -8.77 34.00
CA ILE A 365 -24.31 -9.67 35.00
C ILE A 365 -25.18 -10.51 34.10
N ALA A 366 -24.93 -11.81 34.17
CA ALA A 366 -25.63 -12.76 33.33
C ALA A 366 -26.68 -13.50 34.07
N GLN A 367 -27.93 -13.31 33.68
CA GLN A 367 -28.94 -14.03 34.39
C GLN A 367 -29.48 -15.11 33.53
N SER A 368 -29.76 -16.21 34.18
CA SER A 368 -30.24 -17.38 33.54
C SER A 368 -31.71 -17.24 33.15
N PRO A 369 -32.11 -17.78 32.00
CA PRO A 369 -33.53 -17.59 31.68
C PRO A 369 -34.49 -18.40 32.50
N TYR A 370 -35.75 -18.00 32.45
CA TYR A 370 -36.76 -18.75 33.16
C TYR A 370 -37.47 -19.71 32.22
N LEU A 371 -37.27 -20.99 32.46
CA LEU A 371 -37.95 -22.03 31.70
C LEU A 371 -38.01 -23.03 32.79
N GLU A 372 -39.21 -23.37 33.11
CA GLU A 372 -39.42 -24.19 34.22
C GLU A 372 -39.14 -25.64 33.93
N LYS A 373 -38.46 -26.29 34.87
CA LYS A 373 -38.11 -27.69 34.68
C LYS A 373 -39.33 -28.54 34.51
N TYR A 374 -39.14 -29.70 33.94
CA TYR A 374 -40.24 -30.59 33.74
C TYR A 374 -40.40 -31.18 35.12
N PRO A 375 -41.64 -31.20 35.66
CA PRO A 375 -41.97 -31.70 37.00
C PRO A 375 -41.65 -33.11 37.32
N LEU A 376 -40.80 -33.29 38.31
CA LEU A 376 -40.38 -34.59 38.66
C LEU A 376 -39.98 -34.73 40.11
N PRO A 377 -39.87 -35.97 40.56
CA PRO A 377 -39.47 -36.21 41.94
C PRO A 377 -38.01 -35.77 42.02
N PRO A 378 -37.58 -35.34 43.21
CA PRO A 378 -36.18 -34.94 43.32
C PRO A 378 -35.29 -36.08 42.91
N LEU A 379 -34.08 -35.76 42.48
CA LEU A 379 -33.19 -36.81 42.08
C LEU A 379 -32.45 -37.46 43.26
N PRO A 380 -32.19 -38.78 43.23
CA PRO A 380 -31.44 -39.26 44.39
C PRO A 380 -30.29 -38.29 44.76
N LEU A 381 -29.40 -37.95 43.84
CA LEU A 381 -28.36 -37.01 44.22
C LEU A 381 -28.62 -35.72 43.50
N GLU A 382 -28.54 -34.63 44.24
CA GLU A 382 -28.78 -33.31 43.73
C GLU A 382 -27.44 -32.63 43.77
N PRO A 383 -27.26 -31.59 42.95
CA PRO A 383 -25.94 -30.97 42.96
C PRO A 383 -25.66 -29.92 44.02
N ALA A 384 -24.38 -29.62 44.19
CA ALA A 384 -23.98 -28.56 45.12
C ALA A 384 -23.12 -27.54 44.37
N ALA A 385 -23.79 -26.50 43.88
CA ALA A 385 -23.14 -25.41 43.14
C ALA A 385 -22.33 -24.57 44.13
N GLY A 386 -21.44 -25.25 44.84
CA GLY A 386 -20.64 -24.64 45.88
C GLY A 386 -19.84 -23.40 45.64
N GLY A 387 -19.43 -22.80 46.74
CA GLY A 387 -18.64 -21.61 46.65
C GLY A 387 -18.20 -21.16 48.06
N CYS A 388 -19.03 -21.37 49.09
CA CYS A 388 -18.73 -20.95 50.43
C CYS A 388 -19.24 -21.97 51.48
N SER A 389 -19.00 -21.62 52.74
CA SER A 389 -19.49 -22.29 53.93
C SER A 389 -19.73 -23.80 53.88
N GLY A 390 -18.75 -24.51 53.32
CA GLY A 390 -18.73 -25.98 53.33
C GLY A 390 -19.33 -26.70 52.14
N PRO A 391 -18.85 -26.42 50.92
CA PRO A 391 -19.36 -27.09 49.72
C PRO A 391 -18.48 -28.23 49.22
N SER A 392 -17.73 -28.81 50.16
CA SER A 392 -16.82 -29.89 49.85
C SER A 392 -17.50 -31.23 49.98
N GLY A 393 -17.32 -31.88 51.12
CA GLY A 393 -17.86 -33.24 51.30
C GLY A 393 -18.87 -33.44 52.43
N GLY A 394 -19.48 -32.36 52.87
CA GLY A 394 -20.46 -32.47 53.95
C GLY A 394 -21.57 -33.49 53.67
N ASP A 395 -22.10 -33.51 52.46
CA ASP A 395 -23.21 -34.38 52.07
C ASP A 395 -22.75 -35.81 51.66
N HIS A 396 -21.41 -35.89 51.55
CA HIS A 396 -20.63 -37.03 51.09
C HIS A 396 -20.13 -37.98 52.22
N GLU A 397 -20.02 -37.42 53.38
CA GLU A 397 -19.53 -38.02 54.62
C GLU A 397 -20.57 -38.88 55.35
N PRO A 398 -21.64 -38.29 55.91
CA PRO A 398 -22.72 -39.13 56.56
C PRO A 398 -23.93 -39.25 55.62
N GLU A 399 -24.20 -38.10 54.96
CA GLU A 399 -25.27 -37.90 53.98
C GLU A 399 -25.46 -39.12 53.06
N GLY A 400 -26.34 -40.05 53.33
CA GLY A 400 -26.52 -41.18 52.45
C GLY A 400 -25.23 -41.97 52.26
N PHE A 401 -25.16 -42.60 51.09
CA PHE A 401 -24.03 -43.40 50.76
C PHE A 401 -22.53 -43.68 50.56
N LYS A 402 -22.04 -43.04 49.48
CA LYS A 402 -20.70 -42.98 48.84
C LYS A 402 -20.60 -41.70 48.02
N PRO A 403 -19.49 -41.01 48.40
CA PRO A 403 -19.07 -39.74 47.81
C PRO A 403 -18.29 -39.93 46.54
N ARG A 404 -18.41 -38.92 45.68
CA ARG A 404 -17.64 -38.92 44.42
C ARG A 404 -16.27 -39.35 44.81
N ALA A 405 -15.71 -40.27 44.02
CA ALA A 405 -14.44 -40.90 44.30
C ALA A 405 -13.17 -40.04 44.25
N ASP A 406 -13.32 -38.75 43.99
CA ASP A 406 -12.15 -37.88 43.96
C ASP A 406 -12.25 -36.85 45.06
N LYS A 407 -13.12 -37.16 46.00
CA LYS A 407 -13.48 -36.31 47.11
C LYS A 407 -12.35 -35.78 47.97
N GLY A 408 -11.27 -36.46 48.14
CA GLY A 408 -10.32 -35.80 49.02
C GLY A 408 -9.14 -35.22 48.24
N LYS A 409 -9.19 -35.28 46.94
CA LYS A 409 -7.97 -34.93 46.23
C LYS A 409 -7.58 -33.49 46.05
N PHE A 410 -8.55 -32.61 46.07
CA PHE A 410 -8.34 -31.18 45.94
C PHE A 410 -9.42 -30.51 46.76
N PHE A 411 -9.32 -29.19 46.92
CA PHE A 411 -10.24 -28.47 47.82
C PHE A 411 -11.67 -28.29 47.31
N ALA A 412 -11.79 -27.78 46.09
CA ALA A 412 -13.08 -27.54 45.46
C ALA A 412 -13.89 -28.80 45.34
N ARG A 413 -15.17 -28.57 45.07
CA ARG A 413 -16.21 -29.59 45.04
C ARG A 413 -16.63 -30.14 43.70
N SER A 414 -16.07 -29.62 42.63
CA SER A 414 -16.45 -30.09 41.30
C SER A 414 -15.92 -31.48 41.09
N THR A 415 -16.60 -32.22 40.26
CA THR A 415 -16.15 -33.56 39.96
C THR A 415 -15.01 -33.44 38.93
N ALA A 416 -13.89 -34.13 39.14
CA ALA A 416 -12.74 -34.03 38.19
C ALA A 416 -12.57 -35.33 37.42
N ILE A 417 -12.92 -35.31 36.14
CA ILE A 417 -12.94 -36.51 35.27
C ILE A 417 -11.68 -37.36 35.33
N GLN A 418 -10.60 -36.67 35.43
CA GLN A 418 -9.31 -37.25 35.40
C GLN A 418 -8.92 -37.94 36.73
N GLU A 419 -9.61 -37.62 37.81
CA GLU A 419 -9.25 -38.24 39.09
C GLU A 419 -10.02 -39.51 39.39
N LEU A 420 -11.21 -39.62 38.80
CA LEU A 420 -12.04 -40.81 39.00
C LEU A 420 -11.64 -41.98 38.15
N ILE A 421 -10.48 -41.87 37.53
CA ILE A 421 -9.99 -42.93 36.64
C ILE A 421 -9.07 -43.86 37.33
N GLU A 422 -8.54 -43.36 38.42
CA GLU A 422 -7.63 -44.14 39.23
C GLU A 422 -8.38 -45.21 39.97
N PRO A 423 -9.52 -44.81 40.52
CA PRO A 423 -10.40 -45.72 41.26
C PRO A 423 -10.72 -46.99 40.46
N MET A 424 -10.65 -46.91 39.14
CA MET A 424 -10.95 -48.03 38.24
C MET A 424 -9.78 -48.99 38.04
N ILE A 425 -8.59 -48.53 38.41
CA ILE A 425 -7.40 -49.34 38.25
C ILE A 425 -7.01 -50.01 39.55
N THR A 426 -6.89 -49.23 40.64
CA THR A 426 -6.53 -49.75 41.96
C THR A 426 -7.69 -50.13 42.83
N GLY A 427 -8.88 -49.66 42.53
CA GLY A 427 -9.98 -49.93 43.41
C GLY A 427 -9.76 -49.03 44.64
N GLU A 428 -8.81 -48.10 44.56
CA GLU A 428 -8.73 -47.29 45.75
C GLU A 428 -10.12 -46.69 46.06
N PRO A 429 -10.31 -45.49 46.69
CA PRO A 429 -11.72 -45.14 47.12
C PRO A 429 -12.79 -46.06 46.54
N TYR A 430 -12.93 -47.24 47.10
CA TYR A 430 -13.89 -48.20 46.61
C TYR A 430 -13.54 -48.72 45.22
N PRO A 431 -14.57 -49.12 44.39
CA PRO A 431 -14.28 -49.53 42.98
C PRO A 431 -15.21 -48.92 41.97
N ILE A 432 -14.67 -48.55 40.86
CA ILE A 432 -15.54 -48.13 39.85
C ILE A 432 -15.31 -49.17 38.78
N LYS A 433 -16.31 -50.02 38.61
CA LYS A 433 -16.37 -50.96 37.56
C LYS A 433 -17.30 -50.22 36.61
N GLY A 434 -17.52 -50.56 35.36
CA GLY A 434 -18.51 -49.78 34.60
C GLY A 434 -18.25 -48.27 34.43
N LEU A 435 -18.34 -47.87 33.14
CA LEU A 435 -18.18 -46.50 32.70
C LEU A 435 -18.93 -46.23 31.43
N PHE A 436 -19.60 -45.08 31.43
CA PHE A 436 -20.30 -44.54 30.27
C PHE A 436 -19.48 -43.37 29.77
N ALA A 437 -19.41 -43.27 28.44
CA ALA A 437 -18.73 -42.20 27.75
C ALA A 437 -19.74 -41.66 26.76
N TYR A 438 -20.42 -40.60 27.13
CA TYR A 438 -21.36 -40.02 26.27
C TYR A 438 -20.66 -38.90 25.54
N GLY A 439 -20.35 -39.09 24.25
CA GLY A 439 -19.71 -38.06 23.44
C GLY A 439 -18.55 -37.37 24.15
N ILE A 440 -17.60 -38.13 24.65
CA ILE A 440 -16.50 -37.53 25.35
C ILE A 440 -15.29 -38.35 24.90
N ASN A 441 -14.25 -37.66 24.48
CA ASN A 441 -13.10 -38.35 23.94
C ASN A 441 -12.15 -38.87 25.00
N LEU A 442 -12.37 -40.10 25.45
CA LEU A 442 -11.53 -40.63 26.51
C LEU A 442 -10.02 -40.56 26.22
N PHE A 443 -9.63 -40.84 24.99
CA PHE A 443 -8.21 -40.83 24.68
C PHE A 443 -7.65 -39.50 24.21
N HIS A 444 -8.48 -38.47 24.03
CA HIS A 444 -7.91 -37.20 23.63
C HIS A 444 -8.18 -36.10 24.62
N SER A 445 -9.19 -36.28 25.45
CA SER A 445 -9.55 -35.21 26.37
C SER A 445 -9.14 -35.41 27.81
N ILE A 446 -8.62 -36.59 28.14
CA ILE A 446 -8.17 -36.92 29.46
C ILE A 446 -6.71 -37.27 29.37
N PRO A 447 -5.84 -36.65 30.17
CA PRO A 447 -4.44 -37.02 30.01
C PRO A 447 -4.10 -38.39 30.52
N ASN A 448 -2.89 -38.81 30.12
CA ASN A 448 -2.37 -40.10 30.53
C ASN A 448 -3.19 -41.22 29.93
N VAL A 449 -3.21 -41.24 28.62
CA VAL A 449 -3.98 -42.25 27.92
C VAL A 449 -3.63 -43.69 28.37
N PRO A 450 -2.37 -44.01 28.70
CA PRO A 450 -2.10 -45.39 29.07
C PRO A 450 -2.84 -45.75 30.34
N ARG A 451 -2.89 -44.82 31.28
CA ARG A 451 -3.65 -45.04 32.48
C ARG A 451 -5.14 -45.20 32.18
N THR A 452 -5.72 -44.42 31.27
CA THR A 452 -7.14 -44.59 30.95
C THR A 452 -7.40 -45.98 30.32
N LYS A 453 -6.43 -46.51 29.58
CA LYS A 453 -6.60 -47.81 28.93
C LYS A 453 -6.47 -48.98 29.91
N GLU A 454 -5.66 -48.79 30.91
CA GLU A 454 -5.54 -49.72 31.99
C GLU A 454 -6.90 -49.77 32.65
N ALA A 455 -7.43 -48.59 32.92
CA ALA A 455 -8.70 -48.46 33.59
C ALA A 455 -9.84 -49.05 32.74
N LEU A 456 -9.82 -48.95 31.41
CA LEU A 456 -10.91 -49.60 30.70
C LEU A 456 -10.70 -51.10 30.80
N LYS A 457 -9.45 -51.54 30.85
CA LYS A 457 -9.15 -52.98 30.98
C LYS A 457 -9.86 -53.57 32.16
N ASN A 458 -9.70 -52.92 33.26
CA ASN A 458 -10.24 -53.42 34.51
C ASN A 458 -11.73 -53.27 34.71
N LEU A 459 -12.44 -52.67 33.77
CA LEU A 459 -13.84 -52.45 34.02
C LEU A 459 -14.72 -53.63 33.71
N ASP A 460 -15.86 -53.67 34.38
CA ASP A 460 -16.82 -54.70 34.11
C ASP A 460 -17.71 -54.23 32.98
N LEU A 461 -18.01 -52.93 32.92
CA LEU A 461 -18.81 -52.44 31.80
C LEU A 461 -18.35 -51.08 31.35
N TYR A 462 -18.23 -50.94 30.04
CA TYR A 462 -17.86 -49.66 29.49
C TYR A 462 -18.71 -49.40 28.25
N VAL A 463 -19.65 -48.47 28.39
CA VAL A 463 -20.46 -48.11 27.25
C VAL A 463 -20.07 -46.76 26.69
N ALA A 464 -20.13 -46.65 25.40
CA ALA A 464 -19.79 -45.38 24.77
C ALA A 464 -20.87 -45.03 23.75
N ILE A 465 -21.42 -43.84 23.84
CA ILE A 465 -22.47 -43.37 22.99
C ILE A 465 -21.88 -42.27 22.17
N ASP A 466 -21.85 -42.49 20.89
CA ASP A 466 -21.14 -41.56 20.03
C ASP A 466 -21.62 -41.65 18.62
N VAL A 467 -20.91 -40.96 17.70
CA VAL A 467 -21.32 -41.08 16.30
C VAL A 467 -20.25 -41.67 15.42
N LEU A 468 -19.02 -41.33 15.69
CA LEU A 468 -17.97 -41.81 14.85
C LEU A 468 -17.24 -42.93 15.54
N PRO A 469 -16.52 -43.73 14.80
CA PRO A 469 -15.77 -44.84 15.42
C PRO A 469 -14.41 -44.35 15.79
N GLN A 470 -14.34 -43.62 16.85
CA GLN A 470 -13.10 -43.06 17.36
C GLN A 470 -12.26 -44.10 18.04
N GLU A 471 -11.07 -43.74 18.51
CA GLU A 471 -10.21 -44.77 19.10
C GLU A 471 -10.72 -45.24 20.45
N HIS A 472 -11.49 -44.38 21.16
CA HIS A 472 -11.96 -44.84 22.50
C HIS A 472 -13.38 -45.37 22.47
N VAL A 473 -14.07 -45.31 21.33
CA VAL A 473 -15.42 -45.89 21.20
C VAL A 473 -15.27 -47.37 20.92
N MET A 474 -14.20 -47.70 20.19
CA MET A 474 -13.96 -49.07 19.83
C MET A 474 -13.21 -49.85 20.92
N TRP A 475 -13.28 -49.39 22.16
CA TRP A 475 -12.76 -50.13 23.27
C TRP A 475 -13.94 -50.50 24.13
N ALA A 476 -15.12 -50.19 23.65
CA ALA A 476 -16.33 -50.42 24.43
C ALA A 476 -17.01 -51.78 24.29
N ASP A 477 -17.62 -52.19 25.41
CA ASP A 477 -18.54 -53.33 25.38
C ASP A 477 -19.78 -52.55 24.99
N VAL A 478 -20.39 -52.71 23.84
CA VAL A 478 -21.58 -51.88 23.45
C VAL A 478 -21.23 -50.43 23.14
N ILE A 479 -21.51 -50.18 21.88
CA ILE A 479 -21.38 -48.91 21.23
C ILE A 479 -22.80 -48.55 20.85
N LEU A 480 -23.25 -47.37 21.19
CA LEU A 480 -24.61 -46.99 20.82
C LEU A 480 -24.53 -45.78 19.89
N PRO A 481 -25.05 -45.84 18.67
CA PRO A 481 -24.93 -44.73 17.75
C PRO A 481 -25.99 -43.64 17.96
N GLU A 482 -25.50 -42.47 18.36
CA GLU A 482 -26.42 -41.38 18.58
C GLU A 482 -26.82 -40.74 17.30
N ALA A 483 -27.95 -40.10 17.37
CA ALA A 483 -28.40 -39.39 16.27
C ALA A 483 -27.79 -38.06 16.46
N THR A 484 -27.52 -37.51 15.37
CA THR A 484 -26.84 -36.31 15.22
C THR A 484 -27.74 -35.05 15.46
N TYR A 485 -27.17 -33.93 15.83
CA TYR A 485 -27.95 -32.71 16.17
C TYR A 485 -28.94 -32.26 15.12
N LEU A 486 -28.72 -32.65 13.89
CA LEU A 486 -29.66 -32.22 12.88
C LEU A 486 -30.80 -33.18 12.74
N GLU A 487 -30.63 -34.38 13.26
CA GLU A 487 -31.64 -35.41 13.17
C GLU A 487 -32.33 -35.62 14.50
N ARG A 488 -32.16 -34.65 15.38
CA ARG A 488 -32.50 -34.84 16.76
C ARG A 488 -33.20 -33.64 17.45
N TYR A 489 -34.04 -33.92 18.46
CA TYR A 489 -34.60 -32.85 19.27
C TYR A 489 -33.74 -32.96 20.51
N ASP A 490 -33.55 -31.85 21.19
CA ASP A 490 -32.84 -31.89 22.45
C ASP A 490 -33.62 -31.03 23.41
N ASP A 491 -33.44 -31.27 24.69
CA ASP A 491 -34.00 -30.43 25.72
C ASP A 491 -33.44 -29.07 25.42
N PHE A 492 -34.19 -28.02 25.79
CA PHE A 492 -33.78 -26.67 25.50
C PHE A 492 -32.43 -26.27 26.04
N VAL A 493 -31.92 -25.24 25.40
CA VAL A 493 -30.66 -24.70 25.72
C VAL A 493 -30.86 -23.31 26.28
N LEU A 494 -30.54 -23.20 27.55
CA LEU A 494 -30.73 -21.95 28.22
C LEU A 494 -29.40 -21.22 28.33
N VAL A 495 -29.40 -19.96 27.96
CA VAL A 495 -28.17 -19.23 28.06
C VAL A 495 -28.28 -18.00 28.93
N ALA A 496 -27.49 -18.01 29.99
CA ALA A 496 -27.40 -16.86 30.88
C ALA A 496 -26.72 -15.78 30.08
N HIS A 497 -27.32 -14.63 30.15
CA HIS A 497 -26.87 -13.60 29.28
C HIS A 497 -27.39 -12.22 29.63
N LYS A 498 -26.86 -11.23 28.99
CA LYS A 498 -27.38 -9.90 29.14
C LYS A 498 -28.90 -9.97 29.05
N THR A 499 -29.34 -10.60 27.97
CA THR A 499 -30.77 -10.89 27.73
C THR A 499 -30.89 -12.38 27.67
N PRO A 500 -31.10 -13.05 28.79
CA PRO A 500 -31.20 -14.51 28.82
C PRO A 500 -32.06 -15.05 27.73
N PHE A 501 -31.71 -16.18 27.18
CA PHE A 501 -32.57 -16.71 26.15
C PHE A 501 -32.62 -18.21 26.16
N ILE A 502 -33.60 -18.70 25.41
CA ILE A 502 -33.86 -20.10 25.34
C ILE A 502 -33.85 -20.52 23.89
N GLN A 503 -33.14 -21.59 23.60
CA GLN A 503 -33.10 -22.04 22.24
C GLN A 503 -33.68 -23.41 22.10
N LEU A 504 -34.20 -23.68 20.91
CA LEU A 504 -34.80 -24.98 20.62
C LEU A 504 -34.32 -25.50 19.31
N ARG A 505 -33.90 -26.76 19.31
CA ARG A 505 -33.51 -27.42 18.08
C ARG A 505 -34.55 -28.49 17.77
N THR A 506 -34.89 -28.48 16.50
CA THR A 506 -35.88 -29.31 15.89
C THR A 506 -35.23 -30.18 14.87
N PRO A 507 -35.66 -31.42 14.70
CA PRO A 507 -34.99 -32.17 13.70
C PRO A 507 -35.13 -31.51 12.35
N ALA A 508 -34.10 -31.65 11.53
CA ALA A 508 -34.17 -31.14 10.18
C ALA A 508 -34.66 -32.28 9.30
N HIS A 509 -34.53 -33.50 9.79
CA HIS A 509 -34.97 -34.68 9.13
C HIS A 509 -34.75 -35.83 10.09
N GLU A 510 -35.32 -37.01 9.80
CA GLU A 510 -35.17 -38.12 10.76
C GLU A 510 -33.85 -38.81 10.74
N PRO A 511 -33.49 -39.35 11.89
CA PRO A 511 -32.25 -40.07 12.08
C PRO A 511 -31.97 -41.03 10.94
N LEU A 512 -30.71 -41.33 10.75
CA LEU A 512 -30.37 -42.18 9.62
C LEU A 512 -29.93 -43.57 10.13
N PHE A 513 -30.13 -44.57 9.30
CA PHE A 513 -29.66 -45.88 9.71
C PHE A 513 -30.35 -46.33 10.94
N ASP A 514 -29.59 -46.80 11.89
CA ASP A 514 -30.20 -47.21 13.13
C ASP A 514 -29.83 -46.24 14.25
N THR A 515 -30.08 -45.01 13.97
CA THR A 515 -29.60 -44.00 14.88
C THR A 515 -30.73 -43.46 15.81
N LYS A 516 -30.40 -43.22 17.07
CA LYS A 516 -31.35 -42.79 18.09
C LYS A 516 -30.85 -41.58 18.85
N PRO A 517 -31.78 -40.65 19.19
CA PRO A 517 -31.44 -39.45 19.95
C PRO A 517 -31.05 -39.82 21.38
N GLY A 518 -30.25 -38.99 22.05
CA GLY A 518 -29.82 -39.29 23.37
C GLY A 518 -30.95 -39.22 24.41
N TRP A 519 -31.96 -38.38 24.17
CA TRP A 519 -33.07 -38.32 25.12
C TRP A 519 -33.72 -39.67 25.15
N TRP A 520 -33.85 -40.27 23.98
CA TRP A 520 -34.45 -41.57 23.80
C TRP A 520 -33.60 -42.67 24.39
N ILE A 521 -32.29 -42.62 24.19
CA ILE A 521 -31.37 -43.63 24.73
C ILE A 521 -31.42 -43.59 26.26
N ALA A 522 -31.41 -42.38 26.82
CA ALA A 522 -31.47 -42.19 28.27
C ALA A 522 -32.75 -42.74 28.86
N ARG A 523 -33.88 -42.27 28.35
CA ARG A 523 -35.16 -42.79 28.73
C ARG A 523 -35.19 -44.29 28.62
N GLU A 524 -34.72 -44.85 27.51
CA GLU A 524 -34.75 -46.29 27.34
C GLU A 524 -33.88 -47.06 28.30
N LEU A 525 -32.84 -46.43 28.83
CA LEU A 525 -32.00 -47.08 29.82
C LEU A 525 -32.67 -46.85 31.16
N GLY A 526 -33.26 -45.67 31.29
CA GLY A 526 -33.92 -45.22 32.51
C GLY A 526 -35.11 -46.07 32.89
N LEU A 527 -35.83 -46.53 31.88
CA LEU A 527 -36.96 -47.40 32.11
C LEU A 527 -36.40 -48.78 32.52
N ARG A 528 -35.33 -49.27 31.86
CA ARG A 528 -34.71 -50.53 32.19
C ARG A 528 -33.98 -50.62 33.61
N LEU A 529 -33.70 -49.48 34.38
CA LEU A 529 -32.98 -49.53 35.72
C LEU A 529 -33.82 -48.92 36.91
N GLY A 530 -35.18 -48.98 36.74
CA GLY A 530 -36.21 -48.54 37.70
C GLY A 530 -36.47 -47.03 37.79
N LEU A 531 -36.20 -46.30 36.72
CA LEU A 531 -36.31 -44.86 36.82
C LEU A 531 -37.43 -44.21 36.01
N GLU A 532 -38.50 -44.95 35.87
CA GLU A 532 -39.69 -44.53 35.21
C GLU A 532 -40.21 -43.22 35.77
N GLN A 533 -40.17 -42.98 37.09
CA GLN A 533 -40.69 -41.69 37.61
C GLN A 533 -39.92 -40.56 36.97
N TYR A 534 -38.64 -40.88 36.75
CA TYR A 534 -37.79 -40.04 35.96
C TYR A 534 -38.05 -40.68 34.57
N PHE A 535 -38.36 -39.87 33.54
CA PHE A 535 -38.61 -40.34 32.18
C PHE A 535 -40.06 -40.63 31.87
N PRO A 536 -40.98 -40.22 32.75
CA PRO A 536 -42.41 -40.52 32.57
C PRO A 536 -42.93 -40.12 31.19
N TRP A 537 -42.72 -38.85 30.79
CA TRP A 537 -43.14 -38.36 29.46
C TRP A 537 -42.80 -39.39 28.38
N LYS A 538 -43.73 -39.64 27.44
CA LYS A 538 -43.52 -40.63 26.41
C LYS A 538 -42.83 -40.12 25.21
N THR A 539 -42.54 -38.86 25.20
CA THR A 539 -41.89 -38.37 24.03
C THR A 539 -41.23 -37.03 24.34
N ILE A 540 -40.17 -36.67 23.60
CA ILE A 540 -39.53 -35.41 23.86
C ILE A 540 -40.43 -34.21 23.56
N GLU A 541 -41.34 -34.28 22.55
CA GLU A 541 -42.18 -33.09 22.29
C GLU A 541 -43.20 -32.94 23.40
N GLU A 542 -43.45 -34.02 24.08
CA GLU A 542 -44.34 -34.03 25.23
C GLU A 542 -43.71 -33.20 26.33
N TYR A 543 -42.45 -33.56 26.51
CA TYR A 543 -41.53 -32.96 27.42
C TYR A 543 -41.35 -31.49 27.15
N LEU A 544 -41.14 -31.15 25.88
CA LEU A 544 -40.94 -29.79 25.45
C LEU A 544 -42.21 -28.96 25.53
N GLU A 545 -43.39 -29.58 25.38
CA GLU A 545 -44.63 -28.82 25.46
C GLU A 545 -44.91 -28.35 26.89
N THR A 546 -44.48 -29.11 27.91
CA THR A 546 -44.66 -28.80 29.33
C THR A 546 -43.92 -27.51 29.73
N ARG A 547 -42.64 -27.40 29.35
CA ARG A 547 -41.85 -26.23 29.63
C ARG A 547 -42.37 -25.00 28.82
N LEU A 548 -42.94 -25.27 27.64
CA LEU A 548 -43.45 -24.20 26.83
C LEU A 548 -44.78 -23.69 27.37
N GLN A 549 -45.51 -24.58 28.02
CA GLN A 549 -46.72 -24.24 28.69
C GLN A 549 -46.42 -23.14 29.69
N SER A 550 -45.47 -23.49 30.53
CA SER A 550 -44.98 -22.60 31.55
C SER A 550 -44.70 -21.24 31.01
N LEU A 551 -44.04 -21.16 29.91
CA LEU A 551 -43.73 -19.82 29.54
C LEU A 551 -44.80 -19.09 28.79
N GLY A 552 -45.78 -19.79 28.30
CA GLY A 552 -46.79 -19.07 27.59
C GLY A 552 -46.79 -19.42 26.10
N LEU A 553 -46.22 -20.58 25.79
CA LEU A 553 -46.21 -21.05 24.39
C LEU A 553 -46.23 -22.58 24.35
N ASP A 554 -46.27 -23.04 23.12
CA ASP A 554 -46.32 -24.45 22.75
C ASP A 554 -45.25 -24.75 21.72
N LEU A 555 -45.13 -26.04 21.39
CA LEU A 555 -44.05 -26.50 20.48
C LEU A 555 -44.03 -25.84 19.11
N GLU A 556 -45.15 -25.79 18.49
CA GLU A 556 -45.19 -25.18 17.20
C GLU A 556 -44.70 -23.71 17.23
N THR A 557 -45.05 -22.95 18.28
CA THR A 557 -44.64 -21.54 18.34
C THR A 557 -43.16 -21.43 18.66
N MET A 558 -42.71 -22.32 19.46
CA MET A 558 -41.30 -22.29 19.76
C MET A 558 -40.52 -22.53 18.47
N LYS A 559 -41.01 -23.44 17.63
CA LYS A 559 -40.32 -23.74 16.36
C LYS A 559 -40.32 -22.52 15.47
N GLY A 560 -41.36 -21.74 15.65
CA GLY A 560 -41.56 -20.51 14.91
C GLY A 560 -40.47 -19.45 15.17
N MET A 561 -40.07 -19.21 16.43
CA MET A 561 -39.02 -18.21 16.83
C MET A 561 -37.85 -18.87 17.56
N GLY A 562 -37.28 -19.88 16.90
CA GLY A 562 -36.17 -20.74 17.33
C GLY A 562 -35.55 -20.52 18.72
N THR A 563 -35.43 -19.21 19.02
CA THR A 563 -34.86 -18.68 20.27
C THR A 563 -35.84 -17.81 20.99
N LEU A 564 -35.74 -17.79 22.30
CA LEU A 564 -36.61 -16.92 23.12
C LEU A 564 -35.71 -16.15 24.09
N VAL A 565 -35.84 -14.79 23.99
CA VAL A 565 -35.17 -13.80 24.85
C VAL A 565 -36.17 -13.31 25.84
N GLN A 566 -35.65 -13.28 27.04
CA GLN A 566 -36.36 -12.90 28.24
C GLN A 566 -35.75 -11.70 28.88
N ARG A 567 -36.48 -11.14 29.80
CA ARG A 567 -35.87 -9.97 30.40
C ARG A 567 -35.07 -10.31 31.64
N GLY A 568 -33.92 -9.69 31.69
CA GLY A 568 -32.99 -9.90 32.78
C GLY A 568 -32.25 -8.61 33.11
N LYS A 569 -31.07 -8.82 33.68
CA LYS A 569 -30.24 -7.71 34.03
C LYS A 569 -28.78 -7.97 33.77
N PRO A 570 -28.18 -6.82 33.50
CA PRO A 570 -26.75 -6.61 33.37
C PRO A 570 -25.67 -5.74 33.99
N TRP A 571 -26.03 -4.67 34.63
CA TRP A 571 -25.01 -3.88 35.25
C TRP A 571 -25.39 -4.07 36.71
N LEU A 572 -24.86 -3.15 37.56
CA LEU A 572 -25.11 -3.14 38.98
C LEU A 572 -26.32 -2.23 39.31
N GLU A 573 -26.54 -1.16 38.59
CA GLU A 573 -27.67 -0.28 38.92
C GLU A 573 -29.03 -0.96 39.04
N ASP A 574 -29.30 -1.81 38.02
CA ASP A 574 -30.55 -2.56 37.93
C ASP A 574 -30.75 -3.44 39.18
N TRP A 575 -29.64 -3.87 39.71
CA TRP A 575 -29.61 -4.71 40.89
C TRP A 575 -29.76 -3.89 42.14
N GLU A 576 -28.96 -2.89 42.12
CA GLU A 576 -28.80 -1.92 43.18
C GLU A 576 -30.02 -1.08 43.53
N LYS A 577 -30.72 -0.63 42.48
CA LYS A 577 -31.91 0.20 42.72
C LYS A 577 -32.98 -0.62 43.40
N GLU A 578 -33.01 -1.92 43.10
CA GLU A 578 -33.91 -2.88 43.69
C GLU A 578 -33.49 -3.21 45.10
N GLY A 579 -32.38 -2.61 45.54
CA GLY A 579 -31.94 -2.83 46.90
C GLY A 579 -31.24 -4.18 47.08
N ARG A 580 -30.72 -4.76 46.02
CA ARG A 580 -30.00 -6.01 46.11
C ARG A 580 -28.62 -5.90 45.48
N LEU A 581 -27.81 -6.95 45.55
CA LEU A 581 -26.47 -7.03 44.99
C LEU A 581 -26.33 -8.50 44.56
N PRO A 582 -25.47 -9.01 43.62
CA PRO A 582 -25.67 -10.48 43.24
C PRO A 582 -24.93 -11.66 44.02
N PHE A 583 -23.56 -11.70 43.91
CA PHE A 583 -22.50 -12.53 44.49
C PHE A 583 -22.64 -14.03 44.66
N GLY A 584 -22.05 -14.11 46.26
CA GLY A 584 -22.22 -15.32 47.08
C GLY A 584 -22.55 -14.93 48.52
N THR A 585 -21.89 -13.91 49.02
CA THR A 585 -22.14 -13.57 50.42
C THR A 585 -22.34 -12.09 50.70
N ALA A 586 -22.63 -11.24 49.71
CA ALA A 586 -22.96 -9.85 50.12
C ALA A 586 -21.89 -8.80 49.97
N SER A 587 -20.94 -9.07 49.17
CA SER A 587 -19.86 -8.16 48.97
C SER A 587 -18.82 -9.04 48.41
N GLY A 588 -18.39 -8.77 47.21
CA GLY A 588 -17.31 -9.59 46.68
C GLY A 588 -16.13 -9.58 47.67
N LYS A 589 -15.68 -10.74 48.07
CA LYS A 589 -14.53 -10.80 48.94
C LYS A 589 -13.28 -10.88 48.06
N ILE A 590 -12.63 -9.75 47.97
CA ILE A 590 -11.44 -9.56 47.14
C ILE A 590 -10.26 -10.50 47.44
N GLU A 591 -9.79 -10.68 48.68
CA GLU A 591 -8.77 -11.73 48.77
C GLU A 591 -9.48 -13.01 48.26
N LEU A 592 -10.74 -13.18 48.71
CA LEU A 592 -11.80 -14.10 48.21
C LEU A 592 -12.15 -15.50 48.79
N TYR A 593 -12.00 -15.75 50.09
CA TYR A 593 -12.62 -16.98 50.60
C TYR A 593 -12.13 -17.46 51.99
N CYS A 594 -12.87 -16.99 52.99
CA CYS A 594 -12.53 -17.25 54.39
C CYS A 594 -12.36 -18.73 54.74
N GLN A 595 -13.08 -19.66 54.09
CA GLN A 595 -13.05 -21.09 54.52
C GLN A 595 -12.02 -22.02 53.87
N ARG A 596 -11.17 -21.45 53.07
CA ARG A 596 -10.09 -22.17 52.44
C ARG A 596 -8.85 -21.93 53.29
N PHE A 597 -8.72 -20.64 53.55
CA PHE A 597 -7.78 -20.01 54.46
C PHE A 597 -7.55 -20.96 55.63
N LYS A 598 -8.64 -20.96 56.40
CA LYS A 598 -8.93 -21.75 57.59
C LYS A 598 -8.32 -23.15 57.47
N GLU A 599 -8.93 -23.98 56.65
CA GLU A 599 -8.42 -25.33 56.63
C GLU A 599 -7.48 -25.70 55.46
N ALA A 600 -7.35 -24.93 54.40
CA ALA A 600 -6.43 -25.38 53.38
C ALA A 600 -5.06 -24.75 53.51
N GLY A 601 -4.91 -23.63 54.09
CA GLY A 601 -3.54 -23.22 54.10
C GLY A 601 -3.38 -21.87 53.44
N HIS A 602 -3.61 -21.67 52.14
CA HIS A 602 -3.46 -20.29 51.76
C HIS A 602 -4.75 -19.73 51.21
N GLN A 603 -4.86 -18.43 51.40
CA GLN A 603 -5.97 -17.72 50.86
C GLN A 603 -5.52 -17.04 49.56
N PRO A 604 -4.48 -16.16 49.62
CA PRO A 604 -3.98 -15.49 48.38
C PRO A 604 -3.08 -16.37 47.52
N LEU A 605 -3.11 -15.94 46.26
CA LEU A 605 -2.47 -16.46 45.03
C LEU A 605 -0.98 -16.17 44.90
N PRO A 606 -0.30 -16.39 45.97
CA PRO A 606 1.12 -16.25 45.99
C PRO A 606 1.72 -17.31 45.08
N VAL A 607 0.98 -18.38 44.85
CA VAL A 607 1.62 -19.38 44.02
C VAL A 607 1.85 -18.88 42.65
N PHE A 608 2.78 -17.98 42.56
CA PHE A 608 3.18 -17.63 41.25
C PHE A 608 3.97 -18.91 40.81
N THR A 609 4.37 -19.65 41.91
CA THR A 609 5.25 -20.86 42.08
C THR A 609 6.07 -21.16 40.85
N PRO A 610 7.29 -20.55 40.77
CA PRO A 610 8.13 -20.78 39.59
C PRO A 610 7.82 -22.15 39.04
N PRO A 611 7.61 -22.24 37.73
CA PRO A 611 7.28 -23.51 37.09
C PRO A 611 8.48 -24.36 36.76
N GLU A 612 8.30 -25.66 36.88
CA GLU A 612 9.36 -26.55 36.54
C GLU A 612 9.68 -26.29 35.10
N GLU A 613 10.97 -26.27 34.79
CA GLU A 613 11.38 -25.95 33.45
C GLU A 613 11.70 -27.12 32.56
N PRO A 614 11.60 -26.91 31.25
CA PRO A 614 11.92 -28.00 30.35
C PRO A 614 13.35 -28.45 30.48
N PRO A 615 13.60 -29.76 30.41
CA PRO A 615 14.99 -30.14 30.44
C PRO A 615 15.58 -29.70 29.09
N GLU A 616 16.86 -29.47 29.14
CA GLU A 616 17.60 -29.10 27.95
C GLU A 616 17.42 -30.24 26.90
N GLY A 617 17.12 -29.82 25.66
CA GLY A 617 16.84 -30.68 24.54
C GLY A 617 15.32 -30.80 24.37
N PHE A 618 14.58 -30.24 25.32
CA PHE A 618 13.13 -30.34 25.31
C PHE A 618 12.44 -29.01 25.22
N TYR A 619 11.13 -29.03 24.96
CA TYR A 619 10.34 -27.81 24.88
C TYR A 619 9.04 -27.98 25.61
N ARG A 620 8.50 -26.92 26.12
CA ARG A 620 7.20 -27.07 26.74
C ARG A 620 6.21 -27.26 25.59
N LEU A 621 5.28 -28.15 25.75
CA LEU A 621 4.28 -28.48 24.75
C LEU A 621 3.07 -27.62 24.99
N LEU A 622 2.84 -26.68 24.12
CA LEU A 622 1.68 -25.82 24.23
C LEU A 622 0.69 -26.34 23.23
N TYR A 623 -0.55 -25.98 23.36
CA TYR A 623 -1.52 -26.56 22.45
C TYR A 623 -2.71 -25.67 22.37
N GLY A 624 -3.54 -25.88 21.39
CA GLY A 624 -4.68 -24.99 21.30
C GLY A 624 -5.58 -25.41 20.18
N ARG A 625 -6.31 -24.43 19.67
CA ARG A 625 -7.30 -24.71 18.66
C ARG A 625 -6.97 -24.28 17.25
N SER A 626 -7.53 -25.04 16.35
CA SER A 626 -7.44 -24.79 14.92
C SER A 626 -8.79 -24.11 14.60
N PRO A 627 -8.84 -22.95 13.93
CA PRO A 627 -10.14 -22.28 13.75
C PRO A 627 -11.29 -23.08 13.12
N VAL A 628 -10.91 -24.17 12.55
CA VAL A 628 -11.69 -25.02 11.69
C VAL A 628 -12.01 -26.43 12.24
N HIS A 629 -11.36 -26.80 13.31
CA HIS A 629 -11.56 -28.11 13.89
C HIS A 629 -12.04 -27.95 15.31
N THR A 630 -12.96 -28.78 15.69
CA THR A 630 -13.39 -28.75 17.05
C THR A 630 -12.55 -29.84 17.77
N PHE A 631 -12.00 -29.58 18.96
CA PHE A 631 -11.26 -30.61 19.77
C PHE A 631 -10.59 -31.76 19.02
N ALA A 632 -11.32 -32.86 18.92
CA ALA A 632 -10.86 -34.01 18.16
C ALA A 632 -11.88 -34.44 17.09
N ARG A 633 -13.17 -34.33 17.40
CA ARG A 633 -14.26 -34.85 16.55
C ARG A 633 -14.49 -34.30 15.15
N THR A 634 -13.60 -33.58 14.60
CA THR A 634 -13.85 -32.97 13.34
C THR A 634 -12.82 -33.36 12.32
N GLN A 635 -11.95 -34.19 12.79
CA GLN A 635 -10.85 -34.76 12.10
C GLN A 635 -11.24 -35.79 11.06
N ASN A 636 -12.50 -36.13 11.03
CA ASN A 636 -12.94 -37.06 10.00
C ASN A 636 -13.87 -36.36 9.04
N ASN A 637 -14.10 -35.11 9.35
CA ASN A 637 -14.94 -34.27 8.55
C ASN A 637 -14.20 -33.82 7.27
N TRP A 638 -14.68 -34.30 6.13
CA TRP A 638 -13.92 -33.97 4.93
C TRP A 638 -13.97 -32.50 4.59
N VAL A 639 -15.04 -31.77 4.88
CA VAL A 639 -15.10 -30.36 4.57
C VAL A 639 -14.09 -29.61 5.42
N LEU A 640 -13.90 -30.10 6.64
CA LEU A 640 -13.04 -29.41 7.57
C LEU A 640 -11.61 -29.92 7.52
N MET A 641 -11.43 -31.20 7.24
CA MET A 641 -10.10 -31.70 7.13
C MET A 641 -9.44 -31.14 5.89
N GLU A 642 -10.24 -30.81 4.91
CA GLU A 642 -9.78 -30.30 3.65
C GLU A 642 -9.32 -28.87 3.79
N MET A 643 -9.77 -28.23 4.87
CA MET A 643 -9.29 -26.92 5.20
C MET A 643 -8.08 -27.07 6.07
N ASP A 644 -7.97 -28.15 6.85
CA ASP A 644 -6.85 -28.30 7.77
C ASP A 644 -6.73 -29.79 8.13
N PRO A 645 -5.96 -30.47 7.30
CA PRO A 645 -5.67 -31.89 7.27
C PRO A 645 -4.59 -32.38 8.24
N GLU A 646 -3.89 -31.47 8.88
CA GLU A 646 -2.93 -31.88 9.87
C GLU A 646 -2.53 -30.72 10.70
N ASN A 647 -1.94 -31.07 11.83
CA ASN A 647 -1.37 -30.01 12.65
C ASN A 647 0.08 -29.91 12.27
N GLU A 648 0.62 -28.93 12.86
CA GLU A 648 1.84 -28.45 12.51
C GLU A 648 2.56 -28.02 13.85
N VAL A 649 3.82 -28.46 14.13
CA VAL A 649 4.52 -28.09 15.40
C VAL A 649 5.18 -26.76 15.23
N TRP A 650 4.88 -25.80 16.09
CA TRP A 650 5.48 -24.48 16.02
C TRP A 650 6.75 -24.47 16.85
N ILE A 651 7.87 -24.22 16.23
CA ILE A 651 9.14 -24.08 16.93
C ILE A 651 9.70 -22.79 16.42
N HIS A 652 10.43 -22.18 17.30
CA HIS A 652 11.10 -20.96 16.94
C HIS A 652 12.02 -21.27 15.79
N LYS A 653 12.07 -20.36 14.85
CA LYS A 653 12.92 -20.42 13.65
C LYS A 653 14.37 -20.78 13.89
N GLU A 654 14.93 -20.25 14.97
CA GLU A 654 16.32 -20.49 15.35
C GLU A 654 16.53 -21.85 15.99
N GLU A 655 15.49 -22.40 16.58
CA GLU A 655 15.67 -23.71 17.16
C GLU A 655 15.57 -24.69 16.04
N ALA A 656 14.57 -24.57 15.17
CA ALA A 656 14.48 -25.54 14.10
C ALA A 656 15.78 -25.50 13.29
N LYS A 657 16.47 -24.38 13.33
CA LYS A 657 17.68 -24.30 12.55
C LYS A 657 18.85 -25.01 13.22
N ARG A 658 18.99 -24.90 14.53
CA ARG A 658 20.03 -25.61 15.24
C ARG A 658 19.73 -27.09 15.12
N LEU A 659 18.50 -27.43 15.37
CA LEU A 659 18.06 -28.78 15.06
C LEU A 659 18.31 -28.79 13.60
N GLY A 660 18.07 -29.78 12.82
CA GLY A 660 18.36 -29.58 11.40
C GLY A 660 17.04 -29.65 10.65
N LEU A 661 16.11 -28.82 11.08
CA LEU A 661 14.76 -28.94 10.59
C LEU A 661 14.28 -27.81 9.67
N LYS A 662 13.62 -28.15 8.57
CA LYS A 662 13.16 -27.00 7.81
C LYS A 662 11.69 -27.11 7.48
N GLU A 663 11.27 -26.20 6.62
CA GLU A 663 9.85 -26.03 6.34
C GLU A 663 9.00 -27.26 6.11
N GLY A 664 9.38 -28.15 5.23
CA GLY A 664 8.48 -29.23 5.01
C GLY A 664 8.83 -30.50 5.78
N ASP A 665 9.72 -30.43 6.76
CA ASP A 665 10.09 -31.62 7.48
C ASP A 665 9.01 -32.12 8.42
N TYR A 666 9.19 -33.34 8.82
CA TYR A 666 8.31 -33.96 9.73
C TYR A 666 9.13 -34.35 10.92
N VAL A 667 8.49 -34.62 11.98
CA VAL A 667 9.18 -34.84 13.17
C VAL A 667 8.33 -35.71 14.07
N MET A 668 8.95 -36.46 14.98
CA MET A 668 8.21 -37.15 15.99
C MET A 668 8.38 -36.29 17.24
N LEU A 669 7.35 -36.18 18.05
CA LEU A 669 7.44 -35.52 19.32
C LEU A 669 7.62 -36.60 20.36
N VAL A 670 8.64 -36.50 21.16
CA VAL A 670 8.90 -37.45 22.20
C VAL A 670 8.80 -36.72 23.53
N ASN A 671 8.00 -37.20 24.48
CA ASN A 671 7.94 -36.46 25.72
C ASN A 671 8.96 -36.96 26.71
N GLN A 672 9.02 -36.29 27.85
CA GLN A 672 9.97 -36.63 28.87
C GLN A 672 9.88 -38.08 29.29
N ASP A 673 8.73 -38.70 29.05
CA ASP A 673 8.53 -40.09 29.40
C ASP A 673 8.66 -41.04 28.24
N GLY A 674 9.28 -40.61 27.15
CA GLY A 674 9.51 -41.51 26.01
C GLY A 674 8.34 -41.69 25.04
N VAL A 675 7.12 -41.18 25.34
CA VAL A 675 6.04 -41.37 24.36
C VAL A 675 6.32 -40.52 23.12
N LYS A 676 6.18 -41.16 21.99
CA LYS A 676 6.38 -40.57 20.68
C LYS A 676 5.04 -40.30 20.04
N GLU A 677 4.88 -39.15 19.37
CA GLU A 677 3.62 -38.88 18.70
C GLU A 677 3.78 -38.67 17.21
N GLY A 678 3.18 -39.64 16.50
CA GLY A 678 3.13 -39.81 15.06
C GLY A 678 3.71 -38.60 14.37
N PRO A 679 4.28 -38.73 13.14
CA PRO A 679 4.96 -37.62 12.46
C PRO A 679 4.10 -36.38 12.19
N VAL A 680 4.62 -35.22 12.63
CA VAL A 680 3.97 -33.91 12.52
C VAL A 680 4.82 -32.98 11.72
N ARG A 681 4.16 -32.12 10.96
CA ARG A 681 4.89 -31.18 10.19
C ARG A 681 5.49 -30.14 11.08
N VAL A 682 6.71 -29.77 10.74
CA VAL A 682 7.45 -28.79 11.47
C VAL A 682 7.12 -27.42 10.92
N LYS A 683 7.01 -26.42 11.84
CA LYS A 683 6.61 -25.05 11.47
C LYS A 683 7.46 -24.01 12.13
N PRO A 684 8.61 -23.94 11.46
CA PRO A 684 9.77 -23.09 11.76
C PRO A 684 9.48 -21.63 11.60
N THR A 685 8.21 -21.19 11.69
CA THR A 685 8.08 -19.73 11.60
C THR A 685 7.85 -19.14 12.98
N ALA A 686 8.66 -18.13 13.26
CA ALA A 686 8.63 -17.48 14.57
C ALA A 686 7.40 -16.66 14.87
N ARG A 687 6.89 -16.99 16.02
CA ARG A 687 5.72 -16.43 16.64
C ARG A 687 5.69 -17.18 17.93
N ILE A 688 6.84 -17.71 18.35
CA ILE A 688 6.87 -18.46 19.58
C ILE A 688 8.22 -18.33 20.27
N ARG A 689 8.19 -18.37 21.60
CA ARG A 689 9.43 -18.36 22.37
C ARG A 689 10.22 -19.64 22.07
N LYS A 690 11.50 -19.67 22.49
CA LYS A 690 12.41 -20.82 22.22
C LYS A 690 12.29 -21.97 23.17
N ASP A 691 11.57 -21.66 24.23
CA ASP A 691 11.16 -22.51 25.36
C ASP A 691 10.07 -23.45 25.07
N CYS A 692 9.46 -23.18 23.95
CA CYS A 692 8.23 -23.84 23.68
C CYS A 692 8.09 -24.33 22.30
N VAL A 693 7.03 -25.07 22.19
CA VAL A 693 6.61 -25.75 21.02
C VAL A 693 5.07 -25.75 21.17
N TYR A 694 4.36 -25.69 20.05
CA TYR A 694 2.92 -25.63 20.08
C TYR A 694 2.33 -26.52 19.01
N ILE A 695 1.23 -27.21 19.31
CA ILE A 695 0.53 -28.00 18.30
C ILE A 695 -0.95 -27.85 18.58
N VAL A 696 -1.78 -27.92 17.56
CA VAL A 696 -3.20 -27.85 17.81
C VAL A 696 -3.65 -29.21 18.34
N HIS A 697 -4.49 -29.18 19.36
CA HIS A 697 -5.02 -30.34 20.02
C HIS A 697 -6.06 -31.08 19.15
N GLY A 698 -6.09 -32.39 19.22
CA GLY A 698 -7.10 -33.12 18.50
C GLY A 698 -6.65 -33.90 17.26
N PHE A 699 -5.36 -33.96 16.99
CA PHE A 699 -4.94 -34.76 15.85
C PHE A 699 -4.26 -35.99 16.41
N GLY A 700 -3.67 -36.80 15.55
CA GLY A 700 -2.98 -37.97 16.04
C GLY A 700 -3.92 -39.13 16.37
N HIS A 701 -5.07 -39.21 15.70
CA HIS A 701 -5.98 -40.30 15.96
C HIS A 701 -5.37 -41.62 15.57
N LYS A 702 -5.55 -42.63 16.39
CA LYS A 702 -5.25 -43.99 15.97
C LYS A 702 -6.65 -44.55 15.97
N ALA A 703 -7.34 -44.39 14.90
CA ALA A 703 -8.69 -44.86 14.79
C ALA A 703 -8.95 -45.13 13.33
N PRO A 704 -8.55 -46.32 12.85
CA PRO A 704 -8.63 -46.71 11.45
C PRO A 704 -9.98 -46.60 10.80
N LEU A 705 -11.02 -46.64 11.60
CA LEU A 705 -12.35 -46.61 11.04
C LEU A 705 -12.80 -45.21 10.70
N MET A 706 -12.22 -44.20 11.36
CA MET A 706 -12.47 -42.83 10.94
C MET A 706 -11.37 -42.71 9.89
N ARG A 707 -11.72 -43.02 8.67
CA ARG A 707 -10.74 -43.13 7.60
C ARG A 707 -9.99 -41.87 7.24
N LEU A 708 -10.59 -40.67 7.38
CA LEU A 708 -9.71 -39.54 7.05
C LEU A 708 -9.11 -38.81 8.26
N ALA A 709 -9.28 -39.32 9.49
CA ALA A 709 -8.64 -38.66 10.64
C ALA A 709 -7.47 -39.52 11.12
N HIS A 710 -7.55 -40.80 10.75
CA HIS A 710 -6.58 -41.82 11.07
C HIS A 710 -5.20 -41.62 10.48
N GLY A 711 -4.27 -41.44 11.39
CA GLY A 711 -2.83 -41.36 11.14
C GLY A 711 -2.29 -39.95 10.86
N ARG A 712 -3.09 -38.91 11.13
CA ARG A 712 -2.72 -37.53 10.77
C ARG A 712 -2.36 -36.66 11.98
N GLY A 713 -1.19 -36.03 11.89
CA GLY A 713 -0.73 -35.13 12.94
C GLY A 713 -0.27 -35.83 14.20
N ALA A 714 0.06 -35.04 15.21
CA ALA A 714 0.51 -35.56 16.48
C ALA A 714 -0.57 -35.26 17.48
N SER A 715 -0.79 -36.17 18.41
CA SER A 715 -1.77 -35.95 19.45
C SER A 715 -1.12 -35.28 20.64
N ASP A 716 -1.63 -34.13 21.07
CA ASP A 716 -1.04 -33.49 22.24
C ASP A 716 -1.29 -34.33 23.50
N ASN A 717 -2.51 -34.85 23.61
CA ASN A 717 -2.92 -35.68 24.71
C ASN A 717 -2.11 -36.95 24.88
N TYR A 718 -1.72 -37.58 23.79
CA TYR A 718 -0.90 -38.75 23.93
C TYR A 718 0.47 -38.36 24.46
N LEU A 719 0.80 -37.09 24.42
CA LEU A 719 2.09 -36.71 24.89
C LEU A 719 2.00 -36.17 26.27
N GLN A 720 0.79 -35.90 26.67
CA GLN A 720 0.53 -35.36 27.99
C GLN A 720 0.34 -36.52 28.92
N THR A 721 1.49 -37.05 29.29
CA THR A 721 1.57 -38.19 30.11
C THR A 721 1.33 -37.88 31.56
N ARG A 722 1.86 -36.74 31.98
CA ARG A 722 1.76 -36.24 33.33
C ARG A 722 0.91 -35.00 33.40
N TYR A 723 0.50 -34.60 34.59
CA TYR A 723 -0.24 -33.36 34.78
C TYR A 723 -0.10 -32.92 36.21
N LYS A 724 -0.13 -31.61 36.47
CA LYS A 724 -0.06 -31.15 37.84
C LYS A 724 -1.45 -30.81 38.30
N LEU A 725 -1.97 -31.63 39.22
CA LEU A 725 -3.28 -31.45 39.81
C LEU A 725 -3.40 -30.11 40.49
N ASP A 726 -4.39 -29.35 40.10
CA ASP A 726 -4.66 -28.12 40.83
C ASP A 726 -5.27 -28.60 42.16
N PRO A 727 -4.62 -28.27 43.28
CA PRO A 727 -5.13 -28.71 44.57
C PRO A 727 -6.35 -27.94 45.03
N ILE A 728 -6.76 -26.91 44.30
CA ILE A 728 -7.89 -26.03 44.64
C ILE A 728 -9.17 -26.27 43.81
N SER A 729 -9.02 -26.38 42.48
CA SER A 729 -10.06 -26.55 41.47
C SER A 729 -9.85 -27.84 40.67
N GLY A 730 -9.91 -28.99 41.26
CA GLY A 730 -9.71 -30.26 40.52
C GLY A 730 -8.94 -30.26 39.16
N GLY A 731 -8.55 -29.14 38.55
CA GLY A 731 -7.88 -29.17 37.24
C GLY A 731 -6.57 -29.87 37.01
N ALA A 732 -6.44 -30.54 35.87
CA ALA A 732 -5.19 -31.21 35.60
C ALA A 732 -4.33 -30.35 34.75
N GLY A 733 -3.37 -29.64 35.34
CA GLY A 733 -2.46 -28.80 34.57
C GLY A 733 -1.76 -29.56 33.46
N LEU A 734 -2.07 -29.21 32.22
CA LEU A 734 -1.49 -29.91 31.10
C LEU A 734 -0.16 -29.44 30.56
N ARG A 735 0.11 -28.14 30.69
CA ARG A 735 1.30 -27.50 30.14
C ARG A 735 2.57 -27.74 30.92
N VAL A 736 2.61 -28.91 31.51
CA VAL A 736 3.64 -29.31 32.41
C VAL A 736 4.45 -30.41 31.69
N ASN A 737 4.06 -30.71 30.46
CA ASN A 737 4.74 -31.71 29.68
C ASN A 737 5.75 -31.07 28.79
N PHE A 738 6.85 -31.78 28.60
CA PHE A 738 7.94 -31.32 27.80
C PHE A 738 8.09 -32.34 26.71
N VAL A 739 8.47 -31.82 25.56
CA VAL A 739 8.57 -32.64 24.41
C VAL A 739 9.83 -32.27 23.64
N ARG A 740 10.43 -33.25 22.98
CA ARG A 740 11.59 -32.96 22.16
C ARG A 740 11.30 -33.49 20.76
N LEU A 741 11.98 -32.94 19.77
CA LEU A 741 11.69 -33.31 18.41
C LEU A 741 12.78 -34.16 17.79
N GLU A 742 12.34 -35.20 17.11
CA GLU A 742 13.22 -36.17 16.52
C GLU A 742 12.85 -36.23 15.06
N LYS A 743 13.81 -35.99 14.20
CA LYS A 743 13.57 -36.02 12.77
C LYS A 743 12.88 -37.31 12.33
N ALA A 744 11.88 -37.16 11.48
CA ALA A 744 11.10 -38.29 11.05
C ALA A 744 10.86 -38.17 9.57
N GLU A 745 10.35 -39.23 8.97
CA GLU A 745 10.06 -39.23 7.54
C GLU A 745 8.70 -38.62 7.29
N ARG A 746 8.54 -38.02 6.12
CA ARG A 746 7.22 -37.52 5.74
C ARG A 746 6.29 -38.75 5.81
N PRO A 747 5.05 -38.57 6.25
CA PRO A 747 4.18 -39.73 6.32
C PRO A 747 3.54 -40.09 4.99
N ARG A 748 3.22 -41.35 4.82
CA ARG A 748 2.59 -41.76 3.59
C ARG A 748 1.19 -42.09 4.02
N LEU A 749 0.24 -41.32 3.52
CA LEU A 749 -1.11 -41.45 3.96
C LEU A 749 -2.03 -41.50 2.80
N PRO A 750 -3.26 -41.91 3.02
CA PRO A 750 -4.12 -41.95 1.85
C PRO A 750 -4.47 -40.57 1.37
N SER A 751 -5.08 -40.51 0.22
CA SER A 751 -5.46 -39.24 -0.31
C SER A 751 -6.75 -38.84 0.37
N LEU A 752 -6.77 -37.64 0.94
CA LEU A 752 -7.96 -37.14 1.58
C LEU A 752 -9.10 -36.87 0.62
N THR A 753 -8.81 -36.40 -0.58
CA THR A 753 -9.86 -36.12 -1.56
C THR A 753 -10.50 -37.43 -1.95
N GLY A 754 -9.68 -38.45 -2.15
CA GLY A 754 -10.18 -39.76 -2.49
C GLY A 754 -11.18 -40.19 -1.45
N LEU A 755 -10.77 -40.21 -0.19
CA LEU A 755 -11.67 -40.53 0.91
C LEU A 755 -12.85 -39.55 0.97
N ALA A 756 -12.61 -38.25 0.95
CA ALA A 756 -13.70 -37.28 0.99
C ALA A 756 -14.72 -37.53 -0.11
N LYS A 757 -14.30 -38.15 -1.20
CA LYS A 757 -15.25 -38.36 -2.27
C LYS A 757 -16.14 -39.54 -2.15
N ARG A 758 -15.92 -40.39 -1.15
CA ARG A 758 -16.78 -41.55 -0.96
C ARG A 758 -18.16 -40.97 -0.83
N PRO A 759 -19.12 -41.46 -1.63
CA PRO A 759 -20.50 -40.95 -1.59
C PRO A 759 -21.22 -41.30 -0.31
N PHE A 760 -22.15 -40.47 0.12
CA PHE A 760 -22.86 -40.83 1.32
C PHE A 760 -24.13 -41.52 0.96
N ASP A 761 -24.22 -42.72 1.47
CA ASP A 761 -25.36 -43.53 1.17
C ASP A 761 -26.10 -43.89 2.42
N GLU A 762 -27.29 -43.37 2.50
CA GLU A 762 -28.13 -43.63 3.63
C GLU A 762 -28.73 -45.04 3.53
N ARG A 763 -28.11 -45.83 2.66
CA ARG A 763 -28.46 -47.23 2.38
C ARG A 763 -29.92 -47.47 2.05
N ARG A 764 -30.53 -48.38 2.68
N MET B 1 -26.21 -2.74 -14.73
CA MET B 1 -25.84 -1.39 -14.22
C MET B 1 -24.99 -1.36 -12.93
N PRO B 2 -25.20 -2.28 -11.97
CA PRO B 2 -24.22 -2.03 -10.92
C PRO B 2 -22.86 -2.51 -11.47
N ARG B 3 -21.81 -2.28 -10.70
CA ARG B 3 -20.51 -2.87 -10.97
C ARG B 3 -20.24 -3.60 -9.65
N TYR B 4 -20.43 -4.91 -9.63
CA TYR B 4 -20.24 -5.67 -8.38
C TYR B 4 -18.83 -5.89 -7.84
N ALA B 5 -18.69 -5.73 -6.53
CA ALA B 5 -17.40 -5.87 -5.85
C ALA B 5 -17.49 -6.39 -4.42
N MET B 6 -16.33 -6.71 -3.91
CA MET B 6 -16.21 -7.26 -2.62
C MET B 6 -15.04 -6.65 -1.91
N ALA B 7 -15.29 -6.33 -0.68
CA ALA B 7 -14.24 -5.74 0.09
C ALA B 7 -14.03 -6.52 1.34
N ILE B 8 -12.80 -6.83 1.65
CA ILE B 8 -12.45 -7.53 2.84
C ILE B 8 -11.45 -6.69 3.64
N ASP B 9 -11.80 -6.51 4.85
CA ASP B 9 -11.00 -5.82 5.77
C ASP B 9 -10.01 -6.86 6.36
N LEU B 10 -8.74 -6.59 6.18
CA LEU B 10 -7.77 -7.53 6.67
C LEU B 10 -7.35 -7.25 8.04
N SER B 11 -7.84 -6.14 8.53
CA SER B 11 -7.44 -5.71 9.81
C SER B 11 -8.31 -6.45 10.79
N LEU B 12 -9.43 -6.94 10.26
CA LEU B 12 -10.41 -7.67 11.03
C LEU B 12 -10.36 -9.15 10.75
N CYS B 13 -9.92 -9.54 9.57
CA CYS B 13 -9.88 -10.95 9.21
C CYS B 13 -8.97 -11.79 10.13
N VAL B 14 -9.48 -12.91 10.61
CA VAL B 14 -8.67 -13.69 11.52
C VAL B 14 -8.35 -15.04 10.98
N GLY B 15 -8.72 -15.24 9.72
CA GLY B 15 -8.43 -16.46 8.99
C GLY B 15 -9.03 -17.72 9.51
N CYS B 16 -10.25 -17.63 10.03
CA CYS B 16 -11.01 -18.76 10.54
C CYS B 16 -11.70 -19.12 9.26
N ALA B 17 -11.35 -20.15 8.54
CA ALA B 17 -12.01 -20.17 7.24
C ALA B 17 -13.56 -20.21 7.19
N ALA B 18 -14.29 -19.34 7.90
CA ALA B 18 -15.75 -19.51 7.90
C ALA B 18 -16.40 -19.37 6.56
N CYS B 19 -15.96 -18.32 5.88
CA CYS B 19 -16.38 -17.96 4.57
C CYS B 19 -16.04 -19.11 3.63
N ALA B 20 -14.85 -19.66 3.77
CA ALA B 20 -14.40 -20.73 2.91
C ALA B 20 -15.26 -21.97 3.06
N VAL B 21 -15.66 -22.27 4.28
CA VAL B 21 -16.50 -23.41 4.52
C VAL B 21 -17.95 -23.13 4.11
N ALA B 22 -18.43 -21.92 4.38
CA ALA B 22 -19.78 -21.52 3.99
C ALA B 22 -19.94 -21.64 2.48
N CYS B 23 -18.97 -21.15 1.71
CA CYS B 23 -19.02 -21.27 0.25
C CYS B 23 -19.01 -22.77 -0.12
N LYS B 24 -18.05 -23.54 0.40
CA LYS B 24 -18.00 -25.00 0.16
C LYS B 24 -19.37 -25.63 0.29
N MET B 25 -20.09 -25.16 1.30
CA MET B 25 -21.41 -25.70 1.64
C MET B 25 -22.48 -25.13 0.75
N GLU B 26 -22.57 -23.81 0.69
CA GLU B 26 -23.57 -23.19 -0.14
C GLU B 26 -23.47 -23.62 -1.59
N ASN B 27 -22.26 -23.72 -2.14
CA ASN B 27 -22.07 -24.00 -3.55
C ASN B 27 -21.77 -25.44 -3.91
N GLU B 28 -21.73 -26.30 -2.92
CA GLU B 28 -21.47 -27.73 -3.12
C GLU B 28 -20.14 -28.06 -3.87
N VAL B 29 -19.16 -27.17 -3.73
CA VAL B 29 -17.84 -27.34 -4.27
C VAL B 29 -17.27 -28.66 -3.88
N PRO B 30 -17.02 -29.51 -4.85
CA PRO B 30 -16.51 -30.83 -4.50
C PRO B 30 -15.23 -30.85 -3.73
N PRO B 31 -14.89 -32.01 -3.16
CA PRO B 31 -13.67 -32.13 -2.37
C PRO B 31 -12.35 -31.55 -2.84
N GLY B 32 -11.72 -31.99 -3.89
CA GLY B 32 -10.40 -31.39 -4.01
C GLY B 32 -10.14 -29.97 -4.47
N VAL B 33 -11.20 -29.18 -4.55
CA VAL B 33 -11.12 -27.87 -5.11
C VAL B 33 -11.82 -26.87 -4.22
N PHE B 34 -11.55 -25.60 -4.48
CA PHE B 34 -12.02 -24.53 -3.64
C PHE B 34 -12.25 -23.23 -4.39
N ASN B 35 -13.39 -22.58 -4.23
CA ASN B 35 -13.58 -21.28 -4.83
C ASN B 35 -12.93 -20.23 -3.93
N LEU B 36 -12.71 -20.57 -2.65
CA LEU B 36 -12.25 -19.64 -1.61
C LEU B 36 -11.33 -20.38 -0.66
N TRP B 37 -10.21 -19.77 -0.29
CA TRP B 37 -9.26 -20.37 0.63
C TRP B 37 -8.68 -19.20 1.34
N ILE B 38 -7.95 -19.48 2.41
CA ILE B 38 -7.36 -18.45 3.20
C ILE B 38 -5.87 -18.68 3.18
N ARG B 39 -5.11 -17.63 2.95
CA ARG B 39 -3.69 -17.77 3.02
C ARG B 39 -3.25 -17.03 4.31
N GLU B 40 -2.24 -17.54 5.01
CA GLU B 40 -1.82 -16.88 6.23
C GLU B 40 -0.33 -16.84 6.17
N ARG B 41 0.20 -15.65 6.35
CA ARG B 41 1.61 -15.44 6.27
C ARG B 41 2.12 -14.54 7.35
N GLU B 42 3.24 -14.89 7.96
CA GLU B 42 3.81 -14.02 8.96
C GLU B 42 4.95 -13.27 8.27
N VAL B 43 5.09 -12.12 8.83
CA VAL B 43 6.04 -11.23 8.36
C VAL B 43 6.86 -10.73 9.52
N GLY B 44 8.15 -11.05 9.59
CA GLY B 44 9.00 -10.41 10.57
C GLY B 44 9.31 -11.14 11.88
N GLU B 45 10.32 -10.61 12.46
CA GLU B 45 10.88 -11.02 13.68
C GLU B 45 10.23 -10.44 14.93
N TYR B 46 10.71 -10.71 16.12
CA TYR B 46 10.12 -10.30 17.47
C TYR B 46 9.37 -9.07 17.96
N PRO B 47 9.76 -7.89 17.50
CA PRO B 47 9.31 -6.58 17.96
C PRO B 47 8.51 -5.84 16.90
N ASN B 48 8.22 -6.59 15.83
CA ASN B 48 7.51 -6.16 14.62
C ASN B 48 7.08 -7.37 13.85
N LEU B 49 6.11 -8.07 14.46
CA LEU B 49 5.60 -9.36 13.99
C LEU B 49 4.21 -9.21 13.45
N VAL B 50 4.03 -9.28 12.18
CA VAL B 50 2.74 -9.07 11.62
C VAL B 50 2.27 -10.38 11.04
N VAL B 51 0.98 -10.64 11.16
CA VAL B 51 0.42 -11.81 10.51
C VAL B 51 -0.72 -11.34 9.61
N GLU B 52 -0.68 -11.78 8.35
CA GLU B 52 -1.71 -11.44 7.39
C GLU B 52 -2.47 -12.69 7.08
N PHE B 53 -3.78 -12.59 7.28
CA PHE B 53 -4.77 -13.62 6.99
C PHE B 53 -5.45 -13.14 5.74
N ARG B 54 -5.54 -13.95 4.71
CA ARG B 54 -6.07 -13.37 3.49
C ARG B 54 -6.94 -14.30 2.72
N PRO B 55 -8.25 -14.03 2.65
CA PRO B 55 -9.02 -14.98 1.85
C PRO B 55 -8.79 -14.68 0.38
N GLU B 56 -8.66 -15.74 -0.43
CA GLU B 56 -8.44 -15.57 -1.86
C GLU B 56 -9.40 -16.38 -2.68
N GLN B 57 -9.97 -15.71 -3.65
CA GLN B 57 -11.00 -16.29 -4.49
C GLN B 57 -11.27 -15.42 -5.69
N CYS B 58 -11.98 -15.94 -6.72
CA CYS B 58 -12.17 -15.10 -7.89
C CYS B 58 -12.32 -13.67 -7.44
N LEU B 59 -11.64 -12.77 -8.12
CA LEU B 59 -11.70 -11.37 -7.79
C LEU B 59 -12.67 -10.68 -8.72
N HIS B 60 -13.27 -11.45 -9.60
CA HIS B 60 -14.18 -10.95 -10.61
C HIS B 60 -13.56 -9.73 -11.22
N CYS B 61 -12.43 -10.00 -11.85
CA CYS B 61 -11.64 -8.94 -12.44
C CYS B 61 -12.46 -8.14 -13.43
N GLU B 62 -12.23 -6.83 -13.51
CA GLU B 62 -13.03 -6.05 -14.44
C GLU B 62 -12.54 -6.21 -15.87
N ASN B 63 -11.26 -6.52 -15.95
CA ASN B 63 -10.62 -6.78 -17.19
C ASN B 63 -10.08 -8.20 -17.03
N PRO B 64 -10.99 -9.15 -17.03
CA PRO B 64 -10.63 -10.56 -16.85
C PRO B 64 -9.90 -11.27 -17.96
N PRO B 65 -8.62 -11.63 -17.74
CA PRO B 65 -7.89 -12.31 -18.82
C PRO B 65 -8.43 -13.67 -19.05
N CYS B 66 -9.30 -14.08 -18.15
CA CYS B 66 -9.81 -15.41 -18.20
C CYS B 66 -10.97 -15.58 -19.14
N VAL B 67 -11.45 -14.46 -19.69
CA VAL B 67 -12.57 -14.44 -20.61
C VAL B 67 -12.09 -14.51 -22.10
N PRO B 68 -11.38 -13.50 -22.63
CA PRO B 68 -10.95 -13.58 -24.03
C PRO B 68 -10.31 -14.83 -24.57
N VAL B 69 -9.80 -15.63 -23.66
CA VAL B 69 -8.96 -16.73 -24.00
C VAL B 69 -9.71 -18.01 -24.17
N CYS B 70 -11.00 -17.86 -24.01
CA CYS B 70 -11.90 -18.97 -24.05
C CYS B 70 -12.40 -19.18 -25.45
N PRO B 71 -12.22 -20.38 -25.98
CA PRO B 71 -12.63 -20.68 -27.36
C PRO B 71 -14.08 -20.79 -27.77
N THR B 72 -14.84 -21.32 -26.87
CA THR B 72 -16.25 -21.59 -26.94
C THR B 72 -16.58 -20.25 -26.36
N GLY B 73 -17.81 -19.88 -26.05
CA GLY B 73 -17.91 -18.61 -25.33
C GLY B 73 -18.36 -18.90 -23.89
N ALA B 74 -18.02 -20.06 -23.32
CA ALA B 74 -18.48 -20.40 -21.97
C ALA B 74 -18.09 -19.38 -20.88
N SER B 75 -16.87 -18.88 -20.97
CA SER B 75 -16.36 -17.91 -20.03
C SER B 75 -16.87 -16.52 -20.42
N TYR B 76 -17.66 -15.88 -19.56
CA TYR B 76 -18.16 -14.56 -19.91
C TYR B 76 -18.31 -13.63 -18.75
N GLN B 77 -18.25 -12.35 -19.09
CA GLN B 77 -18.39 -11.28 -18.15
C GLN B 77 -19.72 -10.61 -18.41
N THR B 78 -20.44 -10.52 -17.33
CA THR B 78 -21.75 -10.00 -17.24
C THR B 78 -21.74 -8.47 -17.28
N LYS B 79 -22.90 -7.88 -17.54
CA LYS B 79 -22.99 -6.45 -17.62
C LYS B 79 -22.79 -5.72 -16.30
N ASP B 80 -22.91 -6.46 -15.19
CA ASP B 80 -22.71 -5.89 -13.86
C ASP B 80 -21.39 -6.21 -13.28
N GLY B 81 -20.57 -6.92 -14.03
CA GLY B 81 -19.25 -7.17 -13.51
C GLY B 81 -18.96 -8.53 -12.98
N LEU B 82 -19.82 -9.49 -13.26
CA LEU B 82 -19.58 -10.85 -12.79
C LEU B 82 -18.97 -11.65 -13.90
N VAL B 83 -18.00 -12.47 -13.52
CA VAL B 83 -17.28 -13.33 -14.42
C VAL B 83 -17.84 -14.70 -14.15
N LEU B 84 -18.41 -15.32 -15.15
CA LEU B 84 -19.12 -16.57 -14.90
C LEU B 84 -18.80 -17.58 -15.97
N VAL B 85 -19.30 -18.79 -15.83
CA VAL B 85 -19.04 -19.78 -16.86
C VAL B 85 -20.34 -20.41 -17.31
N ASP B 86 -20.63 -20.49 -18.60
CA ASP B 86 -21.87 -21.16 -19.01
C ASP B 86 -21.38 -22.56 -19.22
N PRO B 87 -21.59 -23.44 -18.25
CA PRO B 87 -21.08 -24.80 -18.43
C PRO B 87 -21.50 -25.55 -19.68
N LYS B 88 -22.53 -25.02 -20.32
CA LYS B 88 -23.06 -25.63 -21.51
C LYS B 88 -22.18 -25.48 -22.69
N LYS B 89 -21.28 -24.52 -22.60
CA LYS B 89 -20.36 -24.31 -23.67
C LYS B 89 -18.97 -24.70 -23.27
N CYS B 90 -18.76 -24.93 -22.00
CA CYS B 90 -17.43 -25.26 -21.54
C CYS B 90 -16.90 -26.62 -22.02
N ILE B 91 -15.70 -26.60 -22.60
CA ILE B 91 -15.08 -27.81 -23.12
C ILE B 91 -13.93 -28.23 -22.20
N ALA B 92 -13.78 -27.52 -21.09
CA ALA B 92 -12.79 -27.89 -20.10
C ALA B 92 -11.39 -27.98 -20.71
N CYS B 93 -11.08 -26.94 -21.47
CA CYS B 93 -9.81 -26.87 -22.14
C CYS B 93 -8.76 -26.31 -21.21
N GLY B 94 -9.19 -25.62 -20.17
CA GLY B 94 -8.27 -25.11 -19.17
C GLY B 94 -7.55 -23.85 -19.53
N ALA B 95 -8.03 -23.20 -20.58
CA ALA B 95 -7.42 -21.99 -21.07
C ALA B 95 -7.55 -20.89 -20.05
N CYS B 96 -8.73 -20.86 -19.42
CA CYS B 96 -9.10 -19.88 -18.40
C CYS B 96 -8.28 -20.10 -17.12
N ILE B 97 -7.92 -21.36 -16.85
CA ILE B 97 -7.08 -21.64 -15.71
C ILE B 97 -5.68 -21.11 -16.03
N ALA B 98 -5.16 -21.40 -17.21
CA ALA B 98 -3.85 -20.89 -17.62
C ALA B 98 -3.79 -19.36 -17.51
N ALA B 99 -4.88 -18.71 -17.90
CA ALA B 99 -5.00 -17.26 -17.90
C ALA B 99 -5.33 -16.59 -16.57
N CYS B 100 -6.00 -17.26 -15.63
CA CYS B 100 -6.28 -16.58 -14.36
C CYS B 100 -5.01 -16.45 -13.52
N PRO B 101 -4.62 -15.22 -13.13
CA PRO B 101 -3.39 -15.16 -12.33
C PRO B 101 -3.54 -15.49 -10.86
N TYR B 102 -4.73 -15.89 -10.45
CA TYR B 102 -5.01 -16.04 -9.06
C TYR B 102 -5.37 -17.40 -8.53
N ASP B 103 -5.13 -18.43 -9.32
CA ASP B 103 -5.51 -19.82 -9.00
C ASP B 103 -6.93 -19.87 -8.51
N ALA B 104 -7.80 -19.10 -9.15
CA ALA B 104 -9.21 -19.01 -8.77
C ALA B 104 -10.11 -20.03 -9.42
N ARG B 105 -9.65 -20.69 -10.45
CA ARG B 105 -10.50 -21.67 -11.09
C ARG B 105 -10.02 -23.11 -11.12
N TYR B 106 -10.99 -24.00 -11.24
CA TYR B 106 -10.65 -25.38 -11.29
C TYR B 106 -11.56 -26.12 -12.20
N LEU B 107 -11.15 -27.35 -12.45
CA LEU B 107 -11.94 -28.25 -13.23
C LEU B 107 -12.81 -28.96 -12.22
N HIS B 108 -14.10 -28.75 -12.38
CA HIS B 108 -15.06 -29.37 -11.53
C HIS B 108 -15.12 -30.78 -12.11
N PRO B 109 -15.37 -31.79 -11.29
CA PRO B 109 -15.42 -33.16 -11.79
C PRO B 109 -16.56 -33.51 -12.75
N ALA B 110 -17.52 -32.60 -12.93
CA ALA B 110 -18.64 -32.78 -13.85
C ALA B 110 -18.23 -32.50 -15.30
N GLY B 111 -16.97 -32.15 -15.49
CA GLY B 111 -16.48 -31.93 -16.83
C GLY B 111 -16.36 -30.52 -17.31
N TYR B 112 -16.57 -29.57 -16.42
CA TYR B 112 -16.45 -28.19 -16.80
C TYR B 112 -15.72 -27.35 -15.80
N VAL B 113 -15.37 -26.17 -16.17
CA VAL B 113 -14.58 -25.44 -15.21
C VAL B 113 -15.43 -24.60 -14.29
N SER B 114 -15.02 -24.44 -13.05
CA SER B 114 -15.77 -23.72 -12.06
C SER B 114 -14.94 -22.78 -11.23
N LYS B 115 -15.66 -22.06 -10.38
CA LYS B 115 -15.02 -21.04 -9.60
C LYS B 115 -16.02 -20.13 -9.03
N CYS B 116 -15.55 -19.38 -8.06
CA CYS B 116 -16.41 -18.44 -7.36
C CYS B 116 -17.27 -17.68 -8.32
N THR B 117 -18.51 -17.64 -7.95
CA THR B 117 -19.59 -17.12 -8.73
C THR B 117 -20.17 -15.81 -8.25
N PHE B 118 -19.56 -15.23 -7.24
CA PHE B 118 -20.15 -14.10 -6.51
C PHE B 118 -21.56 -14.45 -6.09
N CYS B 119 -21.83 -15.74 -5.99
CA CYS B 119 -23.16 -16.21 -5.56
C CYS B 119 -24.21 -15.55 -6.36
N ALA B 120 -24.03 -15.67 -7.65
CA ALA B 120 -24.92 -15.12 -8.62
C ALA B 120 -26.31 -15.64 -8.32
N HIS B 121 -26.39 -16.89 -7.88
CA HIS B 121 -27.66 -17.47 -7.58
C HIS B 121 -28.36 -16.66 -6.45
N ARG B 122 -27.61 -16.26 -5.45
CA ARG B 122 -28.20 -15.45 -4.41
C ARG B 122 -28.42 -14.01 -4.84
N LEU B 123 -27.56 -13.50 -5.72
CA LEU B 123 -27.61 -12.10 -6.12
C LEU B 123 -28.82 -11.71 -6.89
N GLU B 124 -29.20 -12.65 -7.71
CA GLU B 124 -30.32 -12.57 -8.60
C GLU B 124 -31.56 -12.56 -7.74
N LYS B 125 -31.57 -13.32 -6.65
CA LYS B 125 -32.76 -13.21 -5.84
C LYS B 125 -32.61 -12.22 -4.70
N GLY B 126 -31.74 -11.23 -4.87
CA GLY B 126 -31.60 -10.18 -3.87
C GLY B 126 -30.91 -10.47 -2.56
N LYS B 127 -30.12 -11.53 -2.52
CA LYS B 127 -29.38 -11.87 -1.32
C LYS B 127 -27.90 -11.50 -1.47
N VAL B 128 -27.19 -11.50 -0.35
CA VAL B 128 -25.77 -11.24 -0.35
C VAL B 128 -25.13 -12.60 -0.35
N PRO B 129 -23.91 -12.71 -0.88
CA PRO B 129 -23.20 -13.98 -0.93
C PRO B 129 -22.98 -14.67 0.40
N ALA B 130 -22.92 -16.00 0.33
CA ALA B 130 -22.69 -16.89 1.46
C ALA B 130 -21.47 -16.49 2.28
N CYS B 131 -20.33 -16.22 1.65
CA CYS B 131 -19.16 -15.78 2.43
C CYS B 131 -19.47 -14.56 3.27
N VAL B 132 -20.22 -13.64 2.67
CA VAL B 132 -20.54 -12.35 3.26
C VAL B 132 -21.48 -12.45 4.45
N GLU B 133 -22.48 -13.31 4.33
CA GLU B 133 -23.44 -13.50 5.39
C GLU B 133 -22.77 -14.17 6.61
N THR B 134 -22.14 -15.40 6.41
CA THR B 134 -21.44 -16.11 7.52
C THR B 134 -20.05 -15.54 7.67
N CYS B 135 -19.86 -14.66 8.63
CA CYS B 135 -18.58 -14.04 8.89
C CYS B 135 -18.66 -13.32 10.17
N PRO B 136 -18.13 -14.01 11.15
CA PRO B 136 -18.11 -13.56 12.50
C PRO B 136 -17.54 -12.19 12.61
N THR B 137 -16.44 -11.94 11.93
CA THR B 137 -15.78 -10.67 12.10
C THR B 137 -16.33 -9.47 11.34
N TYR B 138 -17.25 -9.71 10.41
CA TYR B 138 -17.83 -8.68 9.54
C TYR B 138 -16.77 -7.96 8.74
N CYS B 139 -15.79 -8.68 8.24
CA CYS B 139 -14.78 -7.97 7.50
C CYS B 139 -15.07 -7.93 6.00
N ARG B 140 -15.97 -8.78 5.49
CA ARG B 140 -16.32 -8.68 4.07
C ARG B 140 -17.58 -7.86 3.78
N THR B 141 -17.51 -7.13 2.68
CA THR B 141 -18.60 -6.29 2.27
C THR B 141 -18.73 -6.49 0.81
N PHE B 142 -19.95 -6.31 0.36
CA PHE B 142 -20.27 -6.54 -1.02
C PHE B 142 -21.23 -5.50 -1.48
N GLY B 143 -21.34 -5.34 -2.80
CA GLY B 143 -22.27 -4.39 -3.35
C GLY B 143 -21.96 -3.90 -4.73
N ASP B 144 -22.69 -2.85 -5.11
CA ASP B 144 -22.54 -2.19 -6.38
C ASP B 144 -21.56 -1.06 -6.01
N LEU B 145 -20.49 -1.05 -6.76
CA LEU B 145 -19.42 -0.15 -6.54
C LEU B 145 -19.89 1.25 -6.84
N GLU B 146 -20.89 1.33 -7.70
CA GLU B 146 -21.44 2.62 -8.14
C GLU B 146 -22.46 3.20 -7.21
N ASP B 147 -22.91 2.43 -6.24
CA ASP B 147 -23.88 3.00 -5.35
C ASP B 147 -23.11 3.40 -4.11
N PRO B 148 -23.08 4.71 -3.84
CA PRO B 148 -22.36 5.28 -2.69
C PRO B 148 -22.82 4.78 -1.35
N GLU B 149 -23.97 4.12 -1.37
CA GLU B 149 -24.56 3.62 -0.17
C GLU B 149 -24.24 2.18 0.11
N SER B 150 -23.86 1.46 -0.93
CA SER B 150 -23.66 0.06 -0.76
C SER B 150 -22.59 -0.25 0.24
N PRO B 151 -22.68 -1.41 0.86
CA PRO B 151 -21.63 -1.70 1.83
C PRO B 151 -20.17 -1.68 1.30
N VAL B 152 -19.88 -2.15 0.07
CA VAL B 152 -18.47 -2.12 -0.42
C VAL B 152 -18.03 -0.70 -0.61
N ALA B 153 -18.91 0.08 -1.16
CA ALA B 153 -18.59 1.46 -1.45
C ALA B 153 -18.17 2.19 -0.21
N LYS B 154 -18.93 1.95 0.85
CA LYS B 154 -18.69 2.54 2.16
C LYS B 154 -17.38 2.04 2.73
N ALA B 155 -17.21 0.72 2.72
CA ALA B 155 -16.01 0.07 3.21
C ALA B 155 -14.77 0.67 2.58
N LEU B 156 -14.78 0.79 1.24
CA LEU B 156 -13.66 1.38 0.49
C LEU B 156 -13.50 2.82 0.89
N LYS B 157 -14.60 3.54 0.97
CA LYS B 157 -14.51 4.93 1.40
C LYS B 157 -13.88 5.05 2.80
N ALA B 158 -14.14 4.11 3.69
CA ALA B 158 -13.59 4.26 5.04
C ALA B 158 -12.26 3.65 5.30
N ALA B 159 -11.73 2.97 4.29
CA ALA B 159 -10.45 2.29 4.41
C ALA B 159 -9.22 3.17 4.53
N GLU B 160 -8.25 2.74 5.32
CA GLU B 160 -6.97 3.38 5.49
C GLU B 160 -6.11 3.04 4.24
N ARG B 161 -6.18 1.83 3.73
CA ARG B 161 -5.47 1.52 2.48
C ARG B 161 -6.31 0.54 1.72
N VAL B 162 -6.12 0.49 0.40
CA VAL B 162 -6.81 -0.46 -0.43
C VAL B 162 -5.79 -1.16 -1.31
N ASP B 163 -5.84 -2.50 -1.36
CA ASP B 163 -4.94 -3.32 -2.17
C ASP B 163 -5.63 -4.43 -2.91
N VAL B 164 -4.93 -4.94 -3.89
CA VAL B 164 -5.51 -5.87 -4.80
C VAL B 164 -4.33 -6.76 -5.14
N LEU B 165 -4.61 -8.01 -5.46
CA LEU B 165 -3.55 -8.93 -5.74
C LEU B 165 -3.03 -8.72 -7.13
N ARG B 166 -1.74 -8.98 -7.31
CA ARG B 166 -1.04 -8.79 -8.58
C ARG B 166 -1.68 -7.68 -9.41
N PRO B 167 -1.58 -6.43 -8.94
CA PRO B 167 -2.18 -5.34 -9.69
C PRO B 167 -1.52 -5.12 -11.03
N GLU B 168 -0.28 -5.57 -11.14
CA GLU B 168 0.47 -5.40 -12.36
C GLU B 168 0.09 -6.31 -13.52
N GLN B 169 -0.80 -7.27 -13.30
CA GLN B 169 -1.34 -8.00 -14.46
C GLN B 169 -2.33 -6.90 -14.71
N GLY B 170 -3.22 -6.89 -15.66
CA GLY B 170 -3.96 -5.64 -15.59
C GLY B 170 -5.38 -5.97 -15.44
N THR B 171 -5.66 -6.86 -14.54
CA THR B 171 -6.98 -7.36 -14.52
C THR B 171 -8.04 -6.56 -13.85
N ARG B 172 -7.64 -5.54 -13.09
CA ARG B 172 -8.61 -4.75 -12.35
C ARG B 172 -9.56 -5.61 -11.51
N PRO B 173 -9.02 -6.22 -10.45
CA PRO B 173 -9.80 -7.07 -9.56
C PRO B 173 -10.92 -6.25 -8.94
N LYS B 174 -11.99 -6.93 -8.62
CA LYS B 174 -13.05 -6.24 -7.96
C LYS B 174 -13.22 -6.86 -6.59
N LEU B 175 -12.11 -7.27 -5.99
CA LEU B 175 -12.10 -7.78 -4.64
C LEU B 175 -10.92 -7.03 -4.09
N PHE B 176 -11.30 -6.17 -3.17
CA PHE B 176 -10.47 -5.21 -2.54
C PHE B 176 -10.14 -5.58 -1.15
N TYR B 177 -8.87 -5.44 -0.84
CA TYR B 177 -8.41 -5.72 0.48
C TYR B 177 -8.19 -4.42 1.17
N LEU B 178 -8.80 -4.31 2.34
CA LEU B 178 -8.68 -3.13 3.12
C LEU B 178 -7.69 -3.26 4.27
N ASN B 179 -7.09 -2.14 4.58
CA ASN B 179 -6.21 -2.04 5.69
C ASN B 179 -5.25 -3.19 5.96
N ALA B 180 -4.51 -3.62 4.94
CA ALA B 180 -3.52 -4.66 5.11
C ALA B 180 -2.61 -4.41 6.30
N PRO B 181 -2.35 -5.44 7.11
CA PRO B 181 -1.51 -5.44 8.31
C PRO B 181 -0.09 -5.00 8.12
N SER B 182 0.52 -5.45 7.05
CA SER B 182 1.90 -5.08 6.81
C SER B 182 2.04 -3.73 6.10
N LYS B 183 2.95 -2.87 6.56
CA LYS B 183 3.15 -1.55 5.98
C LYS B 183 3.44 -1.55 4.51
N LYS B 184 4.10 -2.62 4.08
CA LYS B 184 4.51 -2.79 2.71
C LYS B 184 3.44 -3.37 1.86
N GLY B 185 2.32 -3.65 2.47
CA GLY B 185 1.21 -4.15 1.70
C GLY B 185 0.99 -5.63 1.71
N LEU B 186 0.17 -6.06 0.76
CA LEU B 186 -0.12 -7.47 0.70
C LEU B 186 1.19 -8.20 0.58
N THR B 187 1.23 -9.28 1.31
CA THR B 187 2.33 -10.21 1.35
C THR B 187 2.54 -10.98 0.00
N ARG B 188 3.79 -11.16 -0.44
CA ARG B 188 4.04 -11.95 -1.65
C ARG B 188 5.06 -12.99 -1.24
N GLU B 189 5.08 -14.10 -1.96
CA GLU B 189 6.03 -15.16 -1.64
C GLU B 189 7.43 -14.68 -1.94
N SER B 190 7.55 -13.84 -2.95
CA SER B 190 8.82 -13.26 -3.37
C SER B 190 9.48 -12.42 -2.29
N GLU B 191 8.71 -11.81 -1.38
CA GLU B 191 9.36 -11.03 -0.33
C GLU B 191 9.73 -11.97 0.82
N VAL B 192 9.60 -13.28 0.63
CA VAL B 192 10.04 -14.21 1.66
C VAL B 192 11.44 -14.70 1.25
N HIS B 193 12.12 -15.43 2.15
CA HIS B 193 13.50 -15.92 1.95
C HIS B 193 14.38 -15.33 0.84
N HIS B 194 15.12 -14.39 1.20
N ALA C 2 1.91 -18.68 3.15
CA ALA C 2 2.79 -19.78 3.59
C ALA C 2 1.88 -20.93 4.08
N GLU C 3 0.90 -20.63 4.95
CA GLU C 3 -0.09 -21.61 5.43
C GLU C 3 -1.47 -21.32 4.80
N PHE C 4 -2.24 -22.35 4.53
CA PHE C 4 -3.58 -22.13 3.99
C PHE C 4 -4.67 -22.86 4.73
N TYR C 5 -5.90 -22.44 4.48
CA TYR C 5 -7.07 -23.17 4.91
C TYR C 5 -7.70 -23.39 3.56
N GLY C 6 -7.71 -24.65 3.24
CA GLY C 6 -8.12 -25.06 1.94
C GLY C 6 -6.78 -24.86 1.23
N LEU C 7 -6.88 -24.68 -0.07
CA LEU C 7 -5.74 -24.49 -0.97
C LEU C 7 -6.13 -23.74 -2.22
N PRO C 8 -5.17 -23.00 -2.81
CA PRO C 8 -5.48 -22.29 -4.05
C PRO C 8 -5.44 -23.41 -5.05
N ASN C 9 -6.11 -23.19 -6.17
CA ASN C 9 -6.14 -24.17 -7.24
C ASN C 9 -4.95 -23.95 -8.14
N ALA C 10 -3.78 -24.30 -7.62
CA ALA C 10 -2.54 -24.09 -8.34
C ALA C 10 -1.89 -25.32 -8.89
N GLN C 11 -2.69 -26.35 -9.07
CA GLN C 11 -2.18 -27.59 -9.60
C GLN C 11 -2.17 -27.61 -11.10
N GLU C 12 -1.37 -28.51 -11.63
CA GLU C 12 -1.21 -28.70 -13.04
C GLU C 12 -2.56 -28.88 -13.72
N PHE C 13 -2.87 -28.02 -14.70
CA PHE C 13 -4.12 -28.08 -15.42
C PHE C 13 -3.93 -28.76 -16.76
N TRP C 14 -2.69 -28.84 -17.24
CA TRP C 14 -2.39 -29.48 -18.53
C TRP C 14 -1.37 -30.55 -18.24
N HIS C 15 -1.79 -31.79 -18.42
CA HIS C 15 -1.04 -32.98 -18.06
C HIS C 15 -0.14 -33.51 -19.17
N TRP C 16 0.46 -34.64 -18.86
CA TRP C 16 1.32 -35.31 -19.85
C TRP C 16 0.50 -35.54 -21.08
N THR C 17 -0.77 -35.74 -20.88
CA THR C 17 -1.76 -35.99 -21.91
C THR C 17 -1.81 -34.83 -22.92
N ASN C 18 -1.94 -33.67 -22.38
CA ASN C 18 -1.99 -32.53 -23.21
C ASN C 18 -0.64 -32.17 -23.83
N ALA C 19 0.44 -32.40 -23.10
CA ALA C 19 1.79 -32.13 -23.62
C ALA C 19 2.01 -32.98 -24.86
N LEU C 20 1.40 -34.12 -24.86
CA LEU C 20 1.40 -35.02 -26.00
C LEU C 20 0.60 -34.29 -27.12
N HIS C 21 -0.58 -33.76 -26.80
CA HIS C 21 -1.33 -33.03 -27.82
C HIS C 21 -0.40 -31.95 -28.39
N PHE C 22 0.35 -31.32 -27.52
CA PHE C 22 1.24 -30.28 -27.97
C PHE C 22 2.30 -30.77 -28.92
N VAL C 23 2.87 -31.95 -28.68
CA VAL C 23 3.86 -32.45 -29.61
C VAL C 23 3.14 -32.78 -30.90
N LEU C 24 1.95 -33.33 -30.79
CA LEU C 24 1.25 -33.75 -31.99
C LEU C 24 0.75 -32.67 -32.91
N VAL C 25 0.10 -31.65 -32.36
CA VAL C 25 -0.40 -30.56 -33.18
C VAL C 25 0.79 -29.88 -33.92
N GLY C 26 2.00 -30.05 -33.36
CA GLY C 26 3.22 -29.53 -33.99
C GLY C 26 3.43 -30.28 -35.28
N LEU C 27 3.45 -31.60 -35.14
CA LEU C 27 3.53 -32.49 -36.25
C LEU C 27 2.42 -32.30 -37.21
N ALA C 28 1.20 -32.28 -36.69
CA ALA C 28 0.06 -32.11 -37.54
C ALA C 28 0.24 -30.90 -38.43
N GLY C 29 0.33 -29.75 -37.78
CA GLY C 29 0.42 -28.43 -38.43
C GLY C 29 1.58 -28.30 -39.42
N GLY C 30 2.76 -28.76 -39.01
CA GLY C 30 3.94 -28.73 -39.83
C GLY C 30 3.87 -29.74 -40.95
N VAL C 31 3.14 -30.84 -40.81
CA VAL C 31 3.07 -31.71 -41.96
C VAL C 31 2.05 -31.14 -42.96
N ALA C 32 1.04 -30.45 -42.43
CA ALA C 32 0.06 -29.78 -43.29
C ALA C 32 0.76 -28.66 -44.02
N LEU C 33 1.82 -28.11 -43.45
CA LEU C 33 2.56 -27.05 -44.13
C LEU C 33 3.34 -27.68 -45.27
N LEU C 34 3.97 -28.80 -44.99
CA LEU C 34 4.69 -29.56 -45.99
C LEU C 34 3.79 -29.94 -47.12
N ALA C 35 2.63 -30.51 -46.81
CA ALA C 35 1.72 -30.87 -47.88
C ALA C 35 1.30 -29.66 -48.71
N ALA C 36 1.11 -28.52 -48.07
CA ALA C 36 0.69 -27.31 -48.76
C ALA C 36 1.76 -26.80 -49.70
N LEU C 37 2.96 -26.68 -49.19
CA LEU C 37 4.10 -26.24 -49.95
C LEU C 37 4.43 -27.23 -51.06
N LEU C 38 4.07 -28.50 -50.87
CA LEU C 38 4.32 -29.49 -51.90
C LEU C 38 3.30 -29.34 -52.99
N HIS C 39 2.03 -29.23 -52.64
CA HIS C 39 1.06 -29.00 -53.66
C HIS C 39 1.40 -27.78 -54.43
N LEU C 40 2.03 -26.85 -53.73
CA LEU C 40 2.29 -25.57 -54.38
C LEU C 40 3.50 -25.67 -55.32
N LYS C 41 4.47 -26.57 -55.09
CA LYS C 41 5.57 -26.73 -56.04
C LYS C 41 5.10 -27.70 -57.08
N GLY C 42 3.88 -28.19 -56.94
CA GLY C 42 3.39 -29.17 -57.88
C GLY C 42 4.17 -30.48 -57.76
N ASP C 43 4.89 -30.69 -56.64
CA ASP C 43 5.67 -31.92 -56.43
C ASP C 43 4.72 -33.09 -56.21
N ALA C 44 5.14 -34.26 -56.70
CA ALA C 44 4.37 -35.49 -56.67
C ALA C 44 4.01 -36.03 -55.28
N GLU C 45 4.87 -35.75 -54.31
CA GLU C 45 4.68 -36.20 -52.93
C GLU C 45 3.62 -35.42 -52.21
N ALA C 46 3.04 -34.45 -52.88
CA ALA C 46 2.07 -33.60 -52.24
C ALA C 46 0.87 -34.37 -51.77
N ARG C 47 0.64 -35.50 -52.40
CA ARG C 47 -0.57 -36.23 -52.13
C ARG C 47 -0.58 -37.04 -50.87
N ARG C 48 0.53 -37.69 -50.58
CA ARG C 48 0.62 -38.49 -49.40
C ARG C 48 0.99 -37.61 -48.25
N TYR C 49 1.62 -36.47 -48.48
CA TYR C 49 1.87 -35.64 -47.32
C TYR C 49 0.54 -35.09 -46.88
N THR C 50 -0.38 -34.95 -47.80
CA THR C 50 -1.71 -34.45 -47.44
C THR C 50 -2.44 -35.52 -46.64
N LEU C 51 -2.25 -36.75 -47.04
CA LEU C 51 -2.92 -37.79 -46.29
C LEU C 51 -2.52 -37.76 -44.83
N TYR C 52 -1.20 -37.65 -44.59
CA TYR C 52 -0.52 -37.60 -43.29
C TYR C 52 -0.88 -36.40 -42.40
N ALA C 53 -0.97 -35.27 -43.08
CA ALA C 53 -1.36 -34.09 -42.38
C ALA C 53 -2.79 -34.28 -41.95
N LEU C 54 -3.54 -34.98 -42.77
CA LEU C 54 -4.93 -35.25 -42.42
C LEU C 54 -4.96 -36.22 -41.27
N MET C 55 -4.07 -37.18 -41.29
CA MET C 55 -4.05 -38.23 -40.26
C MET C 55 -3.63 -37.69 -38.93
N LEU C 56 -2.59 -36.87 -38.96
CA LEU C 56 -2.09 -36.26 -37.76
C LEU C 56 -3.09 -35.23 -37.29
N ILE C 57 -3.90 -34.66 -38.19
CA ILE C 57 -4.90 -33.70 -37.76
C ILE C 57 -5.98 -34.49 -37.07
N ALA C 58 -6.31 -35.64 -37.64
CA ALA C 58 -7.32 -36.50 -37.07
C ALA C 58 -6.84 -37.02 -35.70
N LEU C 59 -5.59 -37.53 -35.68
CA LEU C 59 -5.02 -38.04 -34.43
C LEU C 59 -4.95 -36.95 -33.39
N ASP C 60 -4.72 -35.71 -33.81
CA ASP C 60 -4.65 -34.68 -32.82
C ASP C 60 -6.02 -34.23 -32.36
N LEU C 61 -7.01 -34.14 -33.24
CA LEU C 61 -8.32 -33.78 -32.76
C LEU C 61 -8.84 -34.93 -31.89
N PHE C 62 -8.52 -36.17 -32.25
CA PHE C 62 -8.97 -37.29 -31.43
C PHE C 62 -8.35 -37.23 -30.04
N ILE C 63 -7.05 -36.94 -29.90
CA ILE C 63 -6.59 -36.93 -28.51
C ILE C 63 -6.93 -35.57 -27.82
N LEU C 64 -7.34 -34.51 -28.54
CA LEU C 64 -7.79 -33.25 -27.91
C LEU C 64 -9.16 -33.53 -27.29
N TRP C 65 -9.88 -34.43 -27.94
CA TRP C 65 -11.20 -34.77 -27.49
C TRP C 65 -11.14 -35.90 -26.44
N ALA C 66 -10.27 -36.87 -26.67
CA ALA C 66 -10.16 -38.01 -25.75
C ALA C 66 -9.53 -37.65 -24.41
N GLU C 67 -9.02 -36.44 -24.34
CA GLU C 67 -8.37 -36.03 -23.13
C GLU C 67 -9.16 -34.91 -22.45
N SER C 68 -10.25 -34.54 -23.10
CA SER C 68 -11.06 -33.48 -22.57
C SER C 68 -12.00 -33.98 -21.48
N PRO C 69 -11.99 -33.30 -20.34
CA PRO C 69 -12.87 -33.68 -19.26
C PRO C 69 -14.31 -33.59 -19.75
N ALA C 70 -14.55 -32.84 -20.82
CA ALA C 70 -15.89 -32.69 -21.32
C ALA C 70 -16.07 -33.49 -22.60
N ARG C 71 -15.29 -34.56 -22.67
CA ARG C 71 -15.30 -35.43 -23.83
C ARG C 71 -16.66 -36.05 -24.07
N PHE C 72 -17.43 -36.31 -23.03
CA PHE C 72 -18.76 -36.91 -23.25
C PHE C 72 -19.89 -35.92 -23.05
N ARG C 73 -19.58 -34.66 -22.75
CA ARG C 73 -20.61 -33.65 -22.60
C ARG C 73 -20.95 -33.04 -23.94
N PHE C 74 -20.12 -33.37 -24.95
CA PHE C 74 -20.27 -32.89 -26.33
C PHE C 74 -20.57 -31.43 -26.40
N THR C 75 -19.60 -30.66 -25.97
CA THR C 75 -19.70 -29.23 -26.01
C THR C 75 -18.73 -28.65 -27.05
N HIS C 76 -17.86 -29.45 -27.62
CA HIS C 76 -16.92 -28.87 -28.59
C HIS C 76 -17.60 -28.31 -29.80
N ILE C 77 -18.87 -28.64 -29.93
CA ILE C 77 -19.56 -28.06 -31.02
C ILE C 77 -19.50 -26.51 -30.95
N TRP C 78 -19.45 -25.95 -29.73
CA TRP C 78 -19.43 -24.50 -29.56
C TRP C 78 -18.17 -23.85 -30.06
N LEU C 79 -17.16 -24.66 -30.21
CA LEU C 79 -15.91 -24.23 -30.78
C LEU C 79 -16.16 -23.68 -32.16
N PHE C 80 -17.16 -24.29 -32.80
CA PHE C 80 -17.52 -24.03 -34.17
C PHE C 80 -18.76 -23.25 -34.45
N LEU C 81 -19.45 -22.85 -33.41
CA LEU C 81 -20.64 -22.08 -33.62
C LEU C 81 -20.45 -20.70 -33.07
N SER C 82 -19.25 -20.30 -32.84
CA SER C 82 -19.07 -18.96 -32.33
C SER C 82 -17.79 -18.37 -32.87
N PHE C 83 -17.61 -17.13 -32.59
CA PHE C 83 -16.51 -16.39 -33.05
C PHE C 83 -15.70 -15.83 -31.90
N HIS C 84 -14.54 -16.45 -31.62
CA HIS C 84 -13.69 -15.99 -30.52
C HIS C 84 -12.28 -15.77 -31.02
N PRO C 85 -12.13 -14.67 -31.79
CA PRO C 85 -10.85 -14.32 -32.42
C PRO C 85 -9.73 -14.05 -31.46
N THR C 86 -10.04 -13.74 -30.20
CA THR C 86 -9.03 -13.43 -29.17
C THR C 86 -8.46 -14.68 -28.53
N SER C 87 -9.04 -15.82 -28.91
CA SER C 87 -8.65 -17.04 -28.21
C SER C 87 -7.77 -18.01 -29.01
N PRO C 88 -6.51 -18.25 -28.60
CA PRO C 88 -5.70 -19.12 -29.43
C PRO C 88 -6.30 -20.48 -29.71
N ILE C 89 -6.94 -21.07 -28.71
CA ILE C 89 -7.53 -22.37 -28.92
C ILE C 89 -8.65 -22.31 -29.93
N TRP C 90 -9.31 -21.18 -30.04
CA TRP C 90 -10.36 -21.05 -31.01
C TRP C 90 -9.70 -21.03 -32.39
N TRP C 91 -8.64 -20.24 -32.53
CA TRP C 91 -7.92 -20.22 -33.78
C TRP C 91 -7.51 -21.62 -34.09
N GLY C 92 -6.88 -22.29 -33.17
CA GLY C 92 -6.39 -23.65 -33.38
C GLY C 92 -7.45 -24.62 -33.87
N ALA C 93 -8.67 -24.46 -33.36
CA ALA C 93 -9.75 -25.34 -33.74
C ALA C 93 -10.19 -25.14 -35.18
N TRP C 94 -10.24 -23.88 -35.58
CA TRP C 94 -10.64 -23.56 -36.91
C TRP C 94 -9.53 -23.84 -37.93
N GLY C 95 -8.27 -23.64 -37.58
CA GLY C 95 -7.15 -23.85 -38.52
C GLY C 95 -7.00 -25.32 -38.93
N LEU C 96 -6.92 -26.16 -37.92
CA LEU C 96 -6.84 -27.60 -38.07
C LEU C 96 -8.09 -28.08 -38.82
N GLY C 97 -9.24 -27.81 -38.21
CA GLY C 97 -10.54 -28.19 -38.74
C GLY C 97 -10.69 -27.88 -40.21
N LEU C 98 -10.62 -26.57 -40.57
CA LEU C 98 -10.70 -26.16 -41.99
C LEU C 98 -9.50 -26.69 -42.75
N GLY C 99 -8.36 -26.81 -42.09
CA GLY C 99 -7.18 -27.32 -42.74
C GLY C 99 -7.36 -28.80 -43.09
N PHE C 100 -8.28 -29.44 -42.39
CA PHE C 100 -8.54 -30.85 -42.62
C PHE C 100 -9.58 -31.02 -43.73
N LEU C 101 -10.43 -30.00 -43.90
CA LEU C 101 -11.40 -30.03 -45.01
C LEU C 101 -10.61 -29.67 -46.28
N THR C 102 -9.89 -28.55 -46.16
CA THR C 102 -9.08 -28.09 -47.27
C THR C 102 -8.19 -29.22 -47.75
N GLY C 103 -7.53 -29.92 -46.83
CA GLY C 103 -6.67 -31.03 -47.21
C GLY C 103 -7.47 -32.27 -47.55
N GLY C 104 -8.76 -32.25 -47.22
CA GLY C 104 -9.62 -33.36 -47.55
C GLY C 104 -9.93 -33.25 -49.02
N LEU C 105 -10.33 -32.05 -49.48
CA LEU C 105 -10.67 -31.88 -50.89
C LEU C 105 -9.48 -32.06 -51.82
N LEU C 106 -8.31 -31.69 -51.31
CA LEU C 106 -7.06 -31.83 -52.03
C LEU C 106 -6.81 -33.30 -52.34
N TYR C 107 -7.10 -34.10 -51.33
CA TYR C 107 -6.91 -35.50 -51.45
C TYR C 107 -7.91 -36.11 -52.43
N LEU C 108 -9.09 -35.53 -52.48
CA LEU C 108 -10.18 -36.02 -53.31
C LEU C 108 -10.37 -35.21 -54.56
N GLY C 109 -9.37 -34.44 -54.93
CA GLY C 109 -9.43 -33.65 -56.14
C GLY C 109 -10.85 -33.14 -56.42
N LYS C 110 -11.38 -32.32 -55.52
CA LYS C 110 -12.71 -31.73 -55.64
C LYS C 110 -12.67 -30.27 -55.10
N GLY C 111 -13.51 -29.31 -55.57
CA GLY C 111 -13.51 -27.98 -54.99
C GLY C 111 -12.23 -27.10 -55.21
N SER C 112 -11.65 -27.28 -56.41
CA SER C 112 -10.41 -26.53 -56.91
C SER C 112 -9.03 -27.15 -56.46
N GLN C 113 -7.86 -26.40 -56.55
CA GLN C 113 -6.51 -27.04 -56.17
C GLN C 113 -5.20 -26.31 -56.01
N ARG C 114 -5.18 -25.04 -56.02
CA ARG C 114 -4.05 -24.24 -55.77
C ARG C 114 -4.62 -23.36 -54.72
N ALA C 115 -5.88 -22.96 -55.05
CA ALA C 115 -6.71 -22.11 -54.20
C ALA C 115 -7.12 -22.84 -52.91
N LEU C 116 -6.90 -24.15 -52.98
CA LEU C 116 -7.04 -25.03 -51.88
C LEU C 116 -5.66 -25.26 -51.29
N ALA C 117 -4.60 -25.21 -52.10
CA ALA C 117 -3.28 -25.38 -51.51
C ALA C 117 -2.78 -24.15 -50.76
N TRP C 118 -3.30 -22.97 -51.10
CA TRP C 118 -2.93 -21.73 -50.43
C TRP C 118 -3.73 -21.65 -49.16
N ALA C 119 -4.96 -22.16 -49.24
CA ALA C 119 -5.80 -22.27 -48.07
C ALA C 119 -5.09 -23.17 -47.08
N LEU C 120 -4.70 -24.37 -47.52
CA LEU C 120 -4.00 -25.29 -46.63
C LEU C 120 -2.79 -24.56 -46.11
N LEU C 121 -2.22 -23.73 -46.93
CA LEU C 121 -1.09 -23.06 -46.40
C LEU C 121 -1.44 -22.13 -45.27
N VAL C 122 -2.52 -21.38 -45.42
CA VAL C 122 -2.89 -20.44 -44.39
C VAL C 122 -3.41 -21.09 -43.12
N PHE C 123 -4.12 -22.19 -43.28
CA PHE C 123 -4.65 -22.86 -42.12
C PHE C 123 -3.59 -23.61 -41.39
N SER C 124 -2.56 -24.01 -42.09
CA SER C 124 -1.50 -24.72 -41.44
C SER C 124 -0.59 -23.70 -40.74
N LEU C 125 -0.74 -22.43 -41.08
CA LEU C 125 0.07 -21.45 -40.39
C LEU C 125 -0.68 -21.08 -39.11
N VAL C 126 -2.01 -21.09 -39.19
CA VAL C 126 -2.83 -20.84 -38.03
C VAL C 126 -2.51 -21.95 -37.02
N ALA C 127 -2.57 -23.24 -37.44
CA ALA C 127 -2.32 -24.38 -36.56
C ALA C 127 -0.88 -24.51 -35.98
N LEU C 128 0.08 -23.91 -36.65
CA LEU C 128 1.49 -23.94 -36.23
C LEU C 128 1.76 -22.84 -35.25
N SER C 129 0.89 -21.84 -35.33
CA SER C 129 0.97 -20.64 -34.57
C SER C 129 0.20 -20.63 -33.28
N TYR C 130 -0.90 -21.36 -33.24
CA TYR C 130 -1.74 -21.23 -32.05
C TYR C 130 -1.20 -21.84 -30.76
N PRO C 131 -0.40 -22.91 -30.81
CA PRO C 131 0.08 -23.49 -29.54
C PRO C 131 0.98 -22.55 -28.75
N GLY C 132 1.98 -21.95 -29.37
CA GLY C 132 2.85 -21.05 -28.64
C GLY C 132 2.07 -19.87 -28.10
N LEU C 133 1.00 -19.49 -28.80
CA LEU C 133 0.20 -18.38 -28.33
C LEU C 133 -0.78 -18.87 -27.25
N ALA C 134 -1.13 -20.14 -27.26
CA ALA C 134 -2.02 -20.67 -26.22
C ALA C 134 -1.26 -20.58 -24.90
N LEU C 135 0.06 -20.69 -24.97
CA LEU C 135 0.92 -20.56 -23.81
C LEU C 135 1.14 -19.09 -23.49
N ALA C 136 1.77 -18.40 -24.46
CA ALA C 136 2.25 -17.04 -24.39
C ALA C 136 1.26 -15.92 -24.06
N VAL C 137 -0.04 -16.14 -24.21
CA VAL C 137 -1.02 -15.11 -23.89
C VAL C 137 -1.24 -15.02 -22.39
N ASN C 138 -0.78 -16.02 -21.67
CA ASN C 138 -0.89 -16.11 -20.25
C ASN C 138 0.28 -15.45 -19.62
N LEU C 139 0.18 -14.14 -19.59
CA LEU C 139 1.19 -13.29 -19.09
C LEU C 139 1.42 -13.43 -17.59
N ASN C 140 0.60 -14.23 -16.94
CA ASN C 140 0.72 -14.44 -15.50
C ASN C 140 1.69 -15.59 -15.21
N ARG C 141 1.88 -16.42 -16.21
CA ARG C 141 2.77 -17.52 -16.14
C ARG C 141 4.15 -17.06 -16.59
N PRO C 142 5.10 -16.80 -15.68
CA PRO C 142 6.40 -16.29 -16.16
C PRO C 142 7.22 -17.14 -17.12
N LEU C 143 7.03 -18.45 -17.21
CA LEU C 143 7.85 -19.20 -18.15
C LEU C 143 7.28 -19.12 -19.57
N TRP C 144 6.00 -18.85 -19.71
CA TRP C 144 5.39 -18.80 -21.03
C TRP C 144 5.48 -17.46 -21.64
N ASN C 145 6.70 -17.01 -21.82
CA ASN C 145 6.85 -15.69 -22.33
C ASN C 145 6.76 -15.70 -23.84
N GLY C 146 7.01 -14.54 -24.41
CA GLY C 146 6.94 -14.32 -25.83
C GLY C 146 7.63 -15.35 -26.67
N LEU C 147 8.78 -15.87 -26.25
CA LEU C 147 9.53 -16.83 -27.06
C LEU C 147 8.75 -18.10 -27.35
N MET C 148 7.72 -18.35 -26.58
CA MET C 148 6.87 -19.51 -26.78
C MET C 148 6.19 -19.39 -28.13
N ALA C 149 5.98 -18.16 -28.53
CA ALA C 149 5.39 -17.91 -29.84
C ALA C 149 6.44 -18.13 -30.90
N GLY C 150 7.70 -18.26 -30.50
CA GLY C 150 8.77 -18.53 -31.45
C GLY C 150 9.21 -19.99 -31.39
N LEU C 151 9.31 -20.47 -30.15
CA LEU C 151 9.70 -21.84 -29.92
C LEU C 151 8.68 -22.83 -30.44
N PHE C 152 7.42 -22.50 -30.33
CA PHE C 152 6.50 -23.52 -30.73
C PHE C 152 6.39 -23.67 -32.25
N PRO C 153 6.34 -22.61 -33.05
CA PRO C 153 6.28 -22.77 -34.50
C PRO C 153 7.54 -23.44 -35.07
N LEU C 154 8.72 -23.04 -34.62
CA LEU C 154 9.95 -23.65 -35.12
C LEU C 154 10.08 -25.10 -34.73
N THR C 155 9.53 -25.44 -33.59
CA THR C 155 9.69 -26.77 -33.12
C THR C 155 8.74 -27.76 -33.82
N ALA C 156 7.60 -27.21 -34.26
CA ALA C 156 6.58 -27.95 -34.97
C ALA C 156 7.15 -28.31 -36.34
N LEU C 157 8.04 -27.46 -36.82
CA LEU C 157 8.68 -27.67 -38.10
C LEU C 157 9.77 -28.73 -37.96
N VAL C 158 10.56 -28.70 -36.89
CA VAL C 158 11.55 -29.74 -36.69
C VAL C 158 10.84 -31.10 -36.62
N LEU C 159 9.64 -31.15 -36.06
CA LEU C 159 8.91 -32.39 -35.97
C LEU C 159 8.44 -32.85 -37.33
N ALA C 160 7.85 -31.97 -38.12
CA ALA C 160 7.37 -32.36 -39.44
C ALA C 160 8.52 -32.79 -40.36
N LEU C 161 9.57 -31.99 -40.40
CA LEU C 161 10.69 -32.28 -41.28
C LEU C 161 11.50 -33.48 -40.81
N GLY C 162 11.52 -33.69 -39.50
CA GLY C 162 12.22 -34.81 -38.91
C GLY C 162 11.51 -36.09 -39.35
N LEU C 163 10.19 -36.02 -39.45
CA LEU C 163 9.34 -37.12 -39.86
C LEU C 163 9.52 -37.36 -41.36
N ALA C 164 9.46 -36.29 -42.13
CA ALA C 164 9.62 -36.29 -43.57
C ALA C 164 10.94 -36.97 -43.92
N ALA C 165 11.98 -36.71 -43.13
CA ALA C 165 13.31 -37.28 -43.37
C ALA C 165 13.41 -38.75 -42.98
N LEU C 166 12.57 -39.18 -42.06
CA LEU C 166 12.60 -40.58 -41.69
C LEU C 166 11.93 -41.36 -42.80
N LEU C 167 10.90 -40.73 -43.39
CA LEU C 167 10.16 -41.26 -44.54
C LEU C 167 11.00 -41.10 -45.81
N LYS C 168 12.24 -40.73 -45.61
CA LYS C 168 13.26 -40.60 -46.64
C LYS C 168 13.00 -39.55 -47.75
N SER C 169 12.17 -38.56 -47.49
CA SER C 169 12.00 -37.50 -48.46
C SER C 169 13.34 -36.77 -48.45
N PRO C 170 13.91 -36.62 -49.65
CA PRO C 170 15.26 -36.04 -49.84
C PRO C 170 15.42 -34.54 -49.47
N TRP C 171 14.36 -33.76 -49.71
CA TRP C 171 14.21 -32.32 -49.37
C TRP C 171 13.65 -32.22 -47.97
N ALA C 172 14.42 -31.90 -46.96
CA ALA C 172 13.89 -31.84 -45.61
C ALA C 172 15.06 -32.03 -44.67
N LEU C 173 16.04 -32.95 -45.04
CA LEU C 173 17.19 -33.13 -44.14
C LEU C 173 18.09 -31.93 -44.07
N PHE C 174 17.92 -30.97 -45.00
CA PHE C 174 18.67 -29.74 -44.95
C PHE C 174 17.77 -28.74 -44.17
N PRO C 175 16.50 -28.54 -44.57
CA PRO C 175 15.67 -27.64 -43.82
C PRO C 175 15.57 -28.12 -42.39
N LEU C 176 15.56 -29.43 -42.16
CA LEU C 176 15.49 -29.93 -40.80
C LEU C 176 16.69 -29.44 -39.98
N ARG C 177 17.87 -29.35 -40.57
CA ARG C 177 19.04 -28.92 -39.81
C ARG C 177 19.08 -27.42 -39.56
N VAL C 178 18.52 -26.66 -40.50
CA VAL C 178 18.43 -25.21 -40.42
C VAL C 178 17.44 -24.88 -39.31
N LEU C 179 16.25 -25.41 -39.44
CA LEU C 179 15.20 -25.19 -38.45
C LEU C 179 15.49 -25.79 -37.09
N ALA C 180 16.30 -26.84 -37.04
CA ALA C 180 16.65 -27.44 -35.78
C ALA C 180 17.76 -26.62 -35.12
N GLY C 181 18.57 -25.96 -35.93
CA GLY C 181 19.60 -25.09 -35.44
C GLY C 181 18.96 -23.85 -34.83
N ALA C 182 17.92 -23.36 -35.50
CA ALA C 182 17.16 -22.19 -35.08
C ALA C 182 16.52 -22.52 -33.72
N SER C 183 15.73 -23.60 -33.71
CA SER C 183 15.04 -24.04 -32.51
C SER C 183 16.01 -24.25 -31.36
N LEU C 184 17.15 -24.88 -31.61
CA LEU C 184 18.04 -25.13 -30.48
C LEU C 184 18.75 -23.89 -30.04
N LEU C 185 18.92 -22.97 -30.95
CA LEU C 185 19.58 -21.77 -30.50
C LEU C 185 18.58 -21.00 -29.62
N LEU C 186 17.33 -20.78 -30.08
CA LEU C 186 16.35 -20.06 -29.29
C LEU C 186 16.06 -20.81 -27.98
N ALA C 187 16.11 -22.14 -28.00
CA ALA C 187 15.86 -22.93 -26.78
C ALA C 187 16.95 -22.76 -25.75
N LEU C 188 18.17 -22.53 -26.23
CA LEU C 188 19.33 -22.33 -25.38
C LEU C 188 19.29 -20.92 -24.78
N LEU C 189 18.76 -19.98 -25.54
CA LEU C 189 18.69 -18.61 -25.06
C LEU C 189 17.41 -18.38 -24.31
N TYR C 190 16.52 -19.35 -24.35
CA TYR C 190 15.27 -19.17 -23.66
C TYR C 190 15.42 -18.85 -22.16
N PRO C 191 16.14 -19.65 -21.37
CA PRO C 191 16.27 -19.44 -19.92
C PRO C 191 16.87 -18.10 -19.57
N LEU C 192 17.64 -17.57 -20.49
CA LEU C 192 18.32 -16.30 -20.30
C LEU C 192 17.39 -15.11 -20.51
N THR C 193 16.21 -15.45 -20.96
CA THR C 193 15.18 -14.53 -21.29
C THR C 193 14.23 -14.38 -20.10
N LEU C 194 14.50 -15.15 -19.05
CA LEU C 194 13.56 -15.18 -17.95
C LEU C 194 14.01 -14.36 -16.75
N PRO C 195 13.05 -13.89 -15.94
CA PRO C 195 13.45 -13.26 -14.73
C PRO C 195 14.17 -14.32 -13.93
N PRO C 196 15.15 -13.94 -13.13
CA PRO C 196 15.99 -14.87 -12.34
C PRO C 196 15.25 -16.02 -11.62
N GLU C 197 14.18 -15.68 -10.91
CA GLU C 197 13.39 -16.64 -10.16
C GLU C 197 12.67 -17.65 -11.04
N ALA C 198 12.28 -17.22 -12.24
CA ALA C 198 11.62 -18.10 -13.20
C ALA C 198 12.67 -19.01 -13.85
N ARG C 199 13.84 -18.47 -14.18
CA ARG C 199 14.89 -19.31 -14.70
C ARG C 199 15.29 -20.34 -13.69
N GLY C 200 15.40 -19.89 -12.44
CA GLY C 200 15.76 -20.77 -11.35
C GLY C 200 14.69 -21.79 -11.13
N HIS C 201 13.45 -21.40 -11.39
CA HIS C 201 12.37 -22.34 -11.26
C HIS C 201 12.47 -23.36 -12.41
N LEU C 202 12.61 -22.91 -13.66
CA LEU C 202 12.81 -23.82 -14.79
C LEU C 202 14.00 -24.76 -14.50
N LEU C 203 15.14 -24.21 -14.07
CA LEU C 203 16.30 -25.08 -13.80
C LEU C 203 16.04 -26.08 -12.68
N GLU C 204 15.48 -25.66 -11.57
CA GLU C 204 15.20 -26.65 -10.54
C GLU C 204 14.27 -27.74 -11.05
N GLU C 205 13.08 -27.36 -11.52
CA GLU C 205 12.07 -28.34 -11.94
C GLU C 205 12.36 -29.12 -13.19
N ALA C 206 13.08 -28.51 -14.09
CA ALA C 206 13.45 -29.19 -15.29
C ALA C 206 14.93 -28.90 -15.49
N GLY C 207 15.30 -28.65 -16.75
CA GLY C 207 16.67 -28.35 -17.09
C GLY C 207 17.39 -29.65 -17.42
N PHE C 208 18.06 -30.20 -16.46
CA PHE C 208 18.73 -31.46 -16.69
C PHE C 208 18.06 -32.26 -17.80
N TRP C 209 16.72 -32.05 -17.95
CA TRP C 209 15.94 -32.64 -19.03
C TRP C 209 16.09 -31.76 -20.23
N TYR C 210 15.99 -30.49 -19.92
CA TYR C 210 16.12 -29.43 -20.88
C TYR C 210 17.50 -29.49 -21.52
N GLY C 211 18.51 -29.45 -20.67
CA GLY C 211 19.89 -29.50 -21.08
C GLY C 211 20.18 -30.81 -21.85
N LEU C 212 19.43 -31.86 -21.52
CA LEU C 212 19.57 -33.13 -22.23
C LEU C 212 18.91 -33.04 -23.59
N PHE C 213 17.84 -32.27 -23.68
CA PHE C 213 17.12 -32.11 -24.93
C PHE C 213 17.86 -31.19 -25.88
N LEU C 214 18.61 -30.25 -25.31
CA LEU C 214 19.49 -29.34 -26.05
C LEU C 214 20.62 -30.20 -26.61
N LEU C 215 21.32 -30.98 -25.76
CA LEU C 215 22.38 -31.82 -26.30
C LEU C 215 21.81 -32.77 -27.36
N LEU C 216 20.83 -33.56 -26.97
CA LEU C 216 20.21 -34.45 -27.94
C LEU C 216 20.08 -33.89 -29.34
N GLY C 217 19.37 -32.76 -29.42
CA GLY C 217 19.07 -32.13 -30.69
C GLY C 217 20.30 -31.80 -31.51
N LEU C 218 21.47 -31.83 -30.86
CA LEU C 218 22.74 -31.52 -31.52
C LEU C 218 23.16 -32.67 -32.43
N GLY C 219 22.56 -33.84 -32.21
CA GLY C 219 22.82 -35.02 -33.00
C GLY C 219 22.06 -34.88 -34.32
N THR C 220 21.35 -33.79 -34.53
CA THR C 220 20.69 -33.58 -35.79
C THR C 220 21.76 -33.16 -36.84
N PHE C 221 22.98 -32.76 -36.38
CA PHE C 221 24.05 -32.26 -37.26
C PHE C 221 25.23 -33.23 -37.43
N TRP C 222 25.09 -34.45 -36.86
CA TRP C 222 26.09 -35.53 -36.83
C TRP C 222 25.89 -36.67 -37.86
N GLN C 223 25.48 -37.85 -37.36
CA GLN C 223 25.25 -39.00 -38.21
C GLN C 223 23.89 -38.85 -38.89
N GLU C 224 23.89 -39.06 -40.22
CA GLU C 224 22.74 -38.99 -41.13
C GLU C 224 21.49 -39.65 -40.55
N ARG C 225 21.51 -40.93 -40.20
CA ARG C 225 20.21 -41.48 -39.75
C ARG C 225 19.93 -41.39 -38.23
N LEU C 226 20.72 -40.60 -37.48
CA LEU C 226 20.41 -40.37 -36.06
C LEU C 226 19.75 -38.97 -36.06
N ALA C 227 20.18 -38.17 -37.00
CA ALA C 227 19.75 -36.81 -37.14
C ALA C 227 18.25 -36.57 -37.05
N PRO C 228 17.36 -37.38 -37.70
CA PRO C 228 15.90 -37.08 -37.52
C PRO C 228 15.38 -37.54 -36.15
N TRP C 229 15.96 -38.60 -35.60
CA TRP C 229 15.45 -39.06 -34.33
C TRP C 229 15.80 -38.03 -33.30
N ALA C 230 17.08 -37.69 -33.25
CA ALA C 230 17.57 -36.70 -32.32
C ALA C 230 16.80 -35.38 -32.42
N GLY C 231 16.51 -34.94 -33.64
CA GLY C 231 15.81 -33.68 -33.89
C GLY C 231 14.34 -33.77 -33.44
N LEU C 232 13.75 -34.95 -33.66
CA LEU C 232 12.38 -35.19 -33.26
C LEU C 232 12.23 -35.23 -31.77
N LEU C 233 13.12 -35.99 -31.11
CA LEU C 233 13.06 -36.10 -29.67
C LEU C 233 13.45 -34.79 -29.01
N ALA C 234 14.35 -34.03 -29.58
CA ALA C 234 14.68 -32.76 -28.93
C ALA C 234 13.47 -31.84 -29.02
N ALA C 235 12.91 -31.72 -30.23
CA ALA C 235 11.79 -30.82 -30.45
C ALA C 235 10.53 -31.21 -29.66
N ALA C 236 10.32 -32.50 -29.43
CA ALA C 236 9.14 -32.96 -28.69
C ALA C 236 9.41 -32.91 -27.22
N GLY C 237 10.63 -33.24 -26.82
CA GLY C 237 10.97 -33.16 -25.47
C GLY C 237 10.83 -31.69 -25.07
N LEU C 238 11.36 -30.79 -25.90
CA LEU C 238 11.31 -29.39 -25.53
C LEU C 238 9.91 -28.84 -25.40
N ARG C 239 9.04 -29.23 -26.30
CA ARG C 239 7.66 -28.78 -26.29
C ARG C 239 6.88 -29.27 -25.08
N ALA C 240 7.07 -30.54 -24.73
CA ALA C 240 6.36 -31.10 -23.60
C ALA C 240 6.88 -30.55 -22.30
N LEU C 241 8.20 -30.37 -22.20
CA LEU C 241 8.80 -29.85 -20.97
C LEU C 241 8.35 -28.43 -20.71
N LEU C 242 8.20 -27.63 -21.75
CA LEU C 242 7.77 -26.26 -21.51
C LEU C 242 6.33 -26.20 -21.13
N VAL C 243 5.56 -27.16 -21.62
CA VAL C 243 4.15 -27.18 -21.32
C VAL C 243 3.88 -27.60 -19.87
N LEU C 244 4.67 -28.56 -19.39
CA LEU C 244 4.52 -29.04 -18.05
C LEU C 244 5.19 -28.11 -17.05
N ALA C 245 6.36 -27.62 -17.38
CA ALA C 245 7.08 -26.79 -16.42
C ALA C 245 6.62 -25.35 -16.35
N GLY C 246 5.83 -24.91 -17.33
CA GLY C 246 5.48 -23.49 -17.35
C GLY C 246 4.18 -23.13 -16.67
N GLN C 247 3.53 -24.13 -16.07
CA GLN C 247 2.25 -23.93 -15.38
C GLN C 247 2.50 -23.46 -13.99
N TRP C 248 3.02 -22.28 -13.86
CA TRP C 248 3.45 -21.78 -12.62
C TRP C 248 3.16 -20.31 -12.65
N GLN C 249 2.62 -19.79 -11.59
CA GLN C 249 2.26 -18.38 -11.47
C GLN C 249 3.30 -17.58 -10.77
N GLY C 250 3.87 -18.38 -9.89
CA GLY C 250 4.90 -18.19 -8.90
C GLY C 250 5.46 -16.81 -8.63
N LEU C 251 5.41 -16.49 -7.33
CA LEU C 251 6.20 -15.35 -6.87
C LEU C 251 7.52 -15.82 -6.16
N GLY C 252 8.06 -14.98 -5.42
N ALA D 30 37.77 17.95 -10.84
CA ALA D 30 36.88 18.91 -11.55
C ALA D 30 35.59 19.32 -10.80
N PRO D 31 35.17 18.60 -9.73
CA PRO D 31 33.95 19.09 -9.08
C PRO D 31 34.23 20.23 -8.13
N TRP D 32 33.36 21.23 -8.11
CA TRP D 32 33.60 22.36 -7.24
C TRP D 32 33.99 21.98 -5.81
N TYR D 33 33.47 20.88 -5.27
CA TYR D 33 33.79 20.57 -3.89
C TYR D 33 35.12 19.91 -3.60
N ALA D 34 35.94 19.33 -4.57
CA ALA D 34 37.27 18.70 -4.47
C ALA D 34 38.06 19.57 -5.51
N GLN D 35 38.19 20.86 -5.02
CA GLN D 35 38.75 22.18 -5.48
C GLN D 35 38.55 23.25 -4.37
N GLU D 36 39.05 24.42 -4.66
CA GLU D 36 38.99 25.67 -3.97
C GLU D 36 37.57 26.08 -3.61
N VAL D 37 37.40 26.37 -2.38
CA VAL D 37 36.13 26.76 -1.91
C VAL D 37 36.46 27.98 -1.04
N LYS D 38 35.52 28.88 -0.82
CA LYS D 38 35.62 30.01 0.11
C LYS D 38 34.20 30.10 0.49
N SER D 39 33.93 30.16 1.79
CA SER D 39 32.58 30.11 2.26
C SER D 39 32.10 31.26 3.10
N VAL D 40 31.34 32.18 2.52
CA VAL D 40 30.86 33.31 3.31
C VAL D 40 29.49 33.13 3.89
N TYR D 41 29.17 33.90 4.91
CA TYR D 41 27.82 33.85 5.38
C TYR D 41 27.11 34.79 4.41
N GLN D 42 25.95 34.39 3.93
CA GLN D 42 25.20 35.23 3.01
C GLN D 42 23.74 35.42 3.43
N ILE D 43 22.95 36.04 2.55
CA ILE D 43 21.51 36.23 2.75
C ILE D 43 20.90 36.00 1.39
N CYS D 44 19.85 35.20 1.32
CA CYS D 44 19.29 34.90 0.02
C CYS D 44 18.47 36.03 -0.58
N GLU D 45 18.76 36.40 -1.82
CA GLU D 45 17.94 37.40 -2.48
C GLU D 45 17.00 36.66 -3.43
N GLY D 46 16.62 35.43 -3.08
CA GLY D 46 15.75 34.68 -3.96
C GLY D 46 14.36 35.24 -3.94
N CYS D 47 13.95 35.78 -2.81
CA CYS D 47 12.64 36.39 -2.70
C CYS D 47 12.86 37.25 -1.49
N PHE D 48 11.82 37.83 -0.91
CA PHE D 48 12.02 38.73 0.22
C PHE D 48 12.00 38.13 1.58
N TRP D 49 12.07 36.82 1.61
CA TRP D 49 12.08 36.14 2.86
C TRP D 49 13.51 36.28 3.39
N ARG D 50 14.44 36.54 2.48
CA ARG D 50 15.85 36.73 2.77
C ARG D 50 16.37 35.72 3.84
N CYS D 51 16.34 34.45 3.47
CA CYS D 51 16.83 33.36 4.30
C CYS D 51 18.32 33.55 4.48
N GLY D 52 18.86 33.18 5.64
CA GLY D 52 20.29 33.32 5.89
C GLY D 52 20.95 32.10 5.29
N ILE D 53 22.03 32.30 4.57
CA ILE D 53 22.62 31.18 3.88
C ILE D 53 24.13 31.14 4.01
N VAL D 54 24.74 30.08 3.53
CA VAL D 54 26.19 30.04 3.46
C VAL D 54 26.41 29.89 1.95
N ALA D 55 27.33 30.68 1.43
CA ALA D 55 27.62 30.62 0.02
C ALA D 55 29.01 30.03 -0.13
N HIS D 56 29.16 29.05 -1.03
CA HIS D 56 30.42 28.37 -1.26
C HIS D 56 30.85 28.63 -2.67
N ALA D 57 31.94 29.38 -2.80
CA ALA D 57 32.44 29.75 -4.09
C ALA D 57 33.79 29.08 -4.31
N VAL D 58 34.16 28.98 -5.57
CA VAL D 58 35.44 28.44 -5.96
C VAL D 58 35.79 29.48 -7.00
N GLY D 59 36.68 30.39 -6.62
CA GLY D 59 37.01 31.49 -7.50
C GLY D 59 35.87 32.50 -7.37
N ASN D 60 35.36 32.95 -8.52
CA ASN D 60 34.25 33.90 -8.64
C ASN D 60 33.01 33.22 -9.15
N ARG D 61 32.57 32.21 -8.45
CA ARG D 61 31.41 31.48 -8.87
C ARG D 61 30.99 30.79 -7.62
N VAL D 62 29.78 31.08 -7.20
CA VAL D 62 29.24 30.48 -6.03
C VAL D 62 28.60 29.25 -6.64
N TYR D 63 29.04 28.07 -6.22
CA TYR D 63 28.50 26.83 -6.76
C TYR D 63 27.35 26.25 -5.97
N LYS D 64 27.35 26.47 -4.67
CA LYS D 64 26.30 25.93 -3.86
C LYS D 64 26.03 26.95 -2.79
N VAL D 65 24.79 26.97 -2.34
CA VAL D 65 24.41 27.86 -1.30
C VAL D 65 23.68 26.94 -0.30
N GLU D 66 23.76 27.24 0.99
CA GLU D 66 23.13 26.35 1.92
C GLU D 66 22.55 27.10 3.08
N GLY D 67 21.48 26.58 3.65
CA GLY D 67 20.91 27.22 4.81
C GLY D 67 21.85 26.91 5.96
N TYR D 68 21.70 27.56 7.10
CA TYR D 68 22.57 27.19 8.21
C TYR D 68 21.73 27.19 9.48
N GLU D 69 21.93 26.23 10.39
CA GLU D 69 21.20 26.34 11.62
C GLU D 69 21.86 27.49 12.33
N ALA D 70 21.13 28.18 13.17
CA ALA D 70 21.68 29.34 13.80
C ALA D 70 21.14 30.50 12.99
N ASN D 71 20.48 30.19 11.91
CA ASN D 71 19.79 31.23 11.20
C ASN D 71 18.35 30.83 11.37
N PRO D 72 17.55 31.59 12.11
CA PRO D 72 16.15 31.21 12.34
C PRO D 72 15.28 31.10 11.10
N LYS D 73 15.75 31.59 9.97
CA LYS D 73 14.93 31.53 8.76
C LYS D 73 15.25 30.29 7.97
N SER D 74 16.52 30.06 7.65
CA SER D 74 16.78 28.82 6.93
C SER D 74 17.00 27.54 7.76
N ARG D 75 17.46 27.66 9.00
CA ARG D 75 17.80 26.54 9.90
C ARG D 75 18.30 25.27 9.23
N GLY D 76 19.31 25.44 8.37
CA GLY D 76 19.89 24.34 7.66
C GLY D 76 19.28 23.99 6.31
N ARG D 77 18.05 24.43 6.09
CA ARG D 77 17.31 24.10 4.88
C ARG D 77 17.19 25.27 3.90
N LEU D 78 16.74 24.99 2.69
CA LEU D 78 16.60 26.05 1.73
C LEU D 78 15.53 25.70 0.76
N CYS D 79 14.91 26.67 0.11
CA CYS D 79 13.89 26.27 -0.84
C CYS D 79 14.54 26.12 -2.22
N PRO D 80 13.77 25.69 -3.22
CA PRO D 80 14.34 25.51 -4.56
C PRO D 80 14.95 26.74 -5.18
N ARG D 81 14.24 27.86 -5.04
CA ARG D 81 14.67 29.14 -5.58
C ARG D 81 15.95 29.62 -4.89
N GLY D 82 16.09 29.35 -3.60
CA GLY D 82 17.29 29.76 -2.93
C GLY D 82 18.48 28.96 -3.49
N GLN D 83 18.24 27.69 -3.79
CA GLN D 83 19.30 26.86 -4.26
C GLN D 83 19.70 27.23 -5.65
N GLY D 84 18.73 27.67 -6.44
CA GLY D 84 18.99 28.02 -7.82
C GLY D 84 19.24 29.49 -8.06
N ALA D 85 18.96 30.30 -7.04
CA ALA D 85 19.12 31.76 -7.11
C ALA D 85 20.50 32.13 -7.58
N PRO D 86 21.55 31.42 -7.17
CA PRO D 86 22.87 31.82 -7.67
C PRO D 86 23.03 31.96 -9.18
N GLN D 87 22.24 31.25 -9.97
CA GLN D 87 22.44 31.29 -11.40
C GLN D 87 22.40 32.64 -12.04
N THR D 88 21.57 33.55 -11.55
CA THR D 88 21.51 34.85 -12.20
C THR D 88 22.86 35.51 -12.30
N THR D 89 23.71 35.35 -11.30
CA THR D 89 25.05 35.88 -11.35
C THR D 89 25.83 35.31 -12.56
N TYR D 90 25.60 34.04 -12.86
CA TYR D 90 26.29 33.39 -13.94
C TYR D 90 25.35 33.21 -15.11
N ASP D 91 24.47 34.17 -15.29
CA ASP D 91 23.55 34.14 -16.41
C ASP D 91 24.27 34.87 -17.54
N PRO D 92 24.29 34.32 -18.77
CA PRO D 92 24.95 35.15 -19.78
C PRO D 92 23.93 36.32 -19.69
N ASP D 93 23.03 36.53 -20.65
CA ASP D 93 21.99 37.56 -20.54
C ASP D 93 21.94 38.62 -19.40
N ARG D 94 22.55 38.38 -18.23
CA ARG D 94 22.54 39.37 -17.13
C ARG D 94 23.11 40.72 -17.58
N LEU D 95 22.73 41.80 -16.90
CA LEU D 95 23.24 43.13 -17.26
C LEU D 95 24.64 43.31 -16.78
N LYS D 96 25.45 43.90 -17.65
CA LYS D 96 26.86 44.03 -17.41
C LYS D 96 27.51 45.37 -17.14
N ARG D 97 27.02 46.39 -17.84
CA ARG D 97 27.58 47.74 -17.80
C ARG D 97 26.43 48.72 -17.86
N PRO D 98 26.63 49.94 -17.37
CA PRO D 98 25.53 50.89 -17.46
C PRO D 98 25.16 51.12 -18.95
N LEU D 99 23.94 51.59 -19.21
CA LEU D 99 23.49 51.86 -20.60
C LEU D 99 22.65 53.13 -20.67
N ILE D 100 22.79 53.90 -21.75
CA ILE D 100 21.98 55.08 -21.85
C ILE D 100 21.21 55.03 -23.13
N ARG D 101 19.94 55.35 -23.03
CA ARG D 101 19.08 55.35 -24.18
C ARG D 101 19.68 56.26 -25.21
N VAL D 102 19.70 55.79 -26.44
CA VAL D 102 20.21 56.53 -27.58
C VAL D 102 19.30 57.74 -27.81
N GLU D 103 19.85 58.96 -27.72
CA GLU D 103 19.00 60.12 -27.90
C GLU D 103 18.26 60.09 -29.22
N GLY D 104 17.00 60.49 -29.18
CA GLY D 104 16.22 60.51 -30.38
C GLY D 104 15.39 59.27 -30.48
N SER D 105 15.77 58.21 -29.79
CA SER D 105 14.97 57.02 -29.90
C SER D 105 13.97 56.94 -28.80
N GLN D 106 12.87 56.39 -29.25
CA GLN D 106 11.64 56.14 -28.55
C GLN D 106 11.83 55.12 -27.42
N ARG D 107 11.26 55.41 -26.25
CA ARG D 107 11.39 54.57 -25.09
C ARG D 107 11.03 53.13 -25.43
N GLY D 108 9.92 52.90 -26.10
CA GLY D 108 9.68 51.53 -26.53
C GLY D 108 10.96 50.85 -27.05
N GLU D 109 11.42 51.22 -28.25
CA GLU D 109 12.62 50.70 -28.98
C GLU D 109 13.77 50.35 -28.06
N GLY D 110 14.74 49.55 -28.56
CA GLY D 110 15.70 49.08 -27.58
C GLY D 110 17.09 49.59 -27.74
N LYS D 111 17.22 50.82 -28.20
CA LYS D 111 18.52 51.34 -28.49
C LYS D 111 19.14 52.06 -27.35
N TYR D 112 20.26 51.49 -26.93
CA TYR D 112 21.05 51.94 -25.81
C TYR D 112 22.48 52.01 -26.23
N ARG D 113 23.26 52.74 -25.46
CA ARG D 113 24.67 52.79 -25.71
C ARG D 113 25.37 52.63 -24.40
N VAL D 114 26.49 51.91 -24.40
CA VAL D 114 27.13 51.71 -23.12
C VAL D 114 27.80 52.98 -22.60
N ALA D 115 27.50 53.20 -21.34
CA ALA D 115 27.95 54.36 -20.65
C ALA D 115 28.88 53.94 -19.56
N THR D 116 29.39 54.96 -18.91
CA THR D 116 30.34 54.77 -17.91
C THR D 116 29.54 54.89 -16.64
N TRP D 117 30.02 54.35 -15.54
CA TRP D 117 29.23 54.48 -14.34
C TRP D 117 29.07 55.96 -14.06
N GLU D 118 30.12 56.69 -14.37
CA GLU D 118 30.18 58.11 -14.13
C GLU D 118 29.26 58.88 -15.07
N GLU D 119 29.28 58.51 -16.32
CA GLU D 119 28.49 59.25 -17.24
C GLU D 119 27.02 59.00 -16.98
N ALA D 120 26.67 57.76 -16.62
CA ALA D 120 25.30 57.40 -16.31
C ALA D 120 24.81 58.12 -15.07
N LEU D 121 25.61 58.13 -14.02
CA LEU D 121 25.20 58.77 -12.80
C LEU D 121 25.01 60.29 -12.98
N ASP D 122 25.80 60.89 -13.86
CA ASP D 122 25.69 62.33 -14.11
C ASP D 122 24.48 62.65 -14.94
N HIS D 123 24.26 61.81 -15.93
CA HIS D 123 23.10 61.97 -16.78
C HIS D 123 21.81 61.95 -15.96
N ILE D 124 21.74 61.03 -14.99
CA ILE D 124 20.59 60.86 -14.10
C ILE D 124 20.44 62.03 -13.14
N ALA D 125 21.54 62.41 -12.51
CA ALA D 125 21.51 63.53 -11.57
C ALA D 125 21.14 64.83 -12.30
N LYS D 126 21.55 64.93 -13.56
CA LYS D 126 21.24 66.10 -14.38
C LYS D 126 19.72 66.21 -14.58
N LYS D 127 19.15 65.17 -15.16
CA LYS D 127 17.71 65.09 -15.40
C LYS D 127 16.80 65.23 -14.17
N MET D 128 17.28 64.69 -13.06
CA MET D 128 16.55 64.71 -11.80
C MET D 128 16.53 66.14 -11.29
N LEU D 129 17.67 66.82 -11.33
CA LEU D 129 17.68 68.20 -10.86
C LEU D 129 16.84 69.08 -11.81
N GLU D 130 16.87 68.84 -13.12
CA GLU D 130 16.02 69.62 -14.02
C GLU D 130 14.57 69.57 -13.51
N ILE D 131 14.05 68.35 -13.37
CA ILE D 131 12.70 68.06 -12.84
C ILE D 131 12.52 68.69 -11.44
N ARG D 132 13.54 68.60 -10.58
CA ARG D 132 13.43 69.19 -9.27
C ARG D 132 13.26 70.68 -9.40
N GLU D 133 14.12 71.29 -10.19
CA GLU D 133 14.04 72.73 -10.28
C GLU D 133 12.88 73.26 -11.13
N LYS D 134 12.03 72.38 -11.65
CA LYS D 134 10.94 72.79 -12.54
C LYS D 134 9.58 72.39 -12.04
N TYR D 135 9.58 71.27 -11.32
CA TYR D 135 8.39 70.67 -10.76
C TYR D 135 8.46 70.39 -9.26
N GLY D 136 9.66 70.30 -8.71
CA GLY D 136 9.76 69.93 -7.31
C GLY D 136 10.26 68.49 -7.23
N PRO D 137 10.78 68.07 -6.08
CA PRO D 137 11.29 66.70 -5.91
C PRO D 137 10.22 65.62 -6.07
N GLU D 138 9.06 65.89 -5.48
CA GLU D 138 7.88 65.03 -5.50
C GLU D 138 7.47 64.63 -6.90
N ALA D 139 8.10 65.20 -7.90
CA ALA D 139 7.72 64.81 -9.24
C ALA D 139 8.59 63.64 -9.68
N ILE D 140 9.45 63.11 -8.80
CA ILE D 140 10.16 61.88 -9.16
C ILE D 140 9.61 60.81 -8.25
N ALA D 141 9.18 59.73 -8.89
CA ALA D 141 8.65 58.59 -8.18
C ALA D 141 9.71 57.51 -8.15
N PHE D 142 9.76 56.86 -6.99
CA PHE D 142 10.72 55.81 -6.70
C PHE D 142 10.03 54.48 -6.42
N PHE D 143 10.08 53.57 -7.39
CA PHE D 143 9.46 52.28 -7.21
C PHE D 143 10.54 51.30 -6.95
N GLY D 144 10.35 50.46 -5.95
CA GLY D 144 11.40 49.49 -5.71
C GLY D 144 11.00 48.27 -4.93
N HIS D 145 11.88 47.29 -5.01
CA HIS D 145 11.72 46.06 -4.33
C HIS D 145 13.10 45.44 -4.07
N GLY D 146 13.20 44.49 -3.14
CA GLY D 146 14.50 43.90 -2.86
C GLY D 146 15.21 44.49 -1.64
N THR D 147 16.31 43.88 -1.23
CA THR D 147 17.03 44.40 -0.06
C THR D 147 17.51 45.83 -0.27
N GLY D 148 17.93 46.08 -1.51
CA GLY D 148 18.48 47.36 -1.87
C GLY D 148 17.46 48.45 -1.88
N ASP D 149 16.18 48.08 -1.82
CA ASP D 149 15.12 49.09 -1.81
C ASP D 149 15.10 49.90 -0.54
N TYR D 150 16.00 49.59 0.39
CA TYR D 150 16.08 50.44 1.54
C TYR D 150 16.68 51.73 0.96
N TRP D 151 17.65 51.59 0.06
CA TRP D 151 18.26 52.75 -0.54
C TRP D 151 17.32 53.43 -1.52
N PHE D 152 16.83 52.70 -2.50
CA PHE D 152 15.99 53.33 -3.50
C PHE D 152 14.51 53.55 -3.26
N VAL D 153 14.03 53.18 -2.09
CA VAL D 153 12.64 53.46 -1.81
C VAL D 153 12.51 54.12 -0.46
N ASP D 154 13.21 53.63 0.56
CA ASP D 154 12.94 54.20 1.91
C ASP D 154 13.82 55.29 2.40
N PHE D 155 14.91 55.57 1.77
CA PHE D 155 15.81 56.51 2.38
C PHE D 155 16.12 57.58 1.40
N LEU D 156 16.64 57.13 0.25
CA LEU D 156 17.07 58.08 -0.79
C LEU D 156 15.93 58.94 -1.34
N PRO D 157 14.71 58.44 -1.49
CA PRO D 157 13.67 59.32 -1.96
C PRO D 157 13.23 60.26 -0.84
N ALA D 158 13.52 59.88 0.39
CA ALA D 158 13.10 60.71 1.51
C ALA D 158 14.13 61.79 1.82
N ALA D 159 15.36 61.56 1.36
CA ALA D 159 16.46 62.51 1.49
C ALA D 159 16.21 63.59 0.46
N TRP D 160 15.70 63.14 -0.68
CA TRP D 160 15.41 63.98 -1.81
C TRP D 160 14.05 64.59 -1.74
N GLY D 161 13.32 64.26 -0.71
CA GLY D 161 12.02 64.86 -0.59
C GLY D 161 10.86 64.47 -1.49
N SER D 162 10.84 63.25 -2.01
CA SER D 162 9.69 62.80 -2.80
C SER D 162 8.86 61.91 -1.93
N PRO D 163 7.56 62.11 -1.91
CA PRO D 163 6.78 61.21 -1.06
C PRO D 163 6.28 60.05 -1.93
N ASN D 164 6.59 60.11 -3.22
CA ASN D 164 6.08 59.11 -4.15
C ASN D 164 6.97 57.91 -4.37
N ALA D 165 7.31 57.29 -3.24
CA ALA D 165 8.16 56.11 -3.19
C ALA D 165 7.21 54.93 -2.91
N ALA D 166 7.33 53.87 -3.68
CA ALA D 166 6.38 52.78 -3.54
C ALA D 166 6.96 51.40 -3.80
N LYS D 167 6.47 50.40 -3.06
CA LYS D 167 6.93 49.04 -3.26
C LYS D 167 5.71 48.26 -3.67
N PRO D 168 5.85 47.27 -4.56
CA PRO D 168 4.64 46.53 -4.91
C PRO D 168 4.18 45.61 -3.79
N SER D 169 5.06 45.28 -2.86
CA SER D 169 4.70 44.42 -1.75
C SER D 169 3.68 45.06 -0.82
N VAL D 170 3.31 46.31 -1.12
CA VAL D 170 2.31 47.02 -0.33
C VAL D 170 0.96 46.97 -1.07
N SER D 171 0.72 47.84 -2.03
CA SER D 171 -0.60 47.83 -2.64
C SER D 171 -0.85 46.73 -3.64
N LEU D 172 0.19 45.96 -3.96
CA LEU D 172 -0.01 44.80 -4.80
C LEU D 172 0.14 43.48 -4.06
N CYS D 173 0.15 43.55 -2.73
CA CYS D 173 0.29 42.34 -1.96
C CYS D 173 -0.37 42.44 -0.62
N THR D 174 0.37 43.08 0.23
CA THR D 174 0.16 43.07 1.63
C THR D 174 -0.66 44.13 2.32
N ALA D 175 -0.88 45.21 1.58
CA ALA D 175 -1.54 46.35 2.16
C ALA D 175 -2.85 46.11 2.85
N PRO D 176 -3.72 45.27 2.30
CA PRO D 176 -4.96 45.11 3.05
C PRO D 176 -4.79 44.46 4.42
N ARG D 177 -3.78 43.63 4.57
CA ARG D 177 -3.60 42.92 5.81
C ARG D 177 -2.84 43.78 6.78
N GLU D 178 -1.93 44.62 6.29
CA GLU D 178 -1.23 45.49 7.20
C GLU D 178 -2.15 46.60 7.70
N VAL D 179 -3.04 47.08 6.85
CA VAL D 179 -3.96 48.11 7.30
C VAL D 179 -4.82 47.49 8.39
N ALA D 180 -5.44 46.36 8.06
CA ALA D 180 -6.30 45.63 8.98
C ALA D 180 -5.63 45.24 10.29
N SER D 181 -4.36 44.85 10.25
CA SER D 181 -3.63 44.48 11.44
C SER D 181 -3.20 45.68 12.25
N GLN D 182 -3.02 46.81 11.58
CA GLN D 182 -2.69 48.01 12.33
C GLN D 182 -3.97 48.53 13.00
N TRP D 183 -5.13 48.22 12.45
CA TRP D 183 -6.39 48.71 13.00
C TRP D 183 -6.85 47.91 14.21
N VAL D 184 -6.76 46.59 14.07
CA VAL D 184 -7.05 45.60 15.10
C VAL D 184 -6.10 45.29 16.27
N PHE D 185 -4.77 45.39 16.18
CA PHE D 185 -3.87 45.03 17.35
C PHE D 185 -3.20 46.30 16.87
N GLY D 186 -2.14 46.76 17.46
CA GLY D 186 -1.71 47.97 16.80
C GLY D 186 -0.41 47.60 16.18
N ARG D 187 -0.37 46.46 15.49
CA ARG D 187 0.88 46.02 14.98
C ARG D 187 0.76 45.51 13.59
N PRO D 188 1.92 45.35 12.97
CA PRO D 188 2.14 44.85 11.62
C PRO D 188 2.04 43.31 11.64
N ILE D 189 1.76 42.70 10.49
CA ILE D 189 1.83 41.24 10.46
C ILE D 189 3.29 41.10 10.04
N GLY D 190 3.69 41.85 9.03
CA GLY D 190 5.09 41.89 8.70
C GLY D 190 5.66 40.87 7.78
N GLY D 191 6.96 40.94 7.61
CA GLY D 191 7.61 40.10 6.68
C GLY D 191 7.67 38.63 6.91
N HIS D 192 7.99 38.25 8.14
CA HIS D 192 8.12 36.87 8.51
C HIS D 192 6.97 36.76 9.43
N GLU D 193 5.83 36.35 8.90
CA GLU D 193 4.68 36.45 9.75
C GLU D 193 4.68 35.56 10.96
N PRO D 194 4.33 36.17 12.10
CA PRO D 194 4.30 35.58 13.41
C PRO D 194 3.29 34.57 13.80
N ILE D 195 3.28 33.46 13.09
CA ILE D 195 2.39 32.37 13.33
C ILE D 195 3.21 31.35 14.11
N ASP D 196 2.70 30.97 15.27
CA ASP D 196 3.38 30.01 16.10
C ASP D 196 2.93 28.66 15.56
N TRP D 197 3.44 28.36 14.37
CA TRP D 197 3.12 27.12 13.68
C TRP D 197 3.30 25.85 14.47
N GLU D 198 4.41 25.73 15.20
CA GLU D 198 4.72 24.50 15.93
C GLU D 198 3.73 24.00 16.95
N ASN D 199 3.02 24.92 17.59
CA ASN D 199 2.04 24.54 18.59
C ASN D 199 0.61 24.63 18.08
N ALA D 200 0.42 24.95 16.80
CA ALA D 200 -0.93 25.08 16.25
C ALA D 200 -1.50 23.70 16.09
N ARG D 201 -2.79 23.60 16.33
CA ARG D 201 -3.42 22.31 16.32
C ARG D 201 -4.45 22.27 15.26
N TYR D 202 -4.78 23.44 14.75
CA TYR D 202 -5.82 23.59 13.77
C TYR D 202 -5.48 24.82 12.96
N ILE D 203 -5.19 24.62 11.69
CA ILE D 203 -4.78 25.72 10.86
C ILE D 203 -5.80 25.95 9.75
N VAL D 204 -6.35 27.17 9.63
CA VAL D 204 -7.27 27.48 8.53
C VAL D 204 -6.57 28.42 7.54
N LEU D 205 -6.49 27.97 6.30
CA LEU D 205 -5.86 28.72 5.23
C LEU D 205 -6.84 29.25 4.22
N ILE D 206 -6.95 30.57 4.17
CA ILE D 206 -7.84 31.20 3.23
C ILE D 206 -6.88 31.79 2.22
N GLY D 207 -6.76 31.14 1.06
CA GLY D 207 -5.80 31.55 0.05
C GLY D 207 -4.60 30.80 0.55
N HIS D 208 -3.48 31.49 0.70
CA HIS D 208 -2.31 30.93 1.35
C HIS D 208 -1.84 29.62 0.79
N HIS D 209 -1.59 29.57 -0.51
CA HIS D 209 -1.19 28.34 -1.13
C HIS D 209 0.24 27.85 -0.77
N ILE D 210 0.50 27.57 0.52
CA ILE D 210 1.81 27.07 1.01
C ILE D 210 2.26 25.84 0.20
N GLY D 211 3.55 25.70 -0.09
CA GLY D 211 3.98 24.58 -0.90
C GLY D 211 4.12 25.05 -2.35
N GLU D 212 3.36 26.08 -2.73
CA GLU D 212 3.44 26.69 -4.06
C GLU D 212 4.21 27.94 -3.75
N ASP D 213 3.74 28.63 -2.72
CA ASP D 213 4.42 29.74 -2.08
C ASP D 213 5.39 28.88 -1.27
N THR D 214 6.64 29.04 -1.60
CA THR D 214 7.67 28.22 -1.10
C THR D 214 8.64 29.01 -0.16
N HIS D 215 8.07 29.99 0.55
CA HIS D 215 8.84 30.73 1.53
C HIS D 215 9.35 29.68 2.46
N ASN D 216 10.65 29.69 2.68
CA ASN D 216 11.34 28.67 3.41
C ASN D 216 10.92 28.29 4.84
N THR D 217 11.00 29.19 5.78
CA THR D 217 10.63 28.84 7.12
C THR D 217 9.18 28.49 7.22
N GLN D 218 8.38 29.04 6.32
CA GLN D 218 6.95 28.83 6.41
C GLN D 218 6.58 27.43 6.03
N LEU D 219 7.31 26.91 5.07
CA LEU D 219 7.08 25.61 4.61
C LEU D 219 7.59 24.63 5.66
N GLN D 220 8.74 24.92 6.28
CA GLN D 220 9.28 24.07 7.35
C GLN D 220 8.32 24.05 8.52
N ASP D 221 7.74 25.20 8.81
CA ASP D 221 6.82 25.31 9.91
C ASP D 221 5.51 24.67 9.64
N PHE D 222 5.12 24.69 8.39
CA PHE D 222 3.87 24.09 8.02
C PHE D 222 4.09 22.57 8.01
N ALA D 223 5.24 22.14 7.53
CA ALA D 223 5.50 20.71 7.44
C ALA D 223 5.54 20.11 8.84
N LEU D 224 6.24 20.80 9.71
CA LEU D 224 6.39 20.39 11.07
C LEU D 224 5.04 20.28 11.73
N ALA D 225 4.18 21.26 11.50
CA ALA D 225 2.86 21.25 12.11
C ALA D 225 1.99 20.14 11.56
N LEU D 226 2.26 19.74 10.34
CA LEU D 226 1.51 18.64 9.78
C LEU D 226 2.03 17.42 10.52
N LYS D 227 3.34 17.36 10.69
CA LYS D 227 4.00 16.27 11.39
C LYS D 227 3.51 16.09 12.84
N ASN D 228 3.34 17.18 13.59
CA ASN D 228 2.86 17.10 14.97
C ASN D 228 1.38 16.87 15.09
N GLY D 229 0.71 16.53 14.00
CA GLY D 229 -0.70 16.24 14.07
C GLY D 229 -1.65 17.39 13.84
N ALA D 230 -1.15 18.48 13.32
CA ALA D 230 -2.03 19.61 13.26
C ALA D 230 -3.02 19.53 12.13
N LYS D 231 -4.28 19.94 12.14
CA LYS D 231 -5.09 19.67 10.91
C LYS D 231 -5.25 21.04 10.26
N VAL D 232 -5.35 20.93 8.95
CA VAL D 232 -5.38 22.04 8.06
C VAL D 232 -6.70 22.12 7.28
N VAL D 233 -7.22 23.32 7.11
CA VAL D 233 -8.43 23.52 6.32
C VAL D 233 -8.02 24.54 5.33
N VAL D 234 -8.20 24.24 4.07
CA VAL D 234 -7.80 25.18 3.03
C VAL D 234 -9.09 25.69 2.41
N VAL D 235 -9.24 27.01 2.31
CA VAL D 235 -10.42 27.65 1.71
C VAL D 235 -9.82 28.27 0.45
N ASP D 236 -10.35 27.87 -0.71
CA ASP D 236 -9.71 28.26 -1.94
C ASP D 236 -10.49 27.57 -3.05
N PRO D 237 -10.80 28.28 -4.15
CA PRO D 237 -11.53 27.67 -5.26
C PRO D 237 -10.71 26.68 -6.06
N ARG D 238 -9.42 26.59 -5.73
CA ARG D 238 -8.52 25.73 -6.46
C ARG D 238 -7.99 24.65 -5.52
N PHE D 239 -7.89 23.37 -6.00
CA PHE D 239 -7.34 22.39 -5.08
C PHE D 239 -5.84 22.68 -5.13
N SER D 240 -5.18 23.46 -4.33
CA SER D 240 -3.75 23.41 -4.64
C SER D 240 -2.98 22.55 -3.64
N THR D 241 -1.69 22.75 -3.62
CA THR D 241 -0.78 21.98 -2.78
C THR D 241 -1.08 21.94 -1.32
N ALA D 242 -1.48 23.06 -0.76
CA ALA D 242 -1.81 23.13 0.63
C ALA D 242 -3.12 22.43 0.87
N ALA D 243 -4.00 22.48 -0.12
CA ALA D 243 -5.28 21.77 -0.01
C ALA D 243 -4.94 20.29 -0.10
N ALA D 244 -3.92 19.92 -0.87
CA ALA D 244 -3.54 18.51 -0.97
C ALA D 244 -3.13 17.92 0.39
N LYS D 245 -2.79 18.76 1.36
CA LYS D 245 -2.31 18.28 2.66
C LYS D 245 -3.28 18.53 3.77
N ALA D 246 -4.44 19.02 3.36
CA ALA D 246 -5.47 19.50 4.24
C ALA D 246 -6.50 18.50 4.61
N HIS D 247 -7.09 18.68 5.78
CA HIS D 247 -8.07 17.74 6.20
C HIS D 247 -9.41 18.15 5.69
N ARG D 248 -9.59 19.42 5.36
CA ARG D 248 -10.82 19.87 4.70
C ARG D 248 -10.43 20.87 3.64
N TRP D 249 -11.05 20.76 2.47
CA TRP D 249 -10.82 21.74 1.43
C TRP D 249 -12.16 22.40 1.21
N LEU D 250 -12.29 23.71 1.36
CA LEU D 250 -13.60 24.29 1.07
C LEU D 250 -13.46 24.97 -0.29
N PRO D 251 -14.06 24.41 -1.32
CA PRO D 251 -13.86 25.11 -2.59
C PRO D 251 -14.76 26.30 -2.77
N ILE D 252 -14.42 27.37 -2.08
CA ILE D 252 -15.22 28.55 -2.04
C ILE D 252 -15.40 29.24 -3.38
N LYS D 253 -16.54 29.89 -3.53
CA LYS D 253 -16.78 30.63 -4.73
C LYS D 253 -15.92 31.88 -4.61
N PRO D 254 -15.19 32.17 -5.66
CA PRO D 254 -14.33 33.35 -5.56
C PRO D 254 -14.99 34.67 -5.20
N GLY D 255 -14.27 35.39 -4.35
CA GLY D 255 -14.63 36.71 -3.87
C GLY D 255 -15.66 36.77 -2.76
N THR D 256 -15.85 35.61 -2.16
CA THR D 256 -16.90 35.29 -1.22
C THR D 256 -16.41 34.94 0.20
N ASP D 257 -15.11 35.06 0.40
CA ASP D 257 -14.47 34.71 1.63
C ASP D 257 -14.93 35.47 2.84
N THR D 258 -15.39 36.70 2.60
CA THR D 258 -15.83 37.55 3.68
C THR D 258 -17.13 37.07 4.21
N ALA D 259 -17.94 36.53 3.33
CA ALA D 259 -19.19 36.00 3.78
C ALA D 259 -18.91 34.79 4.66
N LEU D 260 -17.93 33.97 4.30
CA LEU D 260 -17.59 32.81 5.12
C LEU D 260 -17.11 33.25 6.50
N LEU D 261 -16.23 34.26 6.53
CA LEU D 261 -15.62 34.71 7.76
C LEU D 261 -16.58 35.36 8.72
N LEU D 262 -17.54 36.10 8.16
CA LEU D 262 -18.59 36.70 8.93
C LEU D 262 -19.44 35.57 9.53
N ALA D 263 -19.70 34.50 8.79
CA ALA D 263 -20.50 33.39 9.31
C ALA D 263 -19.69 32.64 10.36
N TRP D 264 -18.36 32.72 10.29
CA TRP D 264 -17.60 32.11 11.34
C TRP D 264 -17.67 33.02 12.56
N ILE D 265 -17.58 34.34 12.40
CA ILE D 265 -17.68 35.23 13.55
C ILE D 265 -19.03 35.02 14.23
N HIS D 266 -20.05 34.83 13.42
CA HIS D 266 -21.36 34.57 13.95
C HIS D 266 -21.45 33.21 14.67
N VAL D 267 -20.90 32.14 14.13
CA VAL D 267 -20.96 30.91 14.91
C VAL D 267 -20.09 31.07 16.18
N LEU D 268 -18.93 31.69 16.08
CA LEU D 268 -18.12 31.85 17.28
C LEU D 268 -18.83 32.68 18.36
N ILE D 269 -19.60 33.68 17.96
CA ILE D 269 -20.27 34.52 18.94
C ILE D 269 -21.59 33.96 19.36
N TYR D 270 -22.46 33.70 18.39
CA TYR D 270 -23.77 33.21 18.71
C TYR D 270 -23.84 31.84 19.28
N GLU D 271 -22.87 30.98 19.02
CA GLU D 271 -22.89 29.67 19.66
C GLU D 271 -22.02 29.78 20.89
N ASP D 272 -21.47 30.97 21.08
CA ASP D 272 -20.71 31.24 22.28
C ASP D 272 -19.50 30.38 22.47
N LEU D 273 -18.68 30.36 21.44
CA LEU D 273 -17.52 29.52 21.49
C LEU D 273 -16.24 30.29 21.65
N TYR D 274 -16.32 31.61 21.62
CA TYR D 274 -15.11 32.41 21.71
C TYR D 274 -14.51 32.41 23.09
N ASP D 275 -13.31 32.92 23.16
CA ASP D 275 -12.55 32.99 24.36
C ASP D 275 -12.98 34.26 25.09
N LYS D 276 -13.78 34.14 26.12
CA LYS D 276 -14.31 35.35 26.74
C LYS D 276 -13.37 36.21 27.47
N GLU D 277 -12.44 35.61 28.19
CA GLU D 277 -11.62 36.49 28.93
C GLU D 277 -10.60 37.17 28.10
N TYR D 278 -10.25 36.54 26.99
CA TYR D 278 -9.33 37.14 26.08
C TYR D 278 -10.14 38.29 25.53
N VAL D 279 -11.37 38.02 25.09
CA VAL D 279 -12.14 39.16 24.60
C VAL D 279 -12.15 40.18 25.73
N ALA D 280 -12.75 39.85 26.87
CA ALA D 280 -12.82 40.77 28.01
C ALA D 280 -11.55 41.53 28.41
N LYS D 281 -10.39 40.91 28.31
CA LYS D 281 -9.24 41.67 28.73
C LYS D 281 -8.32 42.32 27.73
N TYR D 282 -8.36 41.94 26.46
CA TYR D 282 -7.41 42.56 25.55
C TYR D 282 -8.04 43.23 24.40
N THR D 283 -9.35 43.37 24.50
CA THR D 283 -10.18 43.83 23.45
C THR D 283 -11.06 44.98 23.86
N VAL D 284 -11.43 45.78 22.88
CA VAL D 284 -12.26 46.93 23.10
C VAL D 284 -13.25 46.96 21.97
N GLY D 285 -14.53 47.08 22.26
CA GLY D 285 -15.52 47.24 21.20
C GLY D 285 -16.20 46.00 20.58
N PHE D 286 -16.19 44.83 21.22
CA PHE D 286 -16.82 43.67 20.55
C PHE D 286 -18.32 43.69 20.57
N GLU D 287 -18.88 44.62 21.35
CA GLU D 287 -20.34 44.73 21.56
C GLU D 287 -20.99 45.44 20.45
N GLU D 288 -20.24 45.43 19.44
CA GLU D 288 -20.55 46.01 18.22
C GLU D 288 -20.44 44.89 17.21
N LEU D 289 -19.47 44.02 17.44
CA LEU D 289 -19.31 42.93 16.48
C LEU D 289 -20.47 41.97 16.50
N LYS D 290 -21.00 41.69 17.68
CA LYS D 290 -22.09 40.74 17.79
C LYS D 290 -23.34 41.15 17.08
N ALA D 291 -23.68 42.43 17.17
CA ALA D 291 -24.87 42.98 16.55
C ALA D 291 -24.73 43.07 15.04
N HIS D 292 -23.51 43.34 14.62
CA HIS D 292 -23.18 43.47 13.22
C HIS D 292 -23.42 42.17 12.48
N VAL D 293 -23.00 41.11 13.13
CA VAL D 293 -22.98 39.81 12.54
C VAL D 293 -24.23 38.99 12.71
N LYS D 294 -25.24 39.65 13.24
CA LYS D 294 -26.44 38.98 13.61
C LYS D 294 -27.12 38.13 12.56
N ASP D 295 -27.20 38.65 11.36
CA ASP D 295 -27.85 38.00 10.26
C ASP D 295 -26.90 37.20 9.37
N PHE D 296 -25.62 37.21 9.71
CA PHE D 296 -24.57 36.56 8.90
C PHE D 296 -24.32 35.19 9.37
N THR D 297 -25.23 34.40 8.89
CA THR D 297 -25.45 33.07 9.24
C THR D 297 -24.83 32.05 8.33
N PRO D 298 -24.54 30.86 8.87
CA PRO D 298 -23.98 29.84 7.99
C PRO D 298 -24.94 29.58 6.81
N GLU D 299 -26.21 29.99 6.90
CA GLU D 299 -27.12 29.74 5.77
C GLU D 299 -27.06 30.93 4.81
N TRP D 300 -26.84 32.11 5.38
CA TRP D 300 -26.71 33.32 4.59
C TRP D 300 -25.39 33.15 3.83
N ALA D 301 -24.31 32.84 4.54
CA ALA D 301 -22.99 32.57 3.97
C ALA D 301 -23.06 31.48 2.91
N GLU D 302 -23.81 30.44 3.16
CA GLU D 302 -23.86 29.39 2.17
C GLU D 302 -24.43 29.79 0.83
N LYS D 303 -25.34 30.76 0.81
CA LYS D 303 -25.94 31.20 -0.45
C LYS D 303 -24.90 31.77 -1.37
N HIS D 304 -24.03 32.56 -0.78
CA HIS D 304 -23.02 33.29 -1.48
C HIS D 304 -21.73 32.58 -1.75
N THR D 305 -21.45 31.70 -0.83
CA THR D 305 -20.23 31.01 -0.69
C THR D 305 -20.16 29.68 -1.41
N GLU D 306 -21.31 29.05 -1.38
CA GLU D 306 -21.54 27.74 -1.88
C GLU D 306 -20.89 26.71 -0.98
N ILE D 307 -20.40 27.11 0.20
CA ILE D 307 -19.87 26.16 1.17
C ILE D 307 -21.11 25.79 1.97
N PRO D 308 -21.39 24.50 2.11
CA PRO D 308 -22.61 24.12 2.84
C PRO D 308 -22.60 24.59 4.29
N ALA D 309 -23.73 25.09 4.72
CA ALA D 309 -23.93 25.67 6.05
C ALA D 309 -23.37 24.81 7.13
N GLN D 310 -23.51 23.53 6.91
CA GLN D 310 -23.06 22.61 7.87
C GLN D 310 -21.53 22.56 7.98
N VAL D 311 -20.84 22.66 6.85
CA VAL D 311 -19.38 22.62 6.86
C VAL D 311 -18.85 23.89 7.46
N ILE D 312 -19.57 24.97 7.22
CA ILE D 312 -19.26 26.27 7.76
C ILE D 312 -19.32 26.23 9.27
N ARG D 313 -20.37 25.63 9.76
CA ARG D 313 -20.61 25.57 11.19
C ARG D 313 -19.61 24.69 11.85
N GLU D 314 -19.35 23.58 11.20
CA GLU D 314 -18.40 22.59 11.65
C GLU D 314 -16.99 23.12 11.76
N VAL D 315 -16.53 23.87 10.77
CA VAL D 315 -15.18 24.36 10.87
C VAL D 315 -15.06 25.33 12.06
N ALA D 316 -16.07 26.17 12.27
CA ALA D 316 -16.08 27.17 13.34
C ALA D 316 -15.94 26.47 14.71
N ARG D 317 -16.76 25.46 14.88
CA ARG D 317 -16.72 24.61 16.05
C ARG D 317 -15.40 23.90 16.23
N GLU D 318 -14.82 23.41 15.14
CA GLU D 318 -13.55 22.72 15.21
C GLU D 318 -12.42 23.64 15.59
N MET D 319 -12.42 24.88 15.12
CA MET D 319 -11.33 25.74 15.52
C MET D 319 -11.52 26.19 16.98
N ALA D 320 -12.77 26.41 17.39
CA ALA D 320 -13.11 26.75 18.77
C ALA D 320 -12.62 25.59 19.67
N ALA D 321 -12.95 24.35 19.32
CA ALA D 321 -12.52 23.19 20.13
C ALA D 321 -11.00 23.18 20.36
N HIS D 322 -10.25 23.84 19.50
CA HIS D 322 -8.80 23.86 19.69
C HIS D 322 -8.35 25.14 20.26
N LYS D 323 -9.27 25.91 20.73
CA LYS D 323 -9.00 27.20 21.27
C LYS D 323 -7.85 27.12 22.35
N PRO D 324 -7.01 28.52 22.08
CA PRO D 324 -5.67 29.16 21.61
C PRO D 324 -4.67 28.41 20.73
N ARG D 325 -5.05 27.29 20.15
CA ARG D 325 -4.14 26.60 19.25
C ARG D 325 -4.82 26.31 17.91
N ALA D 326 -5.68 27.25 17.52
CA ALA D 326 -6.33 27.28 16.23
C ALA D 326 -6.00 28.68 15.71
N VAL D 327 -5.53 28.72 14.48
CA VAL D 327 -5.19 29.96 13.80
C VAL D 327 -5.72 30.01 12.42
N LEU D 328 -5.98 31.23 11.98
CA LEU D 328 -6.25 31.51 10.58
C LEU D 328 -5.14 32.48 10.30
N PRO D 329 -3.99 31.97 9.90
CA PRO D 329 -2.82 32.77 9.59
C PRO D 329 -3.23 33.62 8.40
N PRO D 330 -3.07 34.94 8.49
CA PRO D 330 -3.47 35.74 7.34
C PRO D 330 -2.52 35.52 6.16
N THR D 331 -3.08 35.46 4.96
CA THR D 331 -2.22 35.28 3.82
C THR D 331 -1.44 36.55 3.53
N ARG D 332 -0.46 36.43 2.65
CA ARG D 332 0.38 37.54 2.29
C ARG D 332 -0.20 38.25 1.10
N HIS D 333 -0.35 37.59 -0.03
CA HIS D 333 -0.88 38.37 -1.13
C HIS D 333 -2.38 38.51 -0.91
N ASN D 334 -2.82 39.73 -0.58
CA ASN D 334 -4.22 39.96 -0.23
C ASN D 334 -5.06 40.83 -1.13
N VAL D 335 -4.45 41.24 -2.20
CA VAL D 335 -5.03 42.21 -3.05
C VAL D 335 -5.89 41.58 -4.15
N TRP D 336 -7.06 41.10 -3.73
CA TRP D 336 -8.01 40.36 -4.58
C TRP D 336 -9.34 41.12 -4.67
N TYR D 337 -10.12 41.15 -5.73
CA TYR D 337 -11.42 41.85 -5.49
C TYR D 337 -11.59 43.29 -4.92
N GLY D 338 -10.65 43.88 -4.21
CA GLY D 338 -10.89 45.26 -3.82
C GLY D 338 -11.72 45.67 -2.62
N ASP D 339 -12.09 44.71 -1.79
CA ASP D 339 -12.73 45.05 -0.54
C ASP D 339 -11.94 44.24 0.47
N ASP D 340 -10.68 44.00 0.15
CA ASP D 340 -9.78 43.18 0.93
C ASP D 340 -9.42 43.47 2.36
N THR D 341 -9.45 44.74 2.77
CA THR D 341 -9.11 45.04 4.14
C THR D 341 -10.21 44.47 4.99
N TYR D 342 -11.40 44.44 4.42
CA TYR D 342 -12.55 43.91 5.12
C TYR D 342 -12.41 42.45 5.36
N ARG D 343 -11.92 41.76 4.34
CA ARG D 343 -11.73 40.35 4.47
C ARG D 343 -10.67 40.08 5.53
N VAL D 344 -9.59 40.85 5.56
CA VAL D 344 -8.56 40.57 6.55
C VAL D 344 -9.01 40.93 7.95
N MET D 345 -9.69 42.06 8.11
CA MET D 345 -10.22 42.43 9.41
C MET D 345 -11.00 41.25 9.99
N ALA D 346 -12.01 40.82 9.25
CA ALA D 346 -12.89 39.73 9.62
C ALA D 346 -12.18 38.47 10.09
N LEU D 347 -11.08 38.15 9.41
CA LEU D 347 -10.29 36.97 9.68
C LEU D 347 -9.46 37.20 10.93
N LEU D 348 -9.03 38.44 11.13
CA LEU D 348 -8.28 38.74 12.31
C LEU D 348 -9.23 38.69 13.50
N TYR D 349 -10.48 39.12 13.33
CA TYR D 349 -11.44 38.95 14.41
C TYR D 349 -11.61 37.48 14.77
N VAL D 350 -11.61 36.60 13.77
CA VAL D 350 -11.81 35.21 14.12
C VAL D 350 -10.68 34.83 15.07
N ASN D 351 -9.45 35.16 14.71
CA ASN D 351 -8.30 34.88 15.55
C ASN D 351 -8.47 35.46 16.96
N VAL D 352 -8.94 36.69 17.06
CA VAL D 352 -9.12 37.36 18.34
C VAL D 352 -10.09 36.55 19.17
N LEU D 353 -11.17 36.16 18.51
CA LEU D 353 -12.23 35.36 19.09
C LEU D 353 -11.77 33.96 19.51
N LEU D 354 -10.63 33.50 19.01
CA LEU D 354 -10.12 32.21 19.45
C LEU D 354 -9.08 32.54 20.50
N GLY D 355 -8.90 33.83 20.75
CA GLY D 355 -7.97 34.31 21.77
C GLY D 355 -6.58 33.77 21.62
N ASN D 356 -6.14 33.74 20.37
CA ASN D 356 -4.87 33.16 20.00
C ASN D 356 -3.71 34.11 19.79
N TYR D 357 -3.99 35.39 19.82
CA TYR D 357 -2.98 36.36 19.56
C TYR D 357 -2.08 36.61 20.75
N GLY D 358 -0.85 36.13 20.60
CA GLY D 358 0.13 36.28 21.64
C GLY D 358 0.20 35.06 22.52
N ARG D 359 -0.29 33.93 22.04
CA ARG D 359 -0.24 32.72 22.81
C ARG D 359 0.32 31.60 21.98
N PRO D 360 0.80 30.55 22.64
CA PRO D 360 1.34 29.47 21.83
C PRO D 360 0.24 28.87 20.98
N GLY D 361 0.54 28.63 19.71
CA GLY D 361 -0.46 28.00 18.88
C GLY D 361 -1.15 28.88 17.89
N GLY D 362 -0.93 30.17 17.96
CA GLY D 362 -1.53 30.99 16.95
C GLY D 362 -0.53 32.02 16.56
N PHE D 363 -0.42 33.17 17.19
CA PHE D 363 0.64 34.08 16.74
C PHE D 363 1.39 34.39 17.99
N TYR D 364 2.66 34.65 17.79
CA TYR D 364 3.48 35.11 18.87
C TYR D 364 3.65 36.60 18.60
N ILE D 365 4.19 37.32 19.57
CA ILE D 365 4.47 38.73 19.40
C ILE D 365 5.89 38.85 18.84
N ALA D 366 5.98 39.47 17.67
CA ALA D 366 7.24 39.65 17.01
C ALA D 366 7.78 41.04 17.33
N GLN D 367 9.00 41.06 17.85
CA GLN D 367 9.66 42.29 18.20
C GLN D 367 10.82 42.46 17.28
N SER D 368 11.02 43.69 16.86
CA SER D 368 12.14 44.00 16.00
C SER D 368 13.35 43.97 16.85
N PRO D 369 14.48 43.66 16.25
CA PRO D 369 15.76 43.58 16.93
C PRO D 369 16.38 44.95 17.05
N TYR D 370 17.22 45.10 18.05
CA TYR D 370 17.93 46.34 18.22
C TYR D 370 19.21 46.36 17.37
N LEU D 371 19.35 47.40 16.56
CA LEU D 371 20.57 47.61 15.81
C LEU D 371 20.41 49.05 15.51
N GLU D 372 21.38 49.80 15.95
CA GLU D 372 21.29 51.20 15.78
C GLU D 372 21.57 51.62 14.40
N LYS D 373 20.73 52.53 13.93
CA LYS D 373 20.84 53.11 12.61
C LYS D 373 22.12 53.88 12.50
N TYR D 374 22.50 54.18 11.27
CA TYR D 374 23.67 54.97 11.12
C TYR D 374 23.25 56.39 11.57
N PRO D 375 24.08 57.07 12.39
CA PRO D 375 23.73 58.41 12.86
C PRO D 375 23.70 59.41 11.73
N LEU D 376 22.56 60.08 11.57
CA LEU D 376 22.41 61.03 10.50
C LEU D 376 21.43 62.08 10.89
N PRO D 377 21.39 63.18 10.13
CA PRO D 377 20.42 64.23 10.43
C PRO D 377 19.07 63.67 10.06
N PRO D 378 17.98 64.22 10.59
CA PRO D 378 16.71 63.67 10.16
C PRO D 378 16.52 63.84 8.65
N LEU D 379 15.59 63.08 8.10
CA LEU D 379 15.30 63.15 6.69
C LEU D 379 14.27 64.21 6.39
N PRO D 380 14.26 64.73 5.17
CA PRO D 380 13.26 65.74 4.81
C PRO D 380 11.88 65.15 5.07
N LEU D 381 11.67 63.92 4.64
CA LEU D 381 10.43 63.19 4.91
C LEU D 381 10.74 61.86 5.61
N GLU D 382 10.02 61.60 6.68
CA GLU D 382 10.14 60.36 7.45
C GLU D 382 8.69 59.98 7.61
N PRO D 383 8.32 58.79 7.12
CA PRO D 383 6.91 58.47 7.26
C PRO D 383 6.55 57.60 8.44
N ALA D 384 5.24 57.46 8.66
CA ALA D 384 4.75 56.54 9.67
C ALA D 384 4.01 55.50 8.83
N ALA D 385 4.17 54.24 9.21
CA ALA D 385 3.62 53.14 8.44
C ALA D 385 2.57 52.28 9.08
N GLY D 386 1.43 52.89 9.38
CA GLY D 386 0.34 52.14 9.95
C GLY D 386 -0.34 52.70 11.16
N GLY D 387 0.46 53.11 12.16
CA GLY D 387 -0.05 53.64 13.42
C GLY D 387 -0.92 54.85 13.25
N CYS D 388 -1.51 54.85 13.57
CA CYS D 388 -2.39 55.92 13.16
C CYS D 388 -3.19 56.79 14.10
N SER D 389 -4.64 56.58 13.76
CA SER D 389 -5.34 57.65 14.50
C SER D 389 -4.82 59.04 14.10
N GLY D 390 -5.34 59.44 12.94
CA GLY D 390 -4.92 60.63 12.22
C GLY D 390 -4.07 59.88 11.20
N PRO D 391 -4.66 58.99 10.36
CA PRO D 391 -3.95 58.20 9.38
C PRO D 391 -3.37 58.92 8.21
N SER D 392 -4.21 59.22 7.23
CA SER D 392 -3.73 59.89 6.05
C SER D 392 -3.92 61.39 6.09
N GLY D 393 -5.16 61.81 6.30
CA GLY D 393 -5.52 63.22 6.30
C GLY D 393 -4.83 64.05 7.36
N GLY D 394 -4.93 63.60 8.61
CA GLY D 394 -4.30 64.26 9.72
C GLY D 394 -2.86 63.84 9.88
N ASP D 395 -2.26 63.41 8.77
CA ASP D 395 -0.87 62.99 8.74
C ASP D 395 -0.23 62.79 7.37
N HIS D 396 -0.14 63.92 6.66
CA HIS D 396 0.56 64.02 5.39
C HIS D 396 0.53 65.41 4.79
N GLU D 397 -0.41 66.23 5.24
CA GLU D 397 -0.64 67.56 4.67
C GLU D 397 0.43 68.67 4.77
N PRO D 398 0.16 69.83 5.45
CA PRO D 398 1.27 70.78 5.45
C PRO D 398 2.32 70.54 6.54
N GLU D 399 3.45 69.96 6.18
CA GLU D 399 4.53 69.65 7.11
C GLU D 399 5.91 69.47 6.43
N GLY D 400 6.01 68.62 5.41
CA GLY D 400 7.24 68.47 4.63
C GLY D 400 6.90 69.39 3.47
N PHE D 401 6.60 68.84 2.30
CA PHE D 401 5.95 69.69 1.30
C PHE D 401 4.80 69.00 0.52
N LYS D 402 4.94 68.57 -0.72
CA LYS D 402 3.76 67.99 -1.39
C LYS D 402 3.34 66.63 -0.94
N PRO D 403 2.04 66.39 -0.89
CA PRO D 403 1.74 65.06 -0.41
C PRO D 403 1.87 63.95 -1.45
N ARG D 404 1.93 62.71 -0.98
CA ARG D 404 2.04 61.58 -1.87
C ARG D 404 0.97 61.79 -2.91
N ALA D 405 1.32 61.60 -4.16
CA ALA D 405 0.38 61.88 -5.21
C ALA D 405 -0.89 61.07 -5.28
N ASP D 406 -1.06 60.12 -4.39
CA ASP D 406 -2.24 59.27 -4.41
C ASP D 406 -3.05 59.52 -3.16
N LYS D 407 -2.55 60.48 -2.41
CA LYS D 407 -3.13 60.89 -1.16
C LYS D 407 -4.62 60.83 -0.98
N GLY D 408 -5.45 61.19 -1.94
CA GLY D 408 -6.84 61.09 -1.55
C GLY D 408 -7.61 59.89 -2.04
N LYS D 409 -6.94 58.92 -2.65
CA LYS D 409 -7.70 57.84 -3.25
C LYS D 409 -8.23 56.72 -2.44
N PHE D 410 -7.73 56.61 -1.23
CA PHE D 410 -8.15 55.57 -0.35
C PHE D 410 -7.81 56.07 1.01
N PHE D 411 -8.35 55.42 2.00
CA PHE D 411 -8.17 55.89 3.34
C PHE D 411 -6.81 55.78 3.97
N ALA D 412 -6.13 54.68 3.72
CA ALA D 412 -4.86 54.43 4.36
C ALA D 412 -3.77 55.36 3.89
N ARG D 413 -2.74 55.51 4.72
CA ARG D 413 -1.62 56.37 4.43
C ARG D 413 -0.55 55.73 3.59
N SER D 414 -0.58 54.41 3.40
CA SER D 414 0.48 53.85 2.60
C SER D 414 0.32 54.32 1.19
N THR D 415 1.46 54.45 0.53
CA THR D 415 1.51 54.81 -0.85
C THR D 415 1.16 53.60 -1.67
N ALA D 416 0.32 53.78 -2.68
CA ALA D 416 -0.08 52.68 -3.54
C ALA D 416 0.58 52.77 -4.90
N ILE D 417 1.55 51.91 -5.17
CA ILE D 417 2.30 51.93 -6.41
C ILE D 417 1.47 52.12 -7.69
N GLN D 418 0.33 51.46 -7.79
CA GLN D 418 -0.45 51.63 -8.99
C GLN D 418 -1.24 52.97 -9.04
N GLU D 419 -1.23 53.72 -7.94
CA GLU D 419 -1.91 55.02 -7.92
C GLU D 419 -0.99 56.21 -8.24
N LEU D 420 0.31 56.00 -8.07
CA LEU D 420 1.30 56.93 -8.56
C LEU D 420 1.55 56.97 -10.08
N ILE D 421 0.99 56.23 -11.01
CA ILE D 421 1.48 56.46 -12.45
C ILE D 421 0.22 57.09 -13.04
N GLU D 422 -0.80 57.46 -12.49
CA GLU D 422 -1.78 58.30 -13.13
C GLU D 422 -1.23 59.71 -13.22
N PRO D 423 -0.57 60.20 -12.17
CA PRO D 423 -0.04 61.54 -12.30
C PRO D 423 0.94 61.60 -13.48
N MET D 424 1.55 60.46 -13.81
CA MET D 424 2.51 60.39 -14.93
C MET D 424 1.87 60.67 -16.27
N ILE D 425 0.56 60.55 -16.31
CA ILE D 425 -0.17 60.73 -17.54
C ILE D 425 -1.02 61.99 -17.55
N THR D 426 -2.00 62.05 -16.68
CA THR D 426 -2.85 63.21 -16.68
C THR D 426 -2.18 64.38 -16.00
N GLY D 427 -1.00 64.13 -15.47
CA GLY D 427 -0.32 65.11 -14.70
C GLY D 427 -1.30 65.67 -13.64
N GLU D 428 -2.44 64.99 -13.39
CA GLU D 428 -3.32 65.71 -12.48
C GLU D 428 -2.83 65.95 -11.02
N PRO D 429 -3.40 65.35 -9.89
CA PRO D 429 -2.97 65.96 -8.58
C PRO D 429 -1.83 66.91 -8.82
N TYR D 430 -0.76 66.39 -9.36
CA TYR D 430 0.36 67.19 -9.81
C TYR D 430 1.17 66.24 -10.68
N PRO D 431 2.06 66.79 -11.47
CA PRO D 431 2.82 66.02 -12.42
C PRO D 431 3.96 65.17 -11.89
N ILE D 432 4.03 63.93 -12.37
CA ILE D 432 5.13 63.05 -12.04
C ILE D 432 5.86 62.86 -13.35
N LYS D 433 7.03 63.43 -13.39
CA LYS D 433 7.97 63.38 -14.46
C LYS D 433 9.07 62.57 -13.83
N GLY D 434 9.77 61.69 -14.51
CA GLY D 434 10.83 61.01 -13.77
C GLY D 434 10.33 59.97 -12.78
N LEU D 435 10.81 58.75 -13.05
CA LEU D 435 10.52 57.54 -12.30
C LEU D 435 11.75 56.64 -12.17
N PHE D 436 11.98 56.10 -10.96
CA PHE D 436 13.06 55.12 -10.75
C PHE D 436 12.45 53.76 -10.59
N ALA D 437 13.10 52.75 -11.13
CA ALA D 437 12.57 51.42 -10.95
C ALA D 437 13.71 50.58 -10.46
N TYR D 438 13.84 50.45 -9.16
CA TYR D 438 14.91 49.64 -8.61
C TYR D 438 14.40 48.23 -8.30
N GLY D 439 14.97 47.23 -8.98
CA GLY D 439 14.57 45.82 -8.80
C GLY D 439 13.06 45.67 -8.64
N ILE D 440 12.31 46.20 -9.57
CA ILE D 440 10.89 46.11 -9.49
C ILE D 440 10.40 46.02 -10.94
N ASN D 441 9.63 44.99 -11.19
CA ASN D 441 9.10 44.70 -12.50
C ASN D 441 7.91 45.57 -12.85
N LEU D 442 8.10 46.56 -13.71
CA LEU D 442 6.99 47.43 -14.02
C LEU D 442 5.93 46.81 -14.85
N PHE D 443 6.31 45.92 -15.75
CA PHE D 443 5.27 45.37 -16.58
C PHE D 443 4.78 44.03 -16.11
N HIS D 444 5.24 43.59 -14.96
CA HIS D 444 4.73 42.31 -14.45
C HIS D 444 4.09 42.45 -13.12
N SER D 445 4.57 43.46 -12.41
CA SER D 445 4.08 43.65 -11.07
C SER D 445 3.03 44.72 -10.90
N ILE D 446 2.76 45.54 -11.90
CA ILE D 446 1.74 46.58 -11.75
C ILE D 446 0.63 46.29 -12.74
N PRO D 447 -0.65 46.25 -12.35
CA PRO D 447 -1.64 45.95 -13.36
C PRO D 447 -1.72 47.06 -14.37
N ASN D 448 -2.46 46.74 -15.43
CA ASN D 448 -2.70 47.66 -16.50
C ASN D 448 -1.46 48.11 -17.24
N VAL D 449 -0.80 47.13 -17.87
CA VAL D 449 0.44 47.45 -18.58
C VAL D 449 0.35 48.56 -19.62
N PRO D 450 -0.74 48.69 -20.37
CA PRO D 450 -0.75 49.76 -21.37
C PRO D 450 -0.71 51.14 -20.73
N ARG D 451 -1.29 51.28 -19.57
CA ARG D 451 -1.28 52.52 -18.88
C ARG D 451 0.12 52.83 -18.39
N THR D 452 0.81 51.80 -17.85
CA THR D 452 2.16 51.98 -17.36
C THR D 452 3.07 52.45 -18.48
N LYS D 453 2.89 51.80 -19.64
CA LYS D 453 3.67 52.14 -20.84
C LYS D 453 3.41 53.58 -21.26
N GLU D 454 2.15 53.97 -21.26
CA GLU D 454 1.82 55.34 -21.60
C GLU D 454 2.51 56.31 -20.64
N ALA D 455 2.49 55.95 -19.38
CA ALA D 455 3.10 56.74 -18.32
C ALA D 455 4.59 56.88 -18.52
N LEU D 456 5.24 55.80 -18.89
CA LEU D 456 6.69 55.86 -19.12
C LEU D 456 6.99 56.83 -20.30
N LYS D 457 6.34 56.67 -21.41
CA LYS D 457 6.63 57.60 -22.50
C LYS D 457 6.58 59.09 -22.12
N ASN D 458 5.59 59.42 -21.31
CA ASN D 458 5.30 60.76 -20.84
C ASN D 458 6.34 61.36 -19.86
N LEU D 459 7.16 60.46 -19.33
CA LEU D 459 8.22 60.84 -18.38
C LEU D 459 9.34 61.62 -19.06
N ASP D 460 9.90 62.45 -18.19
CA ASP D 460 11.05 63.32 -18.45
C ASP D 460 12.28 62.51 -18.11
N LEU D 461 12.17 61.65 -17.09
CA LEU D 461 13.27 60.77 -16.75
C LEU D 461 12.73 59.39 -16.37
N TYR D 462 13.48 58.38 -16.72
CA TYR D 462 13.16 57.01 -16.34
C TYR D 462 14.50 56.33 -16.16
N VAL D 463 14.60 55.71 -15.02
CA VAL D 463 15.78 54.96 -14.66
C VAL D 463 15.35 53.52 -14.36
N ALA D 464 16.24 52.57 -14.56
CA ALA D 464 15.89 51.18 -14.28
C ALA D 464 17.14 50.44 -13.80
N ILE D 465 17.21 50.19 -12.50
CA ILE D 465 18.35 49.51 -11.80
C ILE D 465 18.02 48.07 -11.51
N ASP D 466 18.83 47.18 -12.03
CA ASP D 466 18.50 45.81 -11.88
C ASP D 466 19.26 44.95 -12.85
N VAL D 467 19.42 43.73 -12.34
CA VAL D 467 20.27 42.64 -12.83
C VAL D 467 20.15 41.91 -14.21
N LEU D 468 19.00 41.49 -14.72
CA LEU D 468 19.01 40.94 -16.06
C LEU D 468 18.46 42.02 -16.96
N PRO D 469 18.05 41.62 -18.17
CA PRO D 469 17.38 42.54 -19.12
C PRO D 469 15.94 42.07 -19.28
N GLN D 470 15.03 42.85 -18.77
CA GLN D 470 13.61 42.52 -18.76
C GLN D 470 12.81 43.60 -19.45
N GLU D 471 11.81 43.29 -20.26
CA GLU D 471 11.06 44.32 -20.97
C GLU D 471 11.03 45.78 -20.37
N HIS D 472 10.68 45.94 -19.09
CA HIS D 472 10.57 47.26 -18.52
C HIS D 472 11.91 47.96 -18.39
N VAL D 473 12.97 47.19 -18.14
CA VAL D 473 14.25 47.82 -18.08
C VAL D 473 14.63 48.41 -19.44
N MET D 474 14.38 47.67 -20.50
CA MET D 474 14.81 48.19 -21.79
C MET D 474 14.19 49.56 -22.14
N TRP D 475 13.02 49.86 -21.62
CA TRP D 475 12.31 51.10 -21.91
C TRP D 475 12.89 52.31 -21.20
N ALA D 476 13.96 52.14 -20.46
CA ALA D 476 14.51 53.21 -19.67
C ALA D 476 15.54 54.06 -20.40
N ASP D 477 15.85 55.19 -19.78
CA ASP D 477 16.80 56.15 -20.36
C ASP D 477 18.21 55.92 -19.90
N VAL D 478 18.34 55.13 -18.90
CA VAL D 478 19.67 54.98 -18.41
C VAL D 478 19.34 53.85 -17.41
N ILE D 479 19.95 52.69 -17.67
CA ILE D 479 19.83 51.39 -16.95
C ILE D 479 21.10 51.36 -16.13
N LEU D 480 21.03 50.63 -15.02
CA LEU D 480 22.14 50.46 -14.11
C LEU D 480 22.18 48.98 -13.68
N PRO D 481 23.25 48.26 -14.03
CA PRO D 481 23.44 46.88 -13.62
C PRO D 481 23.79 46.94 -12.13
N GLU D 482 23.08 46.14 -11.36
CA GLU D 482 23.38 46.14 -9.95
C GLU D 482 24.02 44.84 -9.45
N ALA D 483 25.14 44.91 -8.75
CA ALA D 483 25.80 43.72 -8.23
C ALA D 483 24.78 42.79 -7.56
N THR D 484 24.86 41.54 -8.05
CA THR D 484 24.06 40.38 -7.66
C THR D 484 24.14 40.13 -6.15
N TYR D 485 23.12 39.59 -5.52
CA TYR D 485 23.23 39.49 -4.05
C TYR D 485 24.53 38.82 -3.60
N LEU D 486 25.07 37.86 -4.36
CA LEU D 486 26.32 37.18 -3.92
C LEU D 486 27.54 38.08 -4.06
N GLU D 487 27.39 39.19 -4.78
CA GLU D 487 28.55 40.05 -5.05
C GLU D 487 28.59 41.33 -4.25
N ARG D 488 27.60 41.51 -3.42
CA ARG D 488 27.61 42.75 -2.72
C ARG D 488 27.41 42.63 -1.21
N TYR D 489 27.66 43.71 -0.53
CA TYR D 489 27.42 43.88 0.90
C TYR D 489 26.19 44.74 1.00
N ASP D 490 25.22 44.30 1.77
CA ASP D 490 23.94 44.99 1.95
C ASP D 490 23.71 45.28 3.38
N ASP D 491 23.20 46.50 3.64
CA ASP D 491 22.91 46.93 4.99
C ASP D 491 22.12 45.86 5.74
N PHE D 492 22.41 45.65 7.02
CA PHE D 492 21.76 44.57 7.75
C PHE D 492 20.27 44.44 7.55
N VAL D 493 19.88 43.16 7.54
CA VAL D 493 18.51 42.69 7.43
C VAL D 493 18.11 42.41 8.89
N LEU D 494 16.99 43.03 9.31
CA LEU D 494 16.39 42.88 10.67
C LEU D 494 14.95 42.42 10.50
N VAL D 495 14.71 41.27 11.01
CA VAL D 495 13.43 40.57 10.91
C VAL D 495 12.75 40.47 12.26
N ALA D 496 11.55 41.08 12.45
CA ALA D 496 10.83 40.94 13.72
C ALA D 496 10.42 39.50 13.89
N HIS D 497 10.67 38.99 15.07
CA HIS D 497 10.52 37.60 15.27
C HIS D 497 10.50 37.21 16.73
N LYS D 498 10.08 35.97 17.01
CA LYS D 498 10.06 35.48 18.34
C LYS D 498 11.23 36.12 18.97
N THR D 499 12.31 35.62 18.41
CA THR D 499 13.69 35.95 18.66
C THR D 499 14.09 36.88 17.61
N PRO D 500 14.45 38.09 17.95
CA PRO D 500 14.86 39.06 16.95
C PRO D 500 16.32 38.90 16.57
N PHE D 501 16.51 38.82 15.28
CA PHE D 501 17.83 38.56 14.79
C PHE D 501 18.25 39.53 13.70
N ILE D 502 19.51 39.52 13.45
CA ILE D 502 20.05 40.35 12.42
C ILE D 502 20.88 39.51 11.47
N GLN D 503 20.78 39.87 10.20
CA GLN D 503 21.54 39.16 9.18
C GLN D 503 22.50 40.10 8.51
N LEU D 504 23.54 39.47 8.00
CA LEU D 504 24.60 40.17 7.31
C LEU D 504 25.04 39.36 6.07
N ARG D 505 25.09 39.99 4.93
CA ARG D 505 25.52 39.33 3.71
C ARG D 505 26.84 39.95 3.29
N THR D 506 27.83 39.10 3.19
CA THR D 506 29.19 39.44 2.79
C THR D 506 29.30 39.05 1.34
N PRO D 507 30.13 39.70 0.51
CA PRO D 507 30.18 39.24 -0.91
C PRO D 507 31.08 38.05 -1.10
N ALA D 508 30.49 36.96 -1.55
CA ALA D 508 31.22 35.70 -1.76
C ALA D 508 32.42 35.92 -2.69
N HIS D 509 32.21 36.75 -3.68
CA HIS D 509 33.17 37.08 -4.63
C HIS D 509 32.73 38.43 -5.15
N GLU D 510 33.68 39.18 -5.70
CA GLU D 510 33.42 40.54 -6.19
C GLU D 510 32.54 40.67 -7.41
N PRO D 511 31.82 41.79 -7.56
CA PRO D 511 30.95 42.00 -8.69
C PRO D 511 31.61 41.54 -9.98
N LEU D 512 30.76 41.16 -10.92
CA LEU D 512 31.22 40.70 -12.22
C LEU D 512 30.86 41.70 -13.31
N PHE D 513 31.83 41.88 -14.21
CA PHE D 513 31.71 42.83 -15.32
C PHE D 513 31.89 44.24 -14.79
N ASP D 514 30.99 45.11 -15.18
CA ASP D 514 30.97 46.49 -14.74
C ASP D 514 29.71 46.70 -13.92
N THR D 515 29.62 45.86 -12.93
CA THR D 515 28.48 45.79 -12.07
C THR D 515 28.75 46.45 -10.73
N LYS D 516 27.74 47.04 -10.09
CA LYS D 516 27.97 47.70 -8.82
C LYS D 516 26.92 47.28 -7.80
N PRO D 517 27.30 47.37 -6.53
CA PRO D 517 26.38 47.13 -5.42
C PRO D 517 25.43 48.34 -5.33
N GLY D 518 24.19 48.13 -4.82
CA GLY D 518 23.17 49.18 -4.68
C GLY D 518 23.48 50.29 -3.67
N TRP D 519 24.17 49.93 -2.57
CA TRP D 519 24.55 50.94 -1.57
C TRP D 519 25.48 51.94 -2.20
N TRP D 520 26.28 51.47 -3.14
CA TRP D 520 27.22 52.31 -3.85
C TRP D 520 26.57 53.22 -4.84
N ILE D 521 25.55 52.71 -5.51
CA ILE D 521 24.83 53.48 -6.51
C ILE D 521 24.08 54.60 -5.79
N ALA D 522 23.45 54.24 -4.65
CA ALA D 522 22.69 55.20 -3.86
C ALA D 522 23.61 56.27 -3.29
N ARG D 523 24.82 55.88 -2.91
CA ARG D 523 25.77 56.82 -2.39
C ARG D 523 26.21 57.82 -3.44
N GLU D 524 26.44 57.35 -4.66
CA GLU D 524 26.88 58.24 -5.72
C GLU D 524 25.79 59.24 -6.11
N LEU D 525 24.58 58.72 -6.25
CA LEU D 525 23.37 59.48 -6.64
C LEU D 525 22.91 60.37 -5.52
N GLY D 526 23.56 60.14 -4.38
CA GLY D 526 23.33 60.91 -3.18
C GLY D 526 24.27 62.10 -3.22
N LEU D 527 25.53 61.81 -3.48
CA LEU D 527 26.57 62.83 -3.59
C LEU D 527 26.32 63.73 -4.79
N ARG D 528 25.89 63.12 -5.89
CA ARG D 528 25.58 63.87 -7.10
C ARG D 528 24.41 64.85 -6.88
N LEU D 529 23.44 64.49 -5.99
CA LEU D 529 22.29 65.37 -5.75
C LEU D 529 22.46 66.28 -4.52
N GLY D 530 23.63 66.30 -3.90
CA GLY D 530 23.91 67.15 -2.75
C GLY D 530 23.31 66.61 -1.47
N LEU D 531 23.16 65.30 -1.42
CA LEU D 531 22.60 64.69 -0.24
C LEU D 531 23.70 64.04 0.56
N GLU D 532 24.91 64.67 0.46
CA GLU D 532 26.07 64.04 1.11
C GLU D 532 25.97 63.90 2.64
N GLN D 533 25.19 64.76 3.27
CA GLN D 533 25.02 64.62 4.72
C GLN D 533 24.35 63.29 5.03
N TYR D 534 23.59 62.77 4.11
CA TYR D 534 22.93 61.49 4.41
C TYR D 534 23.88 60.35 4.24
N PHE D 535 24.90 60.59 3.43
CA PHE D 535 25.91 59.56 3.15
C PHE D 535 27.25 59.95 3.63
N PRO D 536 27.39 60.16 4.94
CA PRO D 536 28.66 60.59 5.47
C PRO D 536 29.72 59.52 5.61
N TRP D 537 29.35 58.28 5.37
CA TRP D 537 30.27 57.15 5.46
C TRP D 537 30.81 56.79 4.08
N LYS D 538 32.09 56.66 3.96
CA LYS D 538 32.61 56.42 2.63
C LYS D 538 32.41 55.01 2.09
N THR D 539 32.46 54.06 2.97
CA THR D 539 32.47 52.65 2.60
C THR D 539 31.34 51.81 3.29
N ILE D 540 30.80 50.71 2.71
CA ILE D 540 29.76 50.05 3.52
C ILE D 540 30.36 49.24 4.64
N GLU D 541 31.64 48.85 4.53
CA GLU D 541 32.21 48.15 5.64
C GLU D 541 32.24 49.14 6.81
N GLU D 542 32.58 50.40 6.53
CA GLU D 542 32.63 51.44 7.53
C GLU D 542 31.26 51.64 8.15
N TYR D 543 30.28 51.74 7.27
CA TYR D 543 28.87 51.91 7.60
C TYR D 543 28.37 50.79 8.51
N LEU D 544 28.74 49.54 8.13
CA LEU D 544 28.35 48.37 8.87
C LEU D 544 29.00 48.31 10.26
N GLU D 545 30.27 48.69 10.30
CA GLU D 545 30.98 48.69 11.56
C GLU D 545 30.35 49.68 12.58
N THR D 546 30.13 50.91 12.10
CA THR D 546 29.51 51.89 12.95
C THR D 546 28.22 51.33 13.57
N ARG D 547 27.40 50.72 12.74
CA ARG D 547 26.16 50.12 13.23
C ARG D 547 26.46 48.95 14.17
N LEU D 548 27.43 48.13 13.78
CA LEU D 548 27.76 47.00 14.58
C LEU D 548 28.24 47.38 15.98
N GLN D 549 28.95 48.47 16.08
CA GLN D 549 29.51 48.99 17.32
C GLN D 549 28.50 49.17 18.46
N SER D 550 27.24 49.41 18.08
CA SER D 550 26.17 49.61 19.05
C SER D 550 25.90 48.39 19.86
N LEU D 551 25.99 47.27 19.20
CA LEU D 551 25.96 46.02 19.90
C LEU D 551 27.45 45.66 20.02
N GLY D 552 28.09 45.93 21.16
CA GLY D 552 29.51 45.66 21.32
C GLY D 552 30.01 44.62 20.29
N LEU D 553 29.93 44.97 19.02
CA LEU D 553 30.35 44.01 18.02
C LEU D 553 31.15 44.61 16.92
N ASP D 554 31.98 43.80 16.33
CA ASP D 554 32.70 44.37 15.25
C ASP D 554 32.41 43.55 13.99
N LEU D 555 32.48 44.18 12.76
CA LEU D 555 32.20 43.54 11.42
C LEU D 555 32.83 42.14 11.23
N GLU D 556 34.11 41.97 11.55
CA GLU D 556 34.80 40.68 11.43
C GLU D 556 34.06 39.59 12.16
N THR D 557 33.65 39.98 13.35
CA THR D 557 32.94 39.08 14.24
C THR D 557 31.59 38.63 13.71
N MET D 558 30.88 39.58 13.10
CA MET D 558 29.59 39.27 12.52
C MET D 558 29.81 38.37 11.30
N LYS D 559 30.88 38.61 10.59
CA LYS D 559 31.19 37.79 9.43
C LYS D 559 31.41 36.35 9.79
N GLY D 560 31.83 36.09 10.97
CA GLY D 560 32.02 34.72 11.32
C GLY D 560 30.70 34.09 11.84
N MET D 561 29.72 34.91 12.24
CA MET D 561 28.43 34.44 12.83
C MET D 561 27.28 34.34 11.84
N GLY D 562 27.19 35.39 11.00
CA GLY D 562 26.18 35.60 9.98
C GLY D 562 25.01 36.40 10.54
N THR D 563 24.29 35.65 11.39
CA THR D 563 23.05 35.93 12.14
C THR D 563 23.30 36.17 13.63
N LEU D 564 22.90 37.33 14.12
CA LEU D 564 23.08 37.66 15.54
C LEU D 564 21.67 37.64 16.15
N VAL D 565 21.32 36.60 16.87
CA VAL D 565 19.96 36.53 17.38
C VAL D 565 19.81 37.12 18.79
N GLN D 566 18.86 38.04 18.92
CA GLN D 566 18.57 38.71 20.17
C GLN D 566 17.37 38.09 20.83
N ARG D 567 17.04 38.55 22.01
CA ARG D 567 15.99 37.89 22.85
C ARG D 567 14.55 38.00 22.31
N GLY D 568 13.82 38.92 22.87
CA GLY D 568 12.50 39.17 22.36
C GLY D 568 11.37 38.50 23.05
N LYS D 569 10.33 39.27 23.21
CA LYS D 569 9.17 38.76 23.85
C LYS D 569 8.19 38.23 22.90
N PRO D 570 7.78 36.97 23.18
CA PRO D 570 6.81 36.23 22.30
C PRO D 570 5.34 36.07 22.78
N TRP D 571 5.13 35.87 24.06
CA TRP D 571 3.79 35.66 24.52
C TRP D 571 3.18 36.85 25.27
N LEU D 572 1.84 36.87 25.36
CA LEU D 572 1.20 38.00 26.08
C LEU D 572 1.70 38.06 27.56
N GLU D 573 1.87 36.90 28.16
CA GLU D 573 2.34 36.75 29.57
C GLU D 573 3.67 37.41 29.84
N ASP D 574 4.48 37.59 28.78
CA ASP D 574 5.79 38.24 28.89
C ASP D 574 5.56 39.75 28.95
N TRP D 575 4.47 40.19 28.31
CA TRP D 575 4.12 41.58 28.26
C TRP D 575 3.43 42.01 29.53
N GLU D 576 2.41 41.25 29.82
CA GLU D 576 1.59 41.48 30.97
C GLU D 576 2.34 41.38 32.27
N LYS D 577 3.17 40.37 32.47
CA LYS D 577 3.83 40.31 33.80
C LYS D 577 4.71 41.50 34.02
N GLU D 578 4.83 42.32 32.98
CA GLU D 578 5.68 43.45 32.83
C GLU D 578 4.94 44.77 32.97
N GLY D 579 3.63 44.66 32.94
CA GLY D 579 2.83 45.84 33.07
C GLY D 579 2.39 46.39 31.75
N ARG D 580 2.74 45.76 30.62
CA ARG D 580 2.22 46.36 29.38
C ARG D 580 1.67 45.36 28.37
N LEU D 581 0.86 45.92 27.50
CA LEU D 581 0.19 45.25 26.43
C LEU D 581 0.56 45.96 25.16
N PRO D 582 0.88 45.15 24.16
CA PRO D 582 1.17 45.58 22.81
C PRO D 582 0.60 46.47 21.70
N PHE D 583 -0.68 46.24 21.37
CA PHE D 583 -1.30 47.01 20.29
C PHE D 583 -1.33 48.49 19.86
N GLY D 584 -2.54 48.90 19.44
CA GLY D 584 -2.94 50.20 18.87
C GLY D 584 -4.10 50.71 19.74
N THR D 585 -4.20 52.04 19.99
CA THR D 585 -5.15 52.68 20.97
C THR D 585 -4.62 52.09 22.29
N ALA D 586 -5.39 51.42 22.96
CA ALA D 586 -5.15 50.74 24.25
C ALA D 586 -5.14 49.20 24.03
N SER D 587 -6.27 48.57 23.64
CA SER D 587 -6.26 47.13 23.35
C SER D 587 -6.51 46.87 21.87
N GLY D 588 -6.80 45.63 21.53
CA GLY D 588 -7.21 45.27 20.18
C GLY D 588 -8.55 45.88 19.81
N LYS D 589 -8.55 46.60 18.81
CA LYS D 589 -9.80 47.08 18.57
C LYS D 589 -10.53 46.07 17.68
N ILE D 590 -11.70 45.54 18.15
CA ILE D 590 -12.48 44.64 17.30
C ILE D 590 -13.50 45.43 16.63
N GLU D 591 -13.60 45.20 15.32
CA GLU D 591 -14.50 45.87 14.36
C GLU D 591 -14.34 47.41 14.46
N LEU D 592 -13.24 47.87 15.07
CA LEU D 592 -13.05 49.29 15.32
C LEU D 592 -11.85 49.94 14.71
N TYR D 593 -11.84 51.24 14.90
CA TYR D 593 -10.67 52.03 14.62
C TYR D 593 -11.51 53.21 14.35
N CYS D 594 -11.28 54.16 15.18
CA CYS D 594 -12.06 55.34 15.10
C CYS D 594 -12.35 56.43 14.08
N GLN D 595 -11.26 56.99 13.54
CA GLN D 595 -11.47 58.02 12.54
C GLN D 595 -11.80 57.70 11.09
N ARG D 596 -12.21 56.48 10.95
CA ARG D 596 -12.68 55.94 9.73
C ARG D 596 -14.19 55.99 9.81
N PHE D 597 -14.67 55.54 10.97
CA PHE D 597 -16.08 55.54 11.32
C PHE D 597 -16.56 56.98 11.57
N LYS D 598 -15.63 57.78 12.03
CA LYS D 598 -15.75 59.19 12.36
C LYS D 598 -15.88 59.98 11.11
N GLU D 599 -14.97 59.68 10.20
CA GLU D 599 -14.94 60.32 8.90
C GLU D 599 -14.36 59.31 7.97
N ALA D 600 -14.90 59.27 6.80
CA ALA D 600 -14.54 58.34 5.75
C ALA D 600 -14.66 56.86 6.03
N GLY D 601 -15.88 56.45 5.70
CA GLY D 601 -16.32 55.08 5.65
C GLY D 601 -16.85 54.43 6.91
N HIS D 602 -17.89 53.66 6.64
CA HIS D 602 -18.50 52.72 7.58
C HIS D 602 -17.44 51.74 8.13
N GLN D 603 -17.53 51.43 9.42
CA GLN D 603 -16.46 50.74 10.17
C GLN D 603 -16.28 49.21 10.04
N PRO D 604 -17.27 48.39 9.79
CA PRO D 604 -16.96 46.97 9.81
C PRO D 604 -16.99 46.31 8.46
N LEU D 605 -16.75 45.03 8.51
CA LEU D 605 -16.76 44.22 7.35
C LEU D 605 -18.16 43.71 7.09
N PRO D 606 -18.89 44.47 6.32
CA PRO D 606 -20.15 44.01 5.92
C PRO D 606 -19.86 43.66 4.47
N VAL D 607 -19.08 44.55 3.85
CA VAL D 607 -18.71 44.43 2.42
C VAL D 607 -18.40 43.03 2.06
N PHE D 608 -19.31 42.14 2.32
CA PHE D 608 -19.02 40.81 1.79
C PHE D 608 -19.00 41.02 0.24
N THR D 609 -19.89 41.97 -0.15
CA THR D 609 -20.29 42.56 -1.46
C THR D 609 -20.02 41.70 -2.68
N PRO D 610 -20.99 40.87 -2.98
CA PRO D 610 -20.89 39.92 -4.09
C PRO D 610 -20.08 40.37 -5.27
N PRO D 611 -18.99 39.67 -5.47
CA PRO D 611 -18.13 39.97 -6.59
C PRO D 611 -18.91 39.96 -7.86
N GLU D 612 -18.43 40.78 -8.79
CA GLU D 612 -18.95 40.82 -10.13
C GLU D 612 -18.54 39.50 -10.75
N GLU D 613 -19.50 38.80 -11.32
CA GLU D 613 -19.17 37.49 -11.87
C GLU D 613 -18.77 37.49 -13.29
N PRO D 614 -17.91 36.55 -13.69
CA PRO D 614 -17.46 36.55 -15.05
C PRO D 614 -18.57 36.45 -16.06
N PRO D 615 -18.41 37.18 -17.18
CA PRO D 615 -19.36 37.16 -18.28
C PRO D 615 -19.42 35.76 -18.83
N GLU D 616 -20.42 35.49 -19.64
CA GLU D 616 -20.51 34.21 -20.26
C GLU D 616 -19.30 34.03 -21.16
N GLY D 617 -18.72 32.83 -21.09
CA GLY D 617 -17.60 32.40 -21.90
C GLY D 617 -16.25 32.81 -21.34
N PHE D 618 -16.29 33.26 -20.12
CA PHE D 618 -15.14 33.71 -19.41
C PHE D 618 -14.97 32.91 -18.11
N TYR D 619 -13.83 33.14 -17.51
CA TYR D 619 -13.49 32.55 -16.27
C TYR D 619 -13.02 33.66 -15.38
N ARG D 620 -13.04 33.53 -14.07
CA ARG D 620 -12.43 34.57 -13.29
C ARG D 620 -10.94 34.24 -13.15
N LEU D 621 -10.09 34.98 -13.87
CA LEU D 621 -8.64 34.72 -13.81
C LEU D 621 -8.20 34.55 -12.39
N LEU D 622 -7.24 33.70 -12.21
CA LEU D 622 -6.69 33.56 -10.92
C LEU D 622 -5.16 33.68 -11.12
N TYR D 623 -4.38 33.32 -10.14
CA TYR D 623 -2.93 33.29 -10.32
C TYR D 623 -2.35 32.88 -8.96
N GLY D 624 -1.08 32.47 -8.99
CA GLY D 624 -0.39 32.01 -7.80
C GLY D 624 1.13 31.94 -8.04
N ARG D 625 1.72 30.95 -7.41
CA ARG D 625 3.16 30.77 -7.51
C ARG D 625 3.54 29.33 -7.77
N SER D 626 4.63 29.14 -8.51
CA SER D 626 5.16 27.82 -8.82
C SER D 626 6.47 27.69 -8.04
N PRO D 627 6.41 26.77 -7.03
CA PRO D 627 7.48 26.55 -6.04
C PRO D 627 8.90 26.82 -6.50
N VAL D 628 9.14 26.58 -7.75
CA VAL D 628 10.50 26.75 -8.20
C VAL D 628 10.82 28.23 -8.50
N HIS D 629 9.80 28.97 -9.03
CA HIS D 629 9.84 30.38 -9.42
C HIS D 629 9.25 31.38 -8.45
N THR D 630 10.06 32.45 -8.26
CA THR D 630 9.83 33.65 -7.43
C THR D 630 9.46 34.78 -8.36
N PHE D 631 8.20 35.22 -8.43
CA PHE D 631 7.76 36.22 -9.43
C PHE D 631 8.44 36.02 -10.76
N ALA D 632 8.30 37.00 -11.65
CA ALA D 632 8.83 36.90 -13.01
C ALA D 632 10.35 36.98 -13.18
N ARG D 633 11.13 37.21 -12.09
CA ARG D 633 12.59 37.40 -12.22
C ARG D 633 13.36 36.10 -12.25
N THR D 634 12.70 35.04 -12.51
CA THR D 634 13.43 33.81 -12.42
C THR D 634 13.27 32.93 -13.64
N GLN D 635 12.50 33.44 -14.57
CA GLN D 635 12.23 32.72 -15.79
C GLN D 635 13.51 32.44 -16.60
N ASN D 636 14.48 33.39 -16.64
CA ASN D 636 15.75 33.22 -17.40
C ASN D 636 16.79 32.33 -16.72
N ASN D 637 16.47 31.92 -15.53
CA ASN D 637 17.32 31.05 -14.78
C ASN D 637 17.21 29.67 -15.39
N TRP D 638 18.31 29.11 -15.92
CA TRP D 638 18.19 27.79 -16.55
C TRP D 638 17.98 26.68 -15.53
N VAL D 639 18.63 26.77 -14.41
CA VAL D 639 18.45 25.75 -13.39
C VAL D 639 16.98 25.69 -13.03
N LEU D 640 16.38 26.85 -12.83
CA LEU D 640 14.96 26.90 -12.42
C LEU D 640 14.00 26.75 -13.58
N MET D 641 14.33 27.20 -14.78
CA MET D 641 13.41 27.05 -15.91
C MET D 641 13.32 25.61 -16.39
N GLU D 642 14.39 24.88 -16.10
CA GLU D 642 14.48 23.49 -16.42
C GLU D 642 13.52 22.65 -15.60
N MET D 643 13.30 23.13 -14.39
CA MET D 643 12.36 22.50 -13.51
C MET D 643 10.93 22.88 -13.96
N ASP D 644 10.71 24.12 -14.39
CA ASP D 644 9.39 24.56 -14.81
C ASP D 644 9.46 25.60 -15.94
N PRO D 645 9.59 25.11 -17.17
CA PRO D 645 9.79 25.95 -18.36
C PRO D 645 8.60 26.78 -18.81
N GLU D 646 7.42 26.55 -18.26
CA GLU D 646 6.30 27.33 -18.71
C GLU D 646 5.19 27.25 -17.71
N ASN D 647 4.23 28.16 -17.80
CA ASN D 647 3.12 27.96 -16.89
C ASN D 647 2.11 27.19 -17.68
N GLU D 648 1.06 26.89 -16.98
CA GLU D 648 0.03 26.05 -17.48
C GLU D 648 -1.36 26.58 -16.98
N VAL D 649 -2.41 26.66 -17.85
CA VAL D 649 -3.72 27.14 -17.36
C VAL D 649 -4.54 26.00 -16.81
N TRP D 650 -4.99 26.19 -15.61
CA TRP D 650 -5.85 25.26 -14.91
C TRP D 650 -7.28 25.60 -15.28
N ILE D 651 -8.05 24.64 -15.79
CA ILE D 651 -9.47 24.76 -16.20
C ILE D 651 -9.98 23.41 -15.79
N HIS D 652 -11.24 23.39 -15.44
CA HIS D 652 -11.80 22.17 -15.06
C HIS D 652 -11.92 21.27 -16.26
N LYS D 653 -11.67 20.00 -16.00
CA LYS D 653 -11.75 18.93 -16.95
C LYS D 653 -12.97 19.01 -17.85
N GLU D 654 -14.12 19.27 -17.25
CA GLU D 654 -15.36 19.31 -17.98
C GLU D 654 -15.53 20.59 -18.74
N GLU D 655 -14.86 21.63 -18.29
CA GLU D 655 -14.97 22.87 -19.01
C GLU D 655 -14.11 22.74 -20.25
N ALA D 656 -12.93 22.19 -20.06
CA ALA D 656 -11.97 21.99 -21.12
C ALA D 656 -12.58 21.07 -22.16
N LYS D 657 -13.30 20.07 -21.70
CA LYS D 657 -13.97 19.14 -22.59
C LYS D 657 -15.08 19.83 -23.42
N ARG D 658 -15.85 20.74 -22.81
CA ARG D 658 -16.87 21.52 -23.53
C ARG D 658 -16.28 22.45 -24.54
N LEU D 659 -15.18 23.12 -24.18
CA LEU D 659 -14.45 23.97 -25.11
C LEU D 659 -13.88 22.76 -25.80
N GLY D 660 -12.99 22.80 -26.75
CA GLY D 660 -12.63 21.46 -27.21
C GLY D 660 -11.19 21.21 -26.88
N LEU D 661 -10.83 21.24 -25.61
CA LEU D 661 -9.43 21.18 -25.29
C LEU D 661 -8.91 19.95 -24.62
N LYS D 662 -7.73 19.54 -25.01
CA LYS D 662 -7.14 18.39 -24.38
C LYS D 662 -5.81 18.68 -23.79
N GLU D 663 -5.21 17.65 -23.22
CA GLU D 663 -3.98 17.80 -22.52
C GLU D 663 -2.81 18.30 -23.34
N GLY D 664 -2.82 18.06 -24.62
CA GLY D 664 -1.68 18.59 -25.34
C GLY D 664 -1.81 20.04 -25.70
N ASP D 665 -3.03 20.55 -25.65
CA ASP D 665 -3.35 21.85 -26.18
C ASP D 665 -2.84 23.11 -25.61
N TYR D 666 -2.71 24.10 -26.49
CA TYR D 666 -2.31 25.44 -26.12
C TYR D 666 -3.48 26.34 -26.42
N VAL D 667 -3.45 27.48 -25.78
CA VAL D 667 -4.59 28.32 -25.85
C VAL D 667 -4.06 29.71 -25.70
N MET D 668 -4.85 30.70 -26.15
CA MET D 668 -4.55 32.10 -25.90
C MET D 668 -5.62 32.44 -24.90
N LEU D 669 -5.26 33.31 -23.97
CA LEU D 669 -6.19 33.77 -22.97
C LEU D 669 -6.47 35.17 -23.43
N VAL D 670 -7.73 35.49 -23.56
CA VAL D 670 -8.10 36.81 -23.99
C VAL D 670 -8.86 37.38 -22.82
N ASN D 671 -8.52 38.58 -22.39
CA ASN D 671 -9.28 39.06 -21.27
C ASN D 671 -10.49 39.85 -21.72
N GLN D 672 -11.25 40.35 -20.76
CA GLN D 672 -12.48 41.00 -21.10
C GLN D 672 -12.30 42.20 -21.98
N ASP D 673 -11.12 42.77 -21.88
CA ASP D 673 -10.76 43.92 -22.64
C ASP D 673 -10.05 43.58 -23.93
N GLY D 674 -10.12 42.33 -24.36
CA GLY D 674 -9.47 41.97 -25.60
C GLY D 674 -7.98 41.67 -25.59
N VAL D 675 -7.26 41.86 -24.47
CA VAL D 675 -5.83 41.55 -24.47
C VAL D 675 -5.64 40.03 -24.51
N LYS D 676 -4.69 39.60 -25.33
CA LYS D 676 -4.40 38.20 -25.62
C LYS D 676 -3.03 37.80 -25.08
N GLU D 677 -2.86 36.65 -24.42
CA GLU D 677 -1.57 36.25 -23.89
C GLU D 677 -1.04 34.95 -24.49
N GLY D 678 0.16 35.08 -25.09
CA GLY D 678 0.93 34.08 -25.86
C GLY D 678 0.50 32.69 -25.65
N PRO D 679 0.67 31.74 -26.57
CA PRO D 679 0.08 30.46 -26.14
C PRO D 679 0.56 29.87 -24.81
N VAL D 680 -0.41 29.43 -23.99
CA VAL D 680 -0.14 28.71 -22.71
C VAL D 680 -0.72 27.32 -22.80
N ARG D 681 0.00 26.35 -22.25
CA ARG D 681 -0.51 24.99 -22.23
C ARG D 681 -1.73 24.93 -21.35
N VAL D 682 -2.66 24.09 -21.79
CA VAL D 682 -3.92 23.86 -21.13
C VAL D 682 -3.76 22.71 -20.19
N LYS D 683 -4.14 22.92 -18.94
CA LYS D 683 -4.10 21.86 -17.94
C LYS D 683 -5.53 21.60 -17.43
N PRO D 684 -6.22 20.62 -18.03
CA PRO D 684 -7.61 20.30 -17.63
C PRO D 684 -7.64 19.77 -16.23
N THR D 685 -6.75 18.89 -15.96
CA THR D 685 -6.67 18.45 -14.61
C THR D 685 -7.42 19.30 -13.40
N ALA D 686 -8.65 18.79 -13.10
CA ALA D 686 -9.69 18.92 -12.03
C ALA D 686 -9.65 19.53 -10.57
N ARG D 687 -8.58 20.23 -10.28
CA ARG D 687 -8.43 20.84 -9.01
C ARG D 687 -8.91 22.26 -9.03
N ILE D 688 -9.96 22.56 -9.77
CA ILE D 688 -10.42 23.96 -9.80
C ILE D 688 -11.92 24.08 -10.09
N ARG D 689 -12.57 25.12 -9.59
CA ARG D 689 -13.97 25.28 -9.94
C ARG D 689 -14.09 25.61 -11.43
N LYS D 690 -15.30 25.54 -11.93
CA LYS D 690 -15.64 25.77 -13.34
C LYS D 690 -15.77 27.21 -13.69
N ASP D 691 -15.65 27.94 -12.61
CA ASP D 691 -15.82 29.35 -12.39
C ASP D 691 -14.64 30.22 -12.68
N CYS D 692 -13.53 29.51 -12.70
CA CYS D 692 -12.18 29.99 -12.64
C CYS D 692 -11.16 29.41 -13.51
N VAL D 693 -10.02 30.07 -13.61
CA VAL D 693 -8.96 29.47 -14.34
C VAL D 693 -7.74 29.94 -13.53
N TYR D 694 -6.61 29.23 -13.61
CA TYR D 694 -5.43 29.59 -12.82
C TYR D 694 -4.14 29.55 -13.60
N ILE D 695 -3.34 30.61 -13.51
CA ILE D 695 -2.03 30.52 -14.10
C ILE D 695 -1.01 31.05 -13.12
N VAL D 696 0.17 30.42 -13.12
CA VAL D 696 1.25 30.87 -12.28
C VAL D 696 1.69 32.20 -12.84
N HIS D 697 2.00 33.09 -11.93
CA HIS D 697 2.40 34.42 -12.24
C HIS D 697 3.82 34.56 -12.68
N GLY D 698 4.04 35.45 -13.63
CA GLY D 698 5.40 35.74 -13.95
C GLY D 698 5.93 35.18 -15.21
N PHE D 699 5.07 34.58 -15.98
CA PHE D 699 5.52 34.08 -17.24
C PHE D 699 5.15 35.05 -18.30
N GLY D 700 5.24 34.60 -19.55
CA GLY D 700 4.89 35.46 -20.67
C GLY D 700 5.71 36.71 -20.85
N HIS D 701 7.00 36.60 -20.59
CA HIS D 701 7.87 37.71 -20.76
C HIS D 701 7.95 38.05 -22.19
N LYS D 702 8.09 39.34 -22.44
CA LYS D 702 8.44 39.69 -23.79
C LYS D 702 9.68 40.53 -23.58
N ALA D 703 10.77 39.83 -23.72
CA ALA D 703 12.06 40.36 -23.39
C ALA D 703 13.02 39.54 -24.20
N PRO D 704 13.26 39.94 -25.44
CA PRO D 704 14.16 39.09 -26.21
C PRO D 704 15.55 38.88 -25.66
N LEU D 705 16.05 39.76 -24.82
CA LEU D 705 17.37 39.56 -24.32
C LEU D 705 17.41 38.63 -23.13
N MET D 706 16.27 38.32 -22.56
CA MET D 706 16.26 37.32 -21.53
C MET D 706 15.86 36.16 -22.41
N ARG D 707 16.91 35.55 -22.96
CA ARG D 707 16.72 34.54 -23.94
C ARG D 707 15.93 33.32 -23.59
N LEU D 708 16.00 32.88 -22.36
CA LEU D 708 15.21 31.74 -21.90
C LEU D 708 13.79 32.18 -21.57
N ALA D 709 13.65 33.30 -20.89
CA ALA D 709 12.35 33.77 -20.44
C ALA D 709 11.41 34.13 -21.55
N HIS D 710 12.04 34.56 -22.63
CA HIS D 710 11.30 35.20 -23.66
C HIS D 710 9.96 34.78 -24.14
N GLY D 711 9.69 33.74 -24.87
CA GLY D 711 8.29 33.81 -25.21
C GLY D 711 7.41 32.78 -24.62
N ARG D 712 7.59 32.51 -23.34
CA ARG D 712 7.01 31.35 -22.78
C ARG D 712 5.91 31.53 -21.81
N GLY D 713 4.80 30.85 -22.02
CA GLY D 713 3.71 30.95 -21.09
C GLY D 713 2.86 32.18 -21.32
N ALA D 714 1.90 32.39 -20.41
CA ALA D 714 1.04 33.54 -20.49
C ALA D 714 1.30 34.37 -19.27
N SER D 715 1.09 35.66 -19.42
CA SER D 715 1.31 36.57 -18.34
C SER D 715 0.00 37.02 -17.73
N ASP D 716 -0.15 36.82 -16.42
CA ASP D 716 -1.38 37.24 -15.80
C ASP D 716 -1.42 38.75 -15.73
N ASN D 717 -0.30 39.39 -15.43
CA ASN D 717 -0.35 40.81 -15.33
C ASN D 717 -0.81 41.49 -16.62
N TYR D 718 -0.43 40.96 -17.79
CA TYR D 718 -0.88 41.50 -19.08
C TYR D 718 -2.35 41.24 -19.31
N LEU D 719 -2.90 40.23 -18.67
CA LEU D 719 -4.33 40.05 -18.81
C LEU D 719 -5.03 40.83 -17.69
N GLN D 720 -4.29 41.44 -16.78
CA GLN D 720 -4.92 42.13 -15.67
C GLN D 720 -4.96 43.57 -16.00
N THR D 721 -5.91 43.86 -16.85
CA THR D 721 -6.07 45.16 -17.38
C THR D 721 -6.82 46.03 -16.39
N ARG D 722 -7.60 45.41 -15.52
CA ARG D 722 -8.34 46.16 -14.52
C ARG D 722 -7.97 45.76 -13.14
N TYR D 723 -8.44 46.54 -12.19
CA TYR D 723 -8.24 46.16 -10.83
C TYR D 723 -9.25 46.95 -10.10
N LYS D 724 -9.69 46.43 -8.97
CA LYS D 724 -10.61 47.20 -8.19
C LYS D 724 -9.86 47.68 -6.98
N LEU D 725 -9.76 48.99 -6.85
CA LEU D 725 -9.02 49.62 -5.79
C LEU D 725 -9.71 49.45 -4.45
N ASP D 726 -8.92 49.17 -3.42
CA ASP D 726 -9.47 49.04 -2.09
C ASP D 726 -9.50 50.49 -1.54
N PRO D 727 -10.71 51.01 -1.26
CA PRO D 727 -10.85 52.35 -0.71
C PRO D 727 -10.20 52.51 0.63
N ILE D 728 -9.97 51.41 1.34
CA ILE D 728 -9.36 51.48 2.65
C ILE D 728 -7.83 51.42 2.51
N SER D 729 -7.31 50.28 2.10
CA SER D 729 -5.88 50.15 1.92
C SER D 729 -5.47 50.57 0.51
N GLY D 730 -4.22 50.61 0.20
CA GLY D 730 -4.03 50.99 -1.18
C GLY D 730 -4.33 49.92 -2.24
N GLY D 731 -4.72 48.72 -1.85
CA GLY D 731 -4.80 47.61 -2.79
C GLY D 731 -5.35 47.58 -4.18
N ALA D 732 -4.59 47.02 -5.12
CA ALA D 732 -5.11 46.90 -6.46
C ALA D 732 -5.75 45.53 -6.55
N GLY D 733 -7.05 45.45 -6.35
CA GLY D 733 -7.72 44.17 -6.43
C GLY D 733 -7.65 43.58 -7.82
N LEU D 734 -6.81 42.57 -7.96
CA LEU D 734 -6.53 41.91 -9.21
C LEU D 734 -7.41 40.79 -9.70
N ARG D 735 -8.10 40.12 -8.81
CA ARG D 735 -8.86 38.93 -9.23
C ARG D 735 -10.22 39.23 -9.77
N VAL D 736 -10.28 40.38 -10.39
CA VAL D 736 -11.48 40.94 -10.83
C VAL D 736 -11.48 40.90 -12.38
N ASN D 737 -10.51 40.20 -12.93
CA ASN D 737 -10.34 40.09 -14.36
C ASN D 737 -10.81 38.76 -14.77
N PHE D 738 -11.31 38.71 -16.00
CA PHE D 738 -11.85 37.53 -16.59
C PHE D 738 -11.12 37.23 -17.87
N VAL D 739 -11.17 35.97 -18.24
CA VAL D 739 -10.37 35.53 -19.33
C VAL D 739 -11.13 34.48 -20.15
N ARG D 740 -10.93 34.46 -21.48
CA ARG D 740 -11.54 33.46 -22.35
C ARG D 740 -10.44 32.66 -23.04
N LEU D 741 -10.77 31.47 -23.50
CA LEU D 741 -9.75 30.62 -24.08
C LEU D 741 -9.99 30.47 -25.56
N GLU D 742 -8.98 30.77 -26.36
CA GLU D 742 -9.09 30.57 -27.78
C GLU D 742 -8.04 29.58 -28.08
N LYS D 743 -8.38 28.66 -28.94
CA LYS D 743 -7.43 27.66 -29.28
C LYS D 743 -6.28 28.26 -30.07
N ALA D 744 -5.10 27.72 -29.82
CA ALA D 744 -3.91 28.23 -30.44
C ALA D 744 -2.98 27.08 -30.73
N GLU D 745 -2.07 27.32 -31.65
CA GLU D 745 -1.09 26.31 -31.99
C GLU D 745 -0.01 26.27 -30.91
N ARG D 746 0.57 25.09 -30.74
CA ARG D 746 1.63 24.88 -29.80
C ARG D 746 2.77 25.81 -30.27
N PRO D 747 3.39 26.51 -29.34
CA PRO D 747 4.39 27.43 -29.82
C PRO D 747 5.71 26.88 -30.21
N ARG D 748 6.39 27.64 -31.04
CA ARG D 748 7.66 27.26 -31.57
C ARG D 748 8.63 28.03 -30.75
N LEU D 749 9.54 27.35 -30.06
CA LEU D 749 10.42 28.08 -29.18
C LEU D 749 11.79 27.49 -29.18
N PRO D 750 12.79 28.31 -28.86
CA PRO D 750 14.10 27.67 -28.88
C PRO D 750 14.28 26.62 -27.80
N SER D 751 15.24 25.73 -28.02
CA SER D 751 15.47 24.72 -27.04
C SER D 751 16.08 25.40 -25.86
N LEU D 752 15.50 25.10 -24.73
CA LEU D 752 15.89 25.64 -23.49
C LEU D 752 17.20 25.03 -22.99
N THR D 753 17.46 23.77 -23.32
CA THR D 753 18.70 23.13 -22.87
C THR D 753 19.83 23.77 -23.65
N GLY D 754 19.57 23.99 -24.93
CA GLY D 754 20.52 24.60 -25.82
C GLY D 754 20.86 25.97 -25.30
N LEU D 755 19.84 26.70 -24.88
CA LEU D 755 20.11 27.99 -24.29
C LEU D 755 20.78 27.79 -22.92
N ALA D 756 20.42 26.75 -22.16
CA ALA D 756 21.02 26.64 -20.83
C ALA D 756 22.51 26.41 -20.87
N LYS D 757 22.96 25.82 -21.96
CA LYS D 757 24.34 25.42 -22.13
C LYS D 757 25.38 26.47 -22.46
N ARG D 758 24.92 27.59 -23.02
CA ARG D 758 25.78 28.72 -23.29
C ARG D 758 26.54 28.87 -22.01
N PRO D 759 27.86 28.86 -22.10
CA PRO D 759 28.70 29.00 -20.93
C PRO D 759 28.74 30.41 -20.44
N PHE D 760 28.94 30.53 -19.14
CA PHE D 760 29.02 31.81 -18.54
C PHE D 760 30.43 32.32 -18.63
N ASP D 761 30.54 33.36 -19.42
CA ASP D 761 31.78 34.01 -19.68
C ASP D 761 31.89 35.23 -18.76
N GLU D 762 32.69 35.07 -17.73
CA GLU D 762 32.97 36.04 -16.68
C GLU D 762 33.60 37.30 -17.20
N ARG D 763 33.83 37.28 -18.52
CA ARG D 763 34.69 38.22 -19.25
C ARG D 763 35.97 38.46 -18.49
N ARG D 764 36.09 39.45 -17.77
N MET E 1 29.35 -2.61 4.45
CA MET E 1 28.72 -3.38 5.54
C MET E 1 27.34 -2.81 6.06
N PRO E 2 27.04 -1.50 5.87
CA PRO E 2 25.72 -0.96 6.24
C PRO E 2 24.88 -1.19 4.95
N ARG E 3 23.63 -0.74 4.95
CA ARG E 3 22.78 -0.78 3.74
C ARG E 3 22.17 0.59 3.61
N TYR E 4 22.76 1.39 2.75
CA TYR E 4 22.33 2.76 2.58
C TYR E 4 20.99 3.01 2.00
N ALA E 5 20.17 3.82 2.68
CA ALA E 5 18.88 4.12 2.12
C ALA E 5 18.30 5.49 2.39
N MET E 6 17.31 5.79 1.60
CA MET E 6 16.64 7.06 1.56
C MET E 6 15.16 6.80 1.75
N ALA E 7 14.50 7.61 2.55
CA ALA E 7 13.07 7.45 2.67
C ALA E 7 12.47 8.81 2.43
N ILE E 8 11.33 8.83 1.76
CA ILE E 8 10.64 10.06 1.49
C ILE E 8 9.24 9.97 1.97
N ASP E 9 8.93 10.83 2.91
CA ASP E 9 7.62 10.81 3.48
C ASP E 9 6.74 11.65 2.58
N LEU E 10 5.92 11.00 1.73
CA LEU E 10 5.06 11.72 0.79
C LEU E 10 3.91 12.48 1.43
N SER E 11 3.66 12.23 2.71
CA SER E 11 2.59 12.94 3.35
C SER E 11 3.06 14.36 3.62
N LEU E 12 4.38 14.56 3.59
CA LEU E 12 4.96 15.86 3.85
C LEU E 12 5.53 16.48 2.59
N CYS E 13 5.85 15.68 1.59
CA CYS E 13 6.36 16.24 0.35
C CYS E 13 5.29 17.13 -0.26
N VAL E 14 5.71 18.34 -0.60
CA VAL E 14 4.86 19.32 -1.24
C VAL E 14 5.39 19.49 -2.64
N GLY E 15 6.44 18.77 -3.00
CA GLY E 15 6.92 18.85 -4.35
C GLY E 15 7.40 20.19 -4.84
N CYS E 16 7.92 20.99 -3.91
CA CYS E 16 8.55 22.30 -4.17
C CYS E 16 9.79 21.71 -4.82
N ALA E 17 10.53 22.21 -5.77
CA ALA E 17 11.56 21.19 -6.06
C ALA E 17 12.92 21.43 -5.46
N ALA E 18 13.00 21.58 -4.14
CA ALA E 18 14.25 21.99 -3.54
C ALA E 18 15.41 21.05 -3.56
N CYS E 19 15.07 19.78 -3.35
CA CYS E 19 15.99 18.69 -3.35
C CYS E 19 16.50 18.60 -4.76
N ALA E 20 15.58 18.62 -5.70
CA ALA E 20 15.94 18.55 -7.10
C ALA E 20 16.91 19.65 -7.46
N VAL E 21 16.66 20.87 -7.00
CA VAL E 21 17.56 21.97 -7.34
C VAL E 21 18.85 21.86 -6.53
N ALA E 22 18.78 21.43 -5.27
CA ALA E 22 20.00 21.29 -4.46
C ALA E 22 20.98 20.26 -5.10
N CYS E 23 20.43 19.16 -5.60
CA CYS E 23 21.14 18.13 -6.37
C CYS E 23 21.88 18.77 -7.56
N LYS E 24 21.13 19.40 -8.48
CA LYS E 24 21.70 20.09 -9.65
C LYS E 24 22.83 21.06 -9.36
N MET E 25 22.81 21.64 -8.18
CA MET E 25 23.82 22.61 -7.87
C MET E 25 25.09 21.94 -7.39
N GLU E 26 24.89 20.99 -6.49
CA GLU E 26 25.92 20.20 -5.84
C GLU E 26 26.73 19.33 -6.79
N ASN E 27 26.01 18.56 -7.58
CA ASN E 27 26.63 17.60 -8.45
C ASN E 27 26.78 18.17 -9.81
N GLU E 28 26.51 19.46 -9.87
CA GLU E 28 26.64 20.20 -11.09
C GLU E 28 26.13 19.33 -12.20
N VAL E 29 24.91 18.84 -12.04
CA VAL E 29 24.29 18.01 -13.05
C VAL E 29 24.00 19.02 -14.18
N PRO E 30 24.39 18.69 -15.40
CA PRO E 30 24.27 19.46 -16.65
C PRO E 30 22.84 19.69 -17.09
N PRO E 31 22.57 20.74 -17.91
CA PRO E 31 21.22 21.02 -18.41
C PRO E 31 20.63 19.87 -19.19
N GLY E 32 19.35 19.61 -19.00
CA GLY E 32 18.70 18.58 -19.78
C GLY E 32 18.64 17.23 -19.13
N VAL E 33 19.40 17.05 -18.07
CA VAL E 33 19.39 15.78 -17.40
C VAL E 33 19.27 16.00 -15.90
N PHE E 34 18.73 14.99 -15.24
CA PHE E 34 18.40 15.13 -13.86
C PHE E 34 18.73 13.93 -13.02
N ASN E 35 19.39 14.10 -11.88
CA ASN E 35 19.60 12.97 -11.02
C ASN E 35 18.28 12.75 -10.27
N LEU E 36 17.54 13.83 -10.10
CA LEU E 36 16.34 13.86 -9.30
C LEU E 36 15.35 14.77 -9.96
N TRP E 37 14.09 14.36 -9.97
CA TRP E 37 13.01 15.14 -10.53
C TRP E 37 11.77 14.86 -9.68
N ILE E 38 10.73 15.69 -9.79
CA ILE E 38 9.50 15.52 -9.02
C ILE E 38 8.39 15.16 -9.99
N ARG E 39 7.48 14.28 -9.57
CA ARG E 39 6.37 13.89 -10.41
C ARG E 39 5.21 14.26 -9.55
N GLU E 40 4.20 14.88 -10.13
CA GLU E 40 3.04 15.33 -9.40
C GLU E 40 1.86 14.84 -10.15
N ARG E 41 0.96 14.14 -9.47
CA ARG E 41 -0.17 13.57 -10.15
C ARG E 41 -1.40 13.71 -9.27
N GLU E 42 -2.53 14.06 -9.91
CA GLU E 42 -3.80 14.18 -9.20
C GLU E 42 -4.57 12.87 -9.43
N VAL E 43 -5.36 12.48 -8.44
CA VAL E 43 -6.15 11.25 -8.48
C VAL E 43 -7.39 11.92 -8.09
N GLY E 44 -8.37 11.75 -8.95
CA GLY E 44 -9.39 12.74 -8.86
C GLY E 44 -10.79 12.73 -8.49
N GLU E 45 -11.43 13.88 -8.67
CA GLU E 45 -12.85 14.12 -8.38
C GLU E 45 -13.08 14.68 -6.99
N TYR E 46 -13.57 15.91 -6.97
CA TYR E 46 -13.79 16.75 -5.80
C TYR E 46 -13.72 16.31 -4.35
N PRO E 47 -14.78 15.66 -3.81
CA PRO E 47 -14.75 15.25 -2.41
C PRO E 47 -13.61 14.35 -2.10
N ASN E 48 -13.01 13.87 -3.19
CA ASN E 48 -11.98 12.89 -3.11
C ASN E 48 -10.80 13.14 -4.01
N LEU E 49 -10.29 14.35 -3.97
CA LEU E 49 -9.13 14.72 -4.77
C LEU E 49 -7.92 14.35 -3.94
N VAL E 50 -6.91 13.78 -4.59
CA VAL E 50 -5.63 13.46 -3.95
C VAL E 50 -4.49 13.87 -4.90
N VAL E 51 -3.46 14.54 -4.39
CA VAL E 51 -2.31 14.91 -5.21
C VAL E 51 -1.09 14.28 -4.55
N GLU E 52 -0.33 13.58 -5.38
CA GLU E 52 0.84 12.90 -4.96
C GLU E 52 2.00 13.65 -5.51
N PHE E 53 2.88 14.07 -4.62
CA PHE E 53 4.11 14.76 -4.99
C PHE E 53 5.12 13.70 -4.73
N ARG E 54 5.84 13.35 -5.77
CA ARG E 54 6.77 12.27 -5.67
C ARG E 54 8.13 12.56 -6.27
N PRO E 55 9.16 12.65 -5.42
CA PRO E 55 10.46 12.90 -6.01
C PRO E 55 11.02 11.57 -6.51
N GLU E 56 11.60 11.56 -7.69
CA GLU E 56 12.15 10.31 -8.19
C GLU E 56 13.62 10.45 -8.45
N GLN E 57 14.37 9.37 -8.29
CA GLN E 57 15.83 9.40 -8.50
C GLN E 57 16.26 7.95 -8.41
N CYS E 58 17.56 7.69 -8.56
CA CYS E 58 18.11 6.35 -8.39
C CYS E 58 17.73 5.88 -6.98
N LEU E 59 17.20 4.67 -6.95
CA LEU E 59 16.74 4.08 -5.74
C LEU E 59 17.85 3.20 -5.19
N HIS E 60 18.96 3.16 -5.92
CA HIS E 60 20.09 2.37 -5.48
C HIS E 60 19.57 1.06 -5.03
N CYS E 61 18.92 0.41 -5.98
CA CYS E 61 18.27 -0.88 -5.80
C CYS E 61 19.20 -1.90 -5.19
N GLU E 62 18.67 -2.81 -4.39
CA GLU E 62 19.59 -3.72 -3.79
C GLU E 62 19.95 -4.82 -4.73
N ASN E 63 19.20 -4.92 -5.80
CA ASN E 63 19.41 -5.97 -6.74
C ASN E 63 19.23 -5.27 -8.05
N PRO E 64 20.16 -4.36 -8.33
CA PRO E 64 20.13 -3.52 -9.52
C PRO E 64 20.25 -4.07 -10.88
N PRO E 65 19.20 -3.93 -11.66
CA PRO E 65 19.38 -4.50 -12.98
C PRO E 65 20.42 -3.84 -13.87
N CYS E 66 20.86 -2.65 -13.49
CA CYS E 66 21.81 -1.88 -14.30
C CYS E 66 23.28 -2.25 -14.20
N VAL E 67 23.60 -3.00 -13.15
CA VAL E 67 24.94 -3.49 -12.85
C VAL E 67 25.29 -4.69 -13.77
N PRO E 68 24.58 -5.83 -13.67
CA PRO E 68 24.79 -7.04 -14.47
C PRO E 68 24.89 -6.91 -15.97
N VAL E 69 24.29 -5.85 -16.42
CA VAL E 69 24.09 -5.57 -17.81
C VAL E 69 25.28 -4.85 -18.45
N CYS E 70 26.10 -4.28 -17.58
CA CYS E 70 27.28 -3.53 -17.94
C CYS E 70 28.39 -4.44 -18.42
N PRO E 71 28.95 -4.17 -19.61
CA PRO E 71 30.02 -5.04 -20.11
C PRO E 71 31.38 -4.71 -19.56
N THR E 72 31.51 -3.46 -19.26
CA THR E 72 32.72 -2.91 -18.79
C THR E 72 33.03 -3.14 -17.32
N GLY E 73 32.00 -3.08 -16.49
CA GLY E 73 32.21 -3.24 -15.06
C GLY E 73 32.19 -1.86 -14.40
N ALA E 74 31.86 -0.83 -15.17
CA ALA E 74 31.81 0.55 -14.66
C ALA E 74 30.63 0.77 -13.74
N SER E 75 29.62 -0.07 -13.91
CA SER E 75 28.40 -0.02 -13.14
C SER E 75 28.64 -1.05 -12.07
N TYR E 76 28.84 -0.63 -10.84
CA TYR E 76 29.16 -1.58 -9.80
C TYR E 76 28.32 -1.27 -8.62
N GLN E 77 28.15 -2.25 -7.76
CA GLN E 77 27.36 -2.05 -6.60
C GLN E 77 28.34 -2.18 -5.48
N THR E 78 28.29 -1.22 -4.58
CA THR E 78 29.22 -1.09 -3.51
C THR E 78 28.95 -1.95 -2.31
N LYS E 79 29.90 -2.07 -1.40
CA LYS E 79 29.66 -2.93 -0.24
C LYS E 79 28.54 -2.49 0.71
N ASP E 80 28.16 -1.20 0.64
CA ASP E 80 27.07 -0.68 1.47
C ASP E 80 25.83 -0.39 0.69
N GLY E 81 25.84 -0.71 -0.59
CA GLY E 81 24.62 -0.55 -1.35
C GLY E 81 24.38 0.66 -2.19
N LEU E 82 25.45 1.20 -2.74
CA LEU E 82 25.29 2.34 -3.61
C LEU E 82 25.57 1.78 -4.95
N VAL E 83 24.83 2.22 -5.95
CA VAL E 83 25.11 1.79 -7.30
C VAL E 83 25.79 3.06 -7.80
N LEU E 84 26.99 2.88 -8.32
CA LEU E 84 27.79 3.98 -8.82
C LEU E 84 28.30 3.65 -10.19
N VAL E 85 28.84 4.65 -10.85
CA VAL E 85 29.45 4.39 -12.14
C VAL E 85 30.85 4.90 -12.02
N ASP E 86 31.79 4.11 -12.50
CA ASP E 86 33.18 4.50 -12.55
C ASP E 86 33.24 4.89 -14.01
N PRO E 87 33.40 6.19 -14.26
CA PRO E 87 33.42 6.62 -15.65
C PRO E 87 34.62 6.27 -16.48
N LYS E 88 35.59 5.69 -15.81
CA LYS E 88 36.82 5.32 -16.42
C LYS E 88 36.63 4.09 -17.27
N LYS E 89 35.74 3.23 -16.85
CA LYS E 89 35.47 2.05 -17.63
C LYS E 89 34.22 2.20 -18.48
N CYS E 90 33.47 3.29 -18.31
CA CYS E 90 32.22 3.41 -19.06
C CYS E 90 32.37 3.65 -20.54
N ILE E 91 31.73 2.79 -21.34
CA ILE E 91 31.80 2.91 -22.77
C ILE E 91 30.54 3.55 -23.34
N ALA E 92 29.74 4.17 -22.45
CA ALA E 92 28.49 4.83 -22.80
C ALA E 92 27.66 4.06 -23.84
N CYS E 93 27.41 2.79 -23.54
CA CYS E 93 26.63 1.90 -24.41
C CYS E 93 25.13 1.95 -24.10
N GLY E 94 24.79 2.50 -22.94
CA GLY E 94 23.39 2.59 -22.56
C GLY E 94 22.75 1.31 -22.03
N ALA E 95 23.49 0.22 -21.86
CA ALA E 95 22.81 -1.00 -21.45
C ALA E 95 22.12 -0.85 -20.13
N CYS E 96 22.73 -0.06 -19.26
CA CYS E 96 22.23 0.18 -17.94
C CYS E 96 20.99 1.07 -18.00
N ILE E 97 20.97 2.02 -18.92
CA ILE E 97 19.79 2.87 -19.09
C ILE E 97 18.65 1.97 -19.54
N ALA E 98 18.93 1.07 -20.47
CA ALA E 98 17.92 0.13 -20.94
C ALA E 98 17.41 -0.75 -19.78
N ALA E 99 18.31 -1.17 -18.89
CA ALA E 99 17.93 -2.03 -17.80
C ALA E 99 17.41 -1.31 -16.56
N CYS E 100 17.59 0.01 -16.49
CA CYS E 100 17.08 0.78 -15.34
C CYS E 100 15.58 0.94 -15.58
N PRO E 101 14.75 0.55 -14.60
CA PRO E 101 13.29 0.66 -14.74
C PRO E 101 12.66 1.97 -14.38
N TYR E 102 13.50 2.88 -13.93
CA TYR E 102 13.08 4.10 -13.33
C TYR E 102 13.44 5.42 -13.96
N ASP E 103 14.15 5.33 -15.08
CA ASP E 103 14.65 6.50 -15.80
C ASP E 103 15.59 7.33 -14.99
N ALA E 104 16.37 6.70 -14.13
CA ALA E 104 17.26 7.40 -13.23
C ALA E 104 18.61 7.76 -13.81
N ARG E 105 18.89 7.14 -14.94
CA ARG E 105 20.17 7.20 -15.63
C ARG E 105 20.23 8.04 -16.86
N TYR E 106 21.32 8.76 -17.01
CA TYR E 106 21.50 9.52 -18.23
C TYR E 106 22.92 9.48 -18.70
N LEU E 107 23.04 9.83 -19.96
CA LEU E 107 24.30 9.96 -20.61
C LEU E 107 24.79 11.37 -20.27
N HIS E 108 25.90 11.44 -19.58
CA HIS E 108 26.46 12.73 -19.26
C HIS E 108 27.07 13.27 -20.56
N PRO E 109 26.99 14.58 -20.80
CA PRO E 109 27.58 15.15 -22.02
C PRO E 109 29.08 14.97 -22.09
N ALA E 110 29.67 14.44 -21.03
CA ALA E 110 31.10 14.17 -21.02
C ALA E 110 31.36 12.72 -21.41
N GLY E 111 30.33 12.07 -21.98
CA GLY E 111 30.49 10.73 -22.51
C GLY E 111 30.47 9.49 -21.66
N TYR E 112 29.76 9.58 -20.55
CA TYR E 112 29.61 8.46 -19.66
C TYR E 112 28.27 8.62 -18.99
N VAL E 113 27.78 7.51 -18.47
CA VAL E 113 26.48 7.46 -17.88
C VAL E 113 26.54 7.95 -16.45
N SER E 114 25.52 8.70 -16.08
CA SER E 114 25.50 9.25 -14.76
C SER E 114 24.12 9.15 -14.18
N LYS E 115 24.02 9.47 -12.91
CA LYS E 115 22.77 9.29 -12.23
C LYS E 115 23.14 9.69 -10.84
N CYS E 116 22.12 9.80 -10.01
CA CYS E 116 22.29 10.09 -8.60
C CYS E 116 23.28 9.09 -8.05
N THR E 117 23.96 9.57 -7.03
CA THR E 117 25.13 8.92 -6.51
C THR E 117 25.09 8.68 -5.03
N PHE E 118 23.92 8.91 -4.47
CA PHE E 118 23.72 8.98 -3.04
C PHE E 118 24.69 9.94 -2.42
N CYS E 119 25.14 10.90 -3.21
CA CYS E 119 26.12 11.88 -2.74
C CYS E 119 27.28 11.12 -2.10
N ALA E 120 27.83 10.17 -2.84
CA ALA E 120 28.94 9.38 -2.36
C ALA E 120 30.03 10.28 -1.78
N HIS E 121 30.31 11.36 -2.50
CA HIS E 121 31.34 12.32 -2.09
C HIS E 121 31.12 12.90 -0.71
N ARG E 122 29.86 12.94 -0.28
CA ARG E 122 29.57 13.48 1.02
C ARG E 122 29.51 12.42 2.05
N LEU E 123 29.10 11.25 1.61
CA LEU E 123 28.96 10.16 2.54
C LEU E 123 30.30 9.77 3.11
N GLU E 124 31.35 9.87 2.30
CA GLU E 124 32.65 9.51 2.84
C GLU E 124 33.13 10.59 3.81
N LYS E 125 32.84 11.85 3.55
CA LYS E 125 33.30 12.84 4.51
C LYS E 125 32.35 12.88 5.67
N GLY E 126 31.42 11.93 5.74
CA GLY E 126 30.54 11.87 6.88
C GLY E 126 29.37 12.84 6.88
N LYS E 127 28.93 13.22 5.69
CA LYS E 127 27.80 14.13 5.57
C LYS E 127 26.60 13.46 4.92
N VAL E 128 25.45 14.13 5.03
CA VAL E 128 24.24 13.61 4.47
C VAL E 128 24.11 14.23 3.10
N PRO E 129 23.45 13.54 2.19
CA PRO E 129 23.24 14.02 0.83
C PRO E 129 22.67 15.44 0.84
N ALA E 130 22.87 16.14 -0.28
CA ALA E 130 22.45 17.50 -0.46
C ALA E 130 20.94 17.71 -0.52
N CYS E 131 20.24 16.75 -1.09
CA CYS E 131 18.80 16.82 -1.18
C CYS E 131 18.15 16.64 0.18
N VAL E 132 18.79 15.80 0.99
CA VAL E 132 18.36 15.46 2.33
C VAL E 132 18.62 16.67 3.19
N GLU E 133 19.72 17.34 2.92
CA GLU E 133 20.10 18.50 3.68
C GLU E 133 19.18 19.69 3.49
N THR E 134 18.86 19.99 2.25
CA THR E 134 18.03 21.15 1.94
C THR E 134 16.55 21.08 2.25
N CYS E 135 16.06 19.86 2.36
CA CYS E 135 14.65 19.65 2.48
C CYS E 135 13.94 20.41 3.56
N PRO E 136 13.12 21.38 3.13
CA PRO E 136 12.34 22.24 3.97
C PRO E 136 11.32 21.51 4.74
N THR E 137 10.69 20.54 4.10
CA THR E 137 9.67 19.84 4.81
C THR E 137 10.13 18.68 5.68
N TYR E 138 11.43 18.40 5.78
CA TYR E 138 11.92 17.34 6.65
C TYR E 138 11.34 16.00 6.26
N CYS E 139 10.97 15.90 5.00
CA CYS E 139 10.37 14.67 4.60
C CYS E 139 11.38 13.62 4.13
N ARG E 140 12.60 14.01 3.76
CA ARG E 140 13.48 12.93 3.39
C ARG E 140 14.52 12.64 4.43
N THR E 141 14.74 11.35 4.65
CA THR E 141 15.72 10.83 5.59
C THR E 141 16.66 9.87 4.92
N PHE E 142 17.79 9.66 5.58
CA PHE E 142 18.82 8.83 5.03
C PHE E 142 19.60 8.10 6.10
N GLY E 143 20.32 7.07 5.69
CA GLY E 143 21.14 6.36 6.62
C GLY E 143 21.31 4.91 6.27
N ASP E 144 21.86 4.19 7.23
CA ASP E 144 22.10 2.79 7.08
C ASP E 144 20.87 2.12 7.64
N LEU E 145 20.22 1.37 6.76
CA LEU E 145 19.03 0.61 7.05
C LEU E 145 19.23 -0.28 8.31
N GLU E 146 20.43 -0.86 8.47
CA GLU E 146 20.76 -1.77 9.59
C GLU E 146 21.09 -1.10 10.90
N ASP E 147 21.34 0.18 10.86
CA ASP E 147 21.56 0.87 12.10
C ASP E 147 20.17 1.45 12.41
N PRO E 148 19.56 1.00 13.51
CA PRO E 148 18.23 1.43 13.96
C PRO E 148 18.16 2.83 14.56
N GLU E 149 19.29 3.52 14.59
CA GLU E 149 19.32 4.90 15.08
C GLU E 149 19.31 5.81 13.86
N SER E 150 19.49 5.21 12.71
CA SER E 150 19.46 5.89 11.42
C SER E 150 18.22 6.67 11.20
N PRO E 151 18.31 7.82 10.53
CA PRO E 151 17.05 8.51 10.29
C PRO E 151 16.21 7.66 9.29
N VAL E 152 16.79 6.90 8.34
CA VAL E 152 15.87 6.10 7.47
C VAL E 152 15.14 5.05 8.27
N ALA E 153 15.91 4.39 9.12
CA ALA E 153 15.44 3.29 9.95
C ALA E 153 14.31 3.66 10.87
N LYS E 154 14.42 4.84 11.46
CA LYS E 154 13.43 5.32 12.39
C LYS E 154 12.17 5.75 11.67
N ALA E 155 12.34 6.25 10.46
CA ALA E 155 11.23 6.74 9.66
C ALA E 155 10.48 5.57 9.07
N LEU E 156 11.23 4.59 8.58
CA LEU E 156 10.60 3.39 8.09
C LEU E 156 9.78 2.89 9.27
N LYS E 157 10.39 2.79 10.46
CA LYS E 157 9.60 2.32 11.59
C LYS E 157 8.38 3.14 11.88
N ALA E 158 8.44 4.45 11.71
CA ALA E 158 7.30 5.28 12.03
C ALA E 158 6.24 5.39 10.93
N ALA E 159 6.59 4.97 9.73
CA ALA E 159 5.67 5.08 8.62
C ALA E 159 4.41 4.29 8.83
N GLU E 160 3.33 4.83 8.30
CA GLU E 160 2.05 4.19 8.35
C GLU E 160 2.09 3.18 7.19
N ARG E 161 2.79 3.52 6.11
CA ARG E 161 2.86 2.64 4.95
C ARG E 161 4.15 2.88 4.21
N VAL E 162 4.67 1.86 3.54
CA VAL E 162 5.95 1.98 2.86
C VAL E 162 5.78 1.42 1.48
N ASP E 163 6.23 2.15 0.48
CA ASP E 163 6.05 1.72 -0.89
C ASP E 163 7.32 1.94 -1.65
N VAL E 164 7.32 1.41 -2.85
CA VAL E 164 8.49 1.43 -3.64
C VAL E 164 7.97 1.39 -5.07
N LEU E 165 8.71 1.98 -5.99
CA LEU E 165 8.29 2.02 -7.37
C LEU E 165 8.58 0.70 -8.05
N ARG E 166 7.68 0.23 -8.90
CA ARG E 166 7.79 -1.06 -9.62
C ARG E 166 8.35 -2.17 -8.77
N PRO E 167 7.69 -2.47 -7.67
CA PRO E 167 8.28 -3.53 -6.87
C PRO E 167 8.31 -4.83 -7.63
N GLU E 168 7.34 -4.99 -8.52
CA GLU E 168 7.25 -6.22 -9.27
C GLU E 168 8.52 -6.49 -10.05
N GLN E 169 9.38 -5.50 -10.17
CA GLN E 169 10.63 -5.76 -10.85
C GLN E 169 11.64 -6.41 -9.92
N GLY E 170 12.74 -6.80 -10.48
CA GLY E 170 13.59 -7.47 -9.53
C GLY E 170 14.20 -6.71 -8.39
N THR E 171 14.07 -5.39 -8.42
CA THR E 171 15.07 -4.65 -7.76
C THR E 171 15.44 -4.32 -6.36
N ARG E 172 14.45 -4.33 -5.52
CA ARG E 172 14.64 -4.00 -4.15
C ARG E 172 15.14 -2.60 -3.98
N PRO E 173 14.34 -1.64 -4.43
CA PRO E 173 14.64 -0.23 -4.34
C PRO E 173 14.92 0.12 -2.91
N LYS E 174 16.00 0.87 -2.73
CA LYS E 174 16.40 1.30 -1.41
C LYS E 174 16.07 2.77 -1.18
N LEU E 175 15.00 3.22 -1.82
CA LEU E 175 14.46 4.55 -1.65
C LEU E 175 13.01 4.17 -1.43
N PHE E 176 12.55 4.54 -0.26
CA PHE E 176 11.27 4.17 0.24
C PHE E 176 10.36 5.32 0.35
N TYR E 177 9.17 5.19 -0.22
CA TYR E 177 8.25 6.28 -0.14
C TYR E 177 7.43 6.03 1.03
N LEU E 178 7.42 6.96 1.96
CA LEU E 178 6.64 6.62 3.07
C LEU E 178 5.19 6.86 2.82
N ASN E 179 4.56 7.66 3.64
CA ASN E 179 3.13 7.75 3.63
C ASN E 179 2.36 8.20 2.45
N ALA E 180 2.31 7.34 1.43
CA ALA E 180 1.63 7.62 0.17
C ALA E 180 0.27 8.18 0.38
N PRO E 181 -0.04 9.29 -0.29
CA PRO E 181 -1.34 9.95 -0.17
C PRO E 181 -2.57 9.24 -0.72
N SER E 182 -2.45 8.51 -1.81
CA SER E 182 -3.64 7.82 -2.27
C SER E 182 -3.67 6.45 -1.60
N LYS E 183 -4.85 6.04 -1.17
CA LYS E 183 -5.11 4.77 -0.54
C LYS E 183 -4.69 3.56 -1.34
N LYS E 184 -4.63 3.73 -2.64
CA LYS E 184 -4.24 2.64 -3.46
C LYS E 184 -2.76 2.60 -3.60
N GLY E 185 -2.06 3.52 -2.97
CA GLY E 185 -0.64 3.47 -3.09
C GLY E 185 -0.15 4.46 -4.11
N LEU E 186 1.12 4.26 -4.47
CA LEU E 186 1.78 5.09 -5.43
C LEU E 186 1.05 5.00 -6.74
N THR E 187 0.82 6.18 -7.22
CA THR E 187 0.18 6.53 -8.43
C THR E 187 0.88 5.90 -9.63
N ARG E 188 0.13 5.45 -10.62
CA ARG E 188 0.71 4.83 -11.81
C ARG E 188 -0.03 5.46 -12.95
N GLU E 189 0.62 5.54 -14.10
CA GLU E 189 -0.05 6.09 -15.24
C GLU E 189 -1.12 5.15 -15.78
N SER E 190 -0.96 3.84 -15.62
CA SER E 190 -1.97 2.92 -16.14
C SER E 190 -3.26 3.06 -15.38
N GLU E 191 -3.16 3.43 -14.11
CA GLU E 191 -4.32 3.67 -13.30
C GLU E 191 -5.06 4.96 -13.75
N VAL E 192 -4.46 5.79 -14.61
CA VAL E 192 -5.20 6.95 -15.14
C VAL E 192 -5.84 6.41 -16.43
N HIS E 193 -5.00 6.14 -17.43
CA HIS E 193 -5.41 5.50 -18.71
C HIS E 193 -4.55 4.25 -18.92
N HIS E 194 -4.79 3.25 -18.22
N ALA F 2 2.17 12.85 -13.85
CA ALA F 2 1.66 13.55 -15.04
C ALA F 2 2.26 14.96 -15.18
N GLU F 3 2.57 15.68 -14.10
CA GLU F 3 3.28 16.94 -14.28
C GLU F 3 4.64 16.74 -13.59
N PHE F 4 5.70 17.38 -14.09
CA PHE F 4 7.01 17.19 -13.46
C PHE F 4 7.68 18.49 -13.14
N TYR F 5 8.65 18.46 -12.23
CA TYR F 5 9.55 19.58 -12.07
C TYR F 5 10.79 18.83 -12.43
N GLY F 6 11.40 19.23 -13.52
CA GLY F 6 12.54 18.51 -14.03
C GLY F 6 11.93 17.44 -14.92
N LEU F 7 12.65 16.38 -15.21
CA LEU F 7 12.07 15.35 -16.02
C LEU F 7 12.76 14.07 -15.84
N PRO F 8 12.02 12.98 -15.96
CA PRO F 8 12.66 11.69 -15.85
C PRO F 8 13.50 11.55 -17.12
N ASN F 9 14.60 10.85 -17.00
CA ASN F 9 15.46 10.63 -18.13
C ASN F 9 14.87 9.49 -18.95
N ALA F 10 13.71 9.76 -19.55
CA ALA F 10 13.00 8.76 -20.34
C ALA F 10 13.16 8.98 -21.82
N GLN F 11 14.22 9.69 -22.16
CA GLN F 11 14.57 10.02 -23.52
C GLN F 11 15.15 8.79 -24.23
N GLU F 12 14.89 8.66 -25.52
CA GLU F 12 15.49 7.59 -26.32
C GLU F 12 17.01 7.45 -25.96
N PHE F 13 17.52 6.23 -25.79
CA PHE F 13 18.94 6.07 -25.42
C PHE F 13 19.76 5.43 -26.55
N TRP F 14 19.08 4.71 -27.45
CA TRP F 14 19.73 4.06 -28.57
C TRP F 14 19.02 4.64 -29.77
N HIS F 15 19.75 5.45 -30.49
CA HIS F 15 19.19 6.17 -31.59
C HIS F 15 19.26 5.47 -32.89
N TRP F 16 18.78 6.14 -33.93
CA TRP F 16 18.83 5.57 -35.27
C TRP F 16 20.21 4.96 -35.62
N THR F 17 21.28 5.35 -34.94
CA THR F 17 22.62 4.81 -35.26
C THR F 17 22.91 3.46 -34.59
N ASN F 18 22.22 3.26 -33.47
CA ASN F 18 22.34 2.05 -32.74
C ASN F 18 21.27 1.11 -33.17
N ALA F 19 20.51 1.61 -34.12
CA ALA F 19 19.49 0.77 -34.71
C ALA F 19 20.20 0.34 -35.99
N LEU F 20 21.14 1.15 -36.46
CA LEU F 20 21.83 0.76 -37.69
C LEU F 20 22.83 -0.35 -37.37
N HIS F 21 23.45 -0.26 -36.20
CA HIS F 21 24.40 -1.26 -35.77
C HIS F 21 23.66 -2.55 -35.55
N PHE F 22 22.45 -2.43 -35.03
CA PHE F 22 21.67 -3.62 -34.80
C PHE F 22 21.50 -4.35 -36.09
N VAL F 23 21.33 -3.63 -37.18
CA VAL F 23 21.12 -4.28 -38.46
C VAL F 23 22.41 -4.92 -38.96
N LEU F 24 23.52 -4.22 -38.84
CA LEU F 24 24.79 -4.76 -39.27
C LEU F 24 25.35 -5.92 -38.48
N VAL F 25 25.06 -5.99 -37.19
CA VAL F 25 25.65 -7.05 -36.41
C VAL F 25 24.82 -8.28 -36.68
N GLY F 26 23.70 -8.05 -37.34
CA GLY F 26 22.83 -9.12 -37.72
C GLY F 26 23.60 -9.76 -38.84
N LEU F 27 23.85 -8.98 -39.87
CA LEU F 27 24.65 -9.37 -41.01
C LEU F 27 25.99 -9.98 -40.58
N ALA F 28 26.80 -9.22 -39.84
CA ALA F 28 28.10 -9.70 -39.38
C ALA F 28 28.08 -11.06 -38.72
N GLY F 29 27.08 -11.31 -37.91
CA GLY F 29 27.03 -12.58 -37.22
C GLY F 29 26.49 -13.66 -38.12
N GLY F 30 25.57 -13.28 -39.01
CA GLY F 30 24.92 -14.21 -39.90
C GLY F 30 25.82 -14.73 -40.96
N VAL F 31 26.60 -13.83 -41.52
CA VAL F 31 27.58 -14.17 -42.53
C VAL F 31 28.72 -14.95 -41.84
N ALA F 32 29.16 -14.53 -40.66
CA ALA F 32 30.18 -15.32 -40.00
C ALA F 32 29.65 -16.74 -39.82
N LEU F 33 28.34 -16.92 -39.71
CA LEU F 33 27.88 -18.29 -39.55
C LEU F 33 27.99 -19.00 -40.91
N LEU F 34 27.57 -18.33 -41.99
CA LEU F 34 27.67 -18.87 -43.35
C LEU F 34 29.11 -19.32 -43.60
N ALA F 35 30.07 -18.42 -43.40
CA ALA F 35 31.50 -18.70 -43.48
C ALA F 35 31.98 -19.98 -42.76
N ALA F 36 31.74 -20.11 -41.45
CA ALA F 36 32.19 -21.29 -40.72
C ALA F 36 31.47 -22.49 -41.29
N LEU F 37 30.17 -22.41 -41.47
CA LEU F 37 29.53 -23.56 -42.05
C LEU F 37 30.15 -23.89 -43.42
N LEU F 38 30.41 -22.89 -44.26
CA LEU F 38 31.00 -23.15 -45.58
C LEU F 38 32.38 -23.74 -45.45
N HIS F 39 33.06 -23.38 -44.37
CA HIS F 39 34.33 -23.98 -44.07
C HIS F 39 34.06 -25.44 -43.79
N LEU F 40 33.64 -25.71 -42.56
CA LEU F 40 33.25 -27.02 -42.08
C LEU F 40 32.77 -27.99 -43.18
N LYS F 41 32.03 -27.45 -44.14
CA LYS F 41 31.45 -28.18 -45.26
C LYS F 41 32.45 -28.40 -46.40
N GLY F 42 33.58 -27.71 -46.32
CA GLY F 42 34.64 -27.86 -47.30
C GLY F 42 34.49 -26.98 -48.51
N ASP F 43 33.32 -26.36 -48.62
CA ASP F 43 33.01 -25.54 -49.75
C ASP F 43 34.02 -24.53 -50.22
N ALA F 44 34.19 -24.55 -51.54
CA ALA F 44 35.04 -23.65 -52.27
C ALA F 44 34.82 -22.19 -51.87
N GLU F 45 33.60 -21.83 -51.48
CA GLU F 45 33.26 -20.45 -51.15
C GLU F 45 33.60 -20.00 -49.76
N ALA F 46 34.04 -20.92 -48.94
CA ALA F 46 34.39 -20.70 -47.54
C ALA F 46 35.30 -19.52 -47.23
N ARG F 47 35.95 -19.04 -48.27
CA ARG F 47 36.97 -18.04 -48.15
C ARG F 47 36.44 -16.68 -48.49
N ARG F 48 35.66 -16.69 -49.56
CA ARG F 48 34.96 -15.55 -50.07
C ARG F 48 34.10 -15.03 -48.91
N TYR F 49 33.26 -15.91 -48.35
CA TYR F 49 32.42 -15.54 -47.22
C TYR F 49 33.17 -15.30 -45.92
N THR F 50 34.39 -15.86 -45.73
CA THR F 50 35.13 -15.57 -44.50
C THR F 50 35.68 -14.16 -44.59
N LEU F 51 36.11 -13.76 -45.78
CA LEU F 51 36.45 -12.36 -45.92
C LEU F 51 35.18 -11.76 -46.52
N TYR F 52 34.34 -11.24 -45.63
CA TYR F 52 33.11 -10.48 -45.88
C TYR F 52 32.74 -10.32 -44.46
N ALA F 53 32.63 -11.47 -43.82
CA ALA F 53 32.29 -11.53 -42.43
C ALA F 53 33.29 -10.74 -41.65
N LEU F 54 34.53 -10.67 -42.13
CA LEU F 54 35.55 -9.94 -41.42
C LEU F 54 35.35 -8.46 -41.64
N MET F 55 34.78 -8.12 -42.79
CA MET F 55 34.50 -6.73 -43.10
C MET F 55 33.23 -6.29 -42.38
N LEU F 56 32.19 -7.11 -42.48
CA LEU F 56 30.93 -6.82 -41.82
C LEU F 56 31.16 -6.71 -40.33
N ILE F 57 31.96 -7.61 -39.79
CA ILE F 57 32.26 -7.58 -38.37
C ILE F 57 32.99 -6.28 -38.07
N ALA F 58 34.03 -6.00 -38.85
CA ALA F 58 34.79 -4.79 -38.64
C ALA F 58 33.97 -3.51 -38.87
N LEU F 59 33.06 -3.53 -39.84
CA LEU F 59 32.26 -2.33 -40.11
C LEU F 59 31.40 -2.02 -38.90
N ASP F 60 30.83 -3.09 -38.35
CA ASP F 60 30.02 -2.96 -37.19
C ASP F 60 30.82 -2.46 -36.00
N LEU F 61 31.97 -3.07 -35.75
CA LEU F 61 32.78 -2.67 -34.60
C LEU F 61 33.27 -1.24 -34.73
N PHE F 62 33.21 -0.73 -35.95
CA PHE F 62 33.62 0.64 -36.12
C PHE F 62 32.37 1.49 -35.81
N ILE F 63 31.24 1.12 -36.41
CA ILE F 63 29.99 1.81 -36.17
C ILE F 63 29.68 1.78 -34.67
N LEU F 64 30.09 0.72 -33.98
CA LEU F 64 29.92 0.58 -32.53
C LEU F 64 30.76 1.59 -31.75
N TRP F 65 31.92 1.94 -32.27
CA TRP F 65 32.75 2.87 -31.54
C TRP F 65 32.41 4.27 -32.01
N ALA F 66 32.08 4.35 -33.30
CA ALA F 66 31.75 5.62 -33.94
C ALA F 66 30.56 6.26 -33.30
N GLU F 67 29.53 5.46 -33.05
CA GLU F 67 28.33 5.99 -32.46
C GLU F 67 28.36 6.15 -30.94
N SER F 68 29.43 5.67 -30.30
CA SER F 68 29.54 5.75 -28.86
C SER F 68 30.07 7.09 -28.38
N PRO F 69 29.33 7.77 -27.50
CA PRO F 69 29.82 9.05 -27.03
C PRO F 69 31.13 8.87 -26.25
N ALA F 70 31.52 7.64 -26.03
CA ALA F 70 32.71 7.41 -25.22
C ALA F 70 33.90 7.09 -26.07
N ARG F 71 33.74 7.31 -27.36
CA ARG F 71 34.77 6.94 -28.30
C ARG F 71 36.15 7.52 -28.08
N PHE F 72 36.23 8.84 -27.99
CA PHE F 72 37.49 9.51 -27.79
C PHE F 72 37.93 9.55 -26.35
N ARG F 73 37.42 8.62 -25.57
CA ARG F 73 37.81 8.53 -24.18
C ARG F 73 38.51 7.21 -24.01
N PHE F 74 38.51 6.45 -25.11
CA PHE F 74 39.04 5.09 -25.25
C PHE F 74 38.81 4.29 -24.02
N THR F 75 37.54 3.99 -23.80
CA THR F 75 37.28 3.18 -22.66
C THR F 75 36.93 1.76 -23.08
N HIS F 76 36.84 1.51 -24.37
CA HIS F 76 36.48 0.17 -24.80
C HIS F 76 37.46 -0.94 -24.47
N ILE F 77 38.69 -0.59 -24.18
CA ILE F 77 39.66 -1.61 -23.83
C ILE F 77 39.12 -2.49 -22.69
N TRP F 78 38.23 -1.94 -21.87
CA TRP F 78 37.71 -2.66 -20.71
C TRP F 78 36.71 -3.71 -21.03
N LEU F 79 36.20 -3.59 -22.23
CA LEU F 79 35.28 -4.52 -22.80
C LEU F 79 36.05 -5.84 -22.90
N PHE F 80 37.37 -5.73 -23.02
CA PHE F 80 38.22 -6.91 -23.17
C PHE F 80 39.14 -7.25 -22.02
N LEU F 81 38.94 -6.59 -20.89
CA LEU F 81 39.81 -6.79 -19.75
C LEU F 81 39.05 -7.03 -18.49
N SER F 82 37.82 -7.51 -18.64
CA SER F 82 37.00 -7.80 -17.49
C SER F 82 36.21 -9.00 -17.89
N PHE F 83 35.75 -9.73 -16.90
CA PHE F 83 34.95 -10.88 -17.18
C PHE F 83 33.52 -10.49 -16.78
N HIS F 84 32.58 -10.48 -17.71
CA HIS F 84 31.20 -10.06 -17.41
C HIS F 84 30.18 -10.81 -18.18
N PRO F 85 30.11 -12.11 -17.94
CA PRO F 85 29.23 -13.13 -18.50
C PRO F 85 27.74 -12.81 -18.42
N THR F 86 27.34 -11.94 -17.51
CA THR F 86 25.94 -11.58 -17.37
C THR F 86 25.49 -10.56 -18.38
N SER F 87 26.43 -10.03 -19.14
CA SER F 87 26.16 -8.92 -20.02
C SER F 87 26.03 -9.19 -21.50
N PRO F 88 24.81 -9.23 -22.05
CA PRO F 88 24.75 -9.49 -23.49
C PRO F 88 25.81 -8.79 -24.32
N ILE F 89 25.96 -7.49 -24.11
CA ILE F 89 26.93 -6.71 -24.88
C ILE F 89 28.40 -7.18 -24.74
N TRP F 90 28.76 -7.63 -23.54
CA TRP F 90 30.11 -8.12 -23.26
C TRP F 90 30.31 -9.35 -24.15
N TRP F 91 29.36 -10.26 -24.13
CA TRP F 91 29.41 -11.46 -24.93
C TRP F 91 29.52 -11.18 -26.41
N GLY F 92 29.08 -9.99 -26.82
CA GLY F 92 29.11 -9.65 -28.23
C GLY F 92 30.39 -8.97 -28.64
N ALA F 93 31.09 -8.48 -27.62
CA ALA F 93 32.37 -7.84 -27.80
C ALA F 93 33.37 -8.94 -28.09
N TRP F 94 33.30 -10.01 -27.30
CA TRP F 94 34.22 -11.09 -27.48
C TRP F 94 33.81 -11.97 -28.60
N GLY F 95 32.51 -12.09 -28.79
CA GLY F 95 32.04 -12.96 -29.83
C GLY F 95 32.39 -12.37 -31.16
N LEU F 96 32.44 -11.04 -31.23
CA LEU F 96 32.79 -10.44 -32.49
C LEU F 96 34.30 -10.23 -32.56
N GLY F 97 34.96 -10.24 -31.39
CA GLY F 97 36.41 -10.06 -31.32
C GLY F 97 37.15 -11.35 -31.55
N LEU F 98 36.81 -12.39 -30.80
CA LEU F 98 37.42 -13.69 -31.02
C LEU F 98 36.90 -14.17 -32.37
N GLY F 99 35.71 -13.75 -32.76
CA GLY F 99 35.16 -14.18 -34.05
C GLY F 99 35.95 -13.56 -35.18
N PHE F 100 36.61 -12.44 -34.88
CA PHE F 100 37.42 -11.76 -35.87
C PHE F 100 38.77 -12.46 -36.01
N LEU F 101 39.51 -12.53 -34.89
CA LEU F 101 40.80 -13.20 -34.86
C LEU F 101 40.59 -14.54 -35.54
N THR F 102 39.75 -15.40 -34.98
CA THR F 102 39.41 -16.68 -35.58
C THR F 102 39.19 -16.63 -37.09
N GLY F 103 38.49 -15.60 -37.58
CA GLY F 103 38.25 -15.50 -39.00
C GLY F 103 39.47 -14.97 -39.72
N GLY F 104 40.42 -14.43 -38.96
CA GLY F 104 41.66 -13.96 -39.54
C GLY F 104 42.52 -15.20 -39.70
N LEU F 105 42.76 -15.92 -38.60
CA LEU F 105 43.57 -17.14 -38.63
C LEU F 105 43.02 -18.18 -39.60
N LEU F 106 41.85 -17.92 -40.15
CA LEU F 106 41.25 -18.85 -41.07
C LEU F 106 41.42 -18.35 -42.46
N TYR F 107 41.51 -17.04 -42.61
CA TYR F 107 41.60 -16.50 -43.95
C TYR F 107 43.06 -16.47 -44.38
N LEU F 108 43.93 -16.36 -43.39
CA LEU F 108 45.35 -16.38 -43.60
C LEU F 108 45.77 -17.84 -43.44
N GLY F 109 44.90 -18.74 -43.93
CA GLY F 109 45.12 -20.18 -43.87
C GLY F 109 46.00 -20.86 -42.83
N LYS F 110 46.58 -20.07 -41.92
CA LYS F 110 47.49 -20.65 -40.93
C LYS F 110 46.92 -20.75 -39.52
N GLY F 111 47.49 -20.78 -38.63
CA GLY F 111 47.77 -21.47 -37.38
C GLY F 111 47.05 -22.80 -37.27
N SER F 112 45.85 -22.86 -37.79
CA SER F 112 45.10 -24.10 -37.76
C SER F 112 43.99 -24.02 -38.78
N GLN F 113 43.50 -25.15 -39.16
CA GLN F 113 42.39 -25.25 -40.08
C GLN F 113 41.20 -25.92 -39.41
N ARG F 114 39.87 -25.65 -39.86
CA ARG F 114 38.70 -26.50 -39.63
C ARG F 114 38.60 -27.22 -38.26
N ALA F 115 39.22 -26.60 -37.27
CA ALA F 115 39.01 -26.97 -35.87
C ALA F 115 38.75 -25.53 -35.51
N LEU F 116 39.24 -24.64 -36.37
CA LEU F 116 39.06 -23.22 -36.20
C LEU F 116 37.73 -22.81 -36.76
N ALA F 117 37.17 -23.61 -37.67
CA ALA F 117 35.85 -23.30 -38.19
C ALA F 117 34.82 -23.65 -37.10
N TRP F 118 35.21 -24.47 -36.13
CA TRP F 118 34.32 -24.82 -35.05
C TRP F 118 34.25 -23.67 -34.08
N ALA F 119 35.40 -23.01 -33.92
CA ALA F 119 35.46 -21.86 -33.06
C ALA F 119 34.74 -20.71 -33.76
N LEU F 120 34.84 -20.61 -35.08
CA LEU F 120 34.14 -19.53 -35.78
C LEU F 120 32.63 -19.73 -35.68
N LEU F 121 32.22 -20.99 -35.67
CA LEU F 121 30.81 -21.32 -35.58
C LEU F 121 30.29 -20.91 -34.21
N VAL F 122 31.06 -21.21 -33.18
CA VAL F 122 30.68 -20.85 -31.84
C VAL F 122 30.62 -19.34 -31.72
N PHE F 123 31.69 -18.63 -32.04
CA PHE F 123 31.65 -17.17 -31.95
C PHE F 123 30.57 -16.55 -32.79
N SER F 124 30.26 -17.13 -33.94
CA SER F 124 29.18 -16.54 -34.70
C SER F 124 27.84 -16.74 -33.97
N LEU F 125 27.66 -17.87 -33.28
CA LEU F 125 26.39 -18.10 -32.58
C LEU F 125 26.29 -17.04 -31.43
N VAL F 126 27.39 -16.79 -30.71
CA VAL F 126 27.44 -15.74 -29.70
C VAL F 126 27.09 -14.40 -30.32
N ALA F 127 27.63 -14.09 -31.49
CA ALA F 127 27.33 -12.81 -32.13
C ALA F 127 25.90 -12.71 -32.69
N LEU F 128 25.27 -13.84 -32.88
CA LEU F 128 23.94 -13.86 -33.48
C LEU F 128 22.88 -13.80 -32.44
N SER F 129 23.33 -14.21 -31.27
CA SER F 129 22.55 -14.35 -30.09
C SER F 129 22.49 -13.16 -29.20
N TYR F 130 23.61 -12.46 -29.09
CA TYR F 130 23.71 -11.36 -28.16
C TYR F 130 22.77 -10.17 -28.39
N PRO F 131 22.54 -9.74 -29.66
CA PRO F 131 21.57 -8.64 -29.73
C PRO F 131 20.30 -9.50 -29.84
N GLY F 132 19.29 -9.15 -29.10
CA GLY F 132 18.12 -9.98 -29.09
C GLY F 132 18.10 -10.12 -27.60
N LEU F 133 19.20 -10.54 -27.01
CA LEU F 133 19.25 -10.67 -25.57
C LEU F 133 19.65 -9.37 -24.91
N ALA F 134 20.31 -8.51 -25.67
CA ALA F 134 20.72 -7.24 -25.10
C ALA F 134 19.45 -6.43 -24.92
N LEU F 135 18.42 -6.76 -25.68
CA LEU F 135 17.15 -6.07 -25.53
C LEU F 135 16.29 -6.80 -24.51
N ALA F 136 16.17 -8.10 -24.68
CA ALA F 136 15.30 -8.92 -23.86
C ALA F 136 15.74 -9.05 -22.45
N VAL F 137 16.96 -8.67 -22.18
CA VAL F 137 17.43 -8.80 -20.84
C VAL F 137 16.78 -7.77 -19.95
N ASN F 138 16.24 -6.71 -20.57
CA ASN F 138 15.66 -5.59 -19.84
C ASN F 138 14.24 -5.85 -19.66
N LEU F 139 13.97 -6.51 -18.56
CA LEU F 139 12.66 -6.92 -18.28
C LEU F 139 11.69 -5.76 -17.95
N ASN F 140 12.22 -4.54 -17.86
CA ASN F 140 11.40 -3.35 -17.60
C ASN F 140 10.80 -2.74 -18.86
N ARG F 141 11.20 -3.26 -20.00
CA ARG F 141 10.77 -2.74 -21.29
C ARG F 141 9.73 -3.69 -21.83
N PRO F 142 8.46 -3.36 -21.68
CA PRO F 142 7.49 -4.34 -22.17
C PRO F 142 7.56 -4.89 -23.56
N LEU F 143 7.99 -4.08 -24.50
CA LEU F 143 8.05 -4.54 -25.86
C LEU F 143 9.19 -5.48 -26.10
N TRP F 144 10.29 -5.27 -25.39
CA TRP F 144 11.40 -6.16 -25.60
C TRP F 144 11.22 -7.47 -24.87
N ASN F 145 10.19 -8.22 -25.21
CA ASN F 145 10.00 -9.48 -24.52
C ASN F 145 10.91 -10.60 -24.99
N GLY F 146 10.60 -11.80 -24.50
CA GLY F 146 11.36 -12.97 -24.83
C GLY F 146 11.52 -13.23 -26.31
N LEU F 147 10.54 -12.86 -27.13
CA LEU F 147 10.64 -13.08 -28.58
C LEU F 147 11.81 -12.40 -29.26
N MET F 148 12.34 -11.34 -28.66
CA MET F 148 13.49 -10.67 -29.20
C MET F 148 14.65 -11.65 -29.30
N ALA F 149 14.73 -12.56 -28.35
CA ALA F 149 15.84 -13.48 -28.38
C ALA F 149 15.69 -14.45 -29.52
N GLY F 150 14.51 -14.45 -30.13
CA GLY F 150 14.22 -15.33 -31.24
C GLY F 150 14.13 -14.54 -32.51
N LEU F 151 13.49 -13.38 -32.44
CA LEU F 151 13.38 -12.54 -33.61
C LEU F 151 14.71 -12.01 -34.10
N PHE F 152 15.69 -11.83 -33.23
CA PHE F 152 16.95 -11.30 -33.71
C PHE F 152 17.86 -12.30 -34.39
N PRO F 153 18.01 -13.50 -33.83
CA PRO F 153 18.88 -14.43 -34.56
C PRO F 153 18.18 -14.84 -35.87
N LEU F 154 16.86 -14.95 -35.89
CA LEU F 154 16.21 -15.38 -37.14
C LEU F 154 16.41 -14.37 -38.23
N THR F 155 16.26 -13.13 -37.81
CA THR F 155 16.37 -11.98 -38.63
C THR F 155 17.83 -11.70 -39.06
N ALA F 156 18.81 -12.08 -38.26
CA ALA F 156 20.18 -11.85 -38.66
C ALA F 156 20.53 -12.81 -39.81
N LEU F 157 20.00 -14.03 -39.76
CA LEU F 157 20.26 -15.00 -40.82
C LEU F 157 19.46 -14.62 -42.06
N VAL F 158 18.35 -13.91 -41.92
CA VAL F 158 17.63 -13.50 -43.11
C VAL F 158 18.51 -12.47 -43.82
N LEU F 159 19.23 -11.70 -43.02
CA LEU F 159 20.13 -10.68 -43.54
C LEU F 159 21.33 -11.31 -44.22
N ALA F 160 21.94 -12.29 -43.56
CA ALA F 160 23.11 -12.96 -44.11
C ALA F 160 22.75 -13.73 -45.36
N LEU F 161 21.64 -14.46 -45.35
CA LEU F 161 21.24 -15.22 -46.53
C LEU F 161 20.74 -14.34 -47.67
N GLY F 162 20.28 -13.12 -47.35
CA GLY F 162 19.77 -12.16 -48.32
C GLY F 162 20.90 -11.58 -49.13
N LEU F 163 21.95 -11.25 -48.40
CA LEU F 163 23.20 -10.79 -48.93
C LEU F 163 23.71 -11.94 -49.80
N ALA F 164 23.97 -13.11 -49.18
CA ALA F 164 24.47 -14.30 -49.90
C ALA F 164 23.72 -14.54 -51.21
N ALA F 165 22.40 -14.46 -51.17
CA ALA F 165 21.60 -14.65 -52.37
C ALA F 165 21.78 -13.52 -53.37
N LEU F 166 22.15 -12.32 -52.93
CA LEU F 166 22.33 -11.27 -53.92
C LEU F 166 23.70 -11.40 -54.57
N LEU F 167 24.63 -12.04 -53.87
CA LEU F 167 25.96 -12.33 -54.38
C LEU F 167 25.82 -13.68 -55.11
N LYS F 168 24.64 -13.88 -55.68
CA LYS F 168 24.29 -15.12 -56.34
C LYS F 168 25.03 -16.38 -55.91
N SER F 169 24.77 -16.82 -54.68
CA SER F 169 25.30 -18.11 -54.28
C SER F 169 24.08 -18.97 -54.49
N PRO F 170 24.25 -20.13 -55.14
CA PRO F 170 23.11 -21.00 -55.39
C PRO F 170 22.40 -21.42 -54.13
N TRP F 171 23.17 -21.77 -53.10
CA TRP F 171 22.58 -22.28 -51.91
C TRP F 171 21.68 -21.38 -51.08
N ALA F 172 21.98 -20.09 -51.06
CA ALA F 172 21.27 -19.10 -50.28
C ALA F 172 19.76 -18.84 -50.41
N LEU F 173 19.18 -18.98 -51.59
CA LEU F 173 17.78 -18.59 -51.68
C LEU F 173 16.81 -19.37 -50.83
N PHE F 174 16.89 -20.68 -50.93
CA PHE F 174 15.98 -21.53 -50.23
C PHE F 174 15.99 -21.40 -48.72
N PRO F 175 17.17 -21.40 -48.09
CA PRO F 175 17.21 -21.25 -46.64
C PRO F 175 16.82 -19.83 -46.28
N LEU F 176 17.08 -18.87 -47.17
CA LEU F 176 16.66 -17.51 -46.88
C LEU F 176 15.12 -17.47 -46.90
N ARG F 177 14.50 -18.22 -47.79
CA ARG F 177 13.04 -18.20 -47.82
C ARG F 177 12.48 -19.09 -46.76
N VAL F 178 13.34 -19.87 -46.12
CA VAL F 178 12.82 -20.69 -45.05
C VAL F 178 12.91 -19.85 -43.79
N LEU F 179 14.10 -19.33 -43.47
CA LEU F 179 14.26 -18.49 -42.29
C LEU F 179 13.48 -17.20 -42.36
N ALA F 180 13.19 -16.77 -43.58
CA ALA F 180 12.40 -15.57 -43.78
C ALA F 180 10.95 -15.88 -43.44
N GLY F 181 10.49 -17.10 -43.70
CA GLY F 181 9.14 -17.49 -43.34
C GLY F 181 9.05 -17.62 -41.82
N ALA F 182 10.04 -18.30 -41.23
CA ALA F 182 10.10 -18.40 -39.78
C ALA F 182 10.13 -16.96 -39.24
N SER F 183 11.03 -16.10 -39.70
CA SER F 183 11.13 -14.69 -39.27
C SER F 183 9.84 -13.89 -39.33
N LEU F 184 9.19 -13.99 -40.48
CA LEU F 184 8.00 -13.25 -40.72
C LEU F 184 6.82 -13.74 -39.95
N LEU F 185 6.80 -15.04 -39.65
CA LEU F 185 5.67 -15.56 -38.92
C LEU F 185 5.81 -15.21 -37.46
N LEU F 186 7.01 -15.26 -36.90
CA LEU F 186 7.19 -14.87 -35.51
C LEU F 186 6.93 -13.38 -35.42
N ALA F 187 7.27 -12.63 -36.48
CA ALA F 187 7.12 -11.18 -36.44
C ALA F 187 5.67 -10.76 -36.40
N LEU F 188 4.84 -11.61 -36.97
CA LEU F 188 3.41 -11.41 -37.02
C LEU F 188 2.77 -11.74 -35.66
N LEU F 189 3.32 -12.76 -35.01
CA LEU F 189 2.83 -13.23 -33.74
C LEU F 189 3.29 -12.34 -32.60
N TYR F 190 4.45 -11.72 -32.77
CA TYR F 190 4.95 -10.82 -31.76
C TYR F 190 3.89 -9.86 -31.11
N PRO F 191 3.16 -9.01 -31.90
CA PRO F 191 2.16 -8.13 -31.29
C PRO F 191 1.15 -8.80 -30.38
N LEU F 192 0.85 -10.04 -30.70
CA LEU F 192 -0.16 -10.83 -30.01
C LEU F 192 0.30 -11.45 -28.71
N THR F 193 1.56 -11.19 -28.44
CA THR F 193 2.34 -11.69 -27.37
C THR F 193 2.53 -10.65 -26.27
N LEU F 194 2.17 -9.41 -26.60
CA LEU F 194 2.38 -8.31 -25.69
C LEU F 194 1.22 -7.99 -24.85
N PRO F 195 1.44 -7.29 -23.74
CA PRO F 195 0.18 -7.05 -23.06
C PRO F 195 -0.54 -5.96 -23.89
N PRO F 196 -1.85 -5.82 -23.71
CA PRO F 196 -2.61 -4.83 -24.50
C PRO F 196 -2.10 -3.38 -24.57
N GLU F 197 -1.54 -2.84 -23.48
CA GLU F 197 -1.00 -1.49 -23.50
C GLU F 197 0.31 -1.44 -24.27
N ALA F 198 1.09 -2.53 -24.20
CA ALA F 198 2.39 -2.60 -24.87
C ALA F 198 2.13 -2.73 -26.35
N ARG F 199 1.11 -3.49 -26.70
CA ARG F 199 0.76 -3.68 -28.10
C ARG F 199 0.19 -2.41 -28.67
N GLY F 200 -0.68 -1.77 -27.90
CA GLY F 200 -1.31 -0.54 -28.33
C GLY F 200 -0.24 0.48 -28.59
N HIS F 201 0.76 0.52 -27.72
CA HIS F 201 1.87 1.41 -27.89
C HIS F 201 2.60 1.10 -29.17
N LEU F 202 2.80 -0.18 -29.42
CA LEU F 202 3.51 -0.57 -30.60
C LEU F 202 2.74 -0.21 -31.85
N LEU F 203 1.44 -0.50 -31.90
CA LEU F 203 0.68 -0.15 -33.10
C LEU F 203 0.55 1.35 -33.32
N GLU F 204 0.52 2.18 -32.28
CA GLU F 204 0.43 3.62 -32.53
C GLU F 204 1.79 4.18 -32.88
N GLU F 205 2.84 3.70 -32.22
CA GLU F 205 4.17 4.22 -32.50
C GLU F 205 4.73 3.76 -33.84
N ALA F 206 4.72 2.46 -34.09
CA ALA F 206 5.19 1.89 -35.34
C ALA F 206 4.02 1.15 -35.92
N GLY F 207 4.20 -0.06 -36.48
CA GLY F 207 3.06 -0.89 -36.97
C GLY F 207 2.93 -0.76 -38.48
N PHE F 208 2.15 0.22 -38.97
CA PHE F 208 2.18 0.53 -40.39
C PHE F 208 3.48 0.05 -40.84
N TRP F 209 4.45 0.78 -40.27
CA TRP F 209 5.87 0.54 -40.47
C TRP F 209 6.09 -0.91 -40.21
N TYR F 210 5.44 -1.39 -39.18
CA TYR F 210 5.52 -2.77 -38.80
C TYR F 210 4.83 -3.63 -39.85
N GLY F 211 3.59 -3.29 -40.16
CA GLY F 211 2.83 -4.06 -41.12
C GLY F 211 3.32 -3.86 -42.54
N LEU F 212 4.18 -2.87 -42.70
CA LEU F 212 4.70 -2.62 -44.00
C LEU F 212 5.78 -3.64 -44.22
N PHE F 213 6.75 -3.66 -43.30
CA PHE F 213 7.86 -4.60 -43.35
C PHE F 213 7.45 -6.05 -43.30
N LEU F 214 6.23 -6.31 -42.83
CA LEU F 214 5.76 -7.69 -42.79
C LEU F 214 5.34 -8.00 -44.20
N LEU F 215 4.59 -7.05 -44.80
CA LEU F 215 4.10 -7.16 -46.17
C LEU F 215 5.29 -7.22 -47.11
N LEU F 216 6.17 -6.24 -46.96
CA LEU F 216 7.38 -6.19 -47.77
C LEU F 216 8.11 -7.54 -47.76
N GLY F 217 8.24 -8.16 -46.58
CA GLY F 217 8.95 -9.42 -46.42
C GLY F 217 8.33 -10.60 -47.12
N LEU F 218 7.05 -10.45 -47.43
CA LEU F 218 6.30 -11.45 -48.15
C LEU F 218 6.87 -11.51 -49.57
N GLY F 219 7.78 -10.59 -49.86
CA GLY F 219 8.38 -10.48 -51.17
C GLY F 219 9.53 -11.43 -51.35
N THR F 220 9.92 -12.11 -50.29
CA THR F 220 10.99 -13.07 -50.43
C THR F 220 10.38 -14.25 -51.17
N PHE F 221 9.07 -14.37 -51.17
CA PHE F 221 8.44 -15.54 -51.78
C PHE F 221 7.91 -15.29 -53.18
N TRP F 222 8.52 -14.31 -53.83
CA TRP F 222 8.17 -13.90 -55.20
C TRP F 222 9.47 -13.55 -55.96
N GLN F 223 9.53 -13.93 -57.24
CA GLN F 223 10.67 -13.66 -58.14
C GLN F 223 12.09 -13.77 -57.57
N GLU F 224 13.09 -13.21 -58.25
CA GLU F 224 14.42 -13.15 -57.66
C GLU F 224 14.89 -11.77 -57.96
N ARG F 225 15.73 -11.27 -57.09
CA ARG F 225 16.25 -9.94 -57.22
C ARG F 225 15.09 -8.99 -56.90
N LEU F 226 14.05 -9.64 -56.38
CA LEU F 226 13.06 -8.89 -55.65
C LEU F 226 13.37 -9.63 -54.33
N ALA F 227 13.24 -10.95 -54.36
CA ALA F 227 13.38 -11.76 -53.17
C ALA F 227 14.44 -11.40 -52.17
N PRO F 228 15.72 -11.50 -52.53
CA PRO F 228 16.66 -11.13 -51.46
C PRO F 228 16.50 -9.69 -50.96
N TRP F 229 16.07 -8.80 -51.83
CA TRP F 229 15.86 -7.41 -51.44
C TRP F 229 14.75 -7.25 -50.44
N ALA F 230 13.61 -7.77 -50.85
CA ALA F 230 12.39 -7.69 -50.07
C ALA F 230 12.46 -8.37 -48.73
N GLY F 231 13.37 -9.31 -48.59
CA GLY F 231 13.48 -10.02 -47.33
C GLY F 231 14.51 -9.31 -46.49
N LEU F 232 15.40 -8.65 -47.19
CA LEU F 232 16.45 -7.95 -46.55
C LEU F 232 15.93 -6.64 -45.93
N LEU F 233 15.00 -5.99 -46.63
CA LEU F 233 14.45 -4.73 -46.14
C LEU F 233 13.48 -5.02 -45.00
N ALA F 234 12.71 -6.10 -45.13
CA ALA F 234 11.87 -6.61 -44.07
C ALA F 234 12.75 -6.91 -42.82
N ALA F 235 13.76 -7.78 -42.91
CA ALA F 235 14.61 -8.06 -41.72
C ALA F 235 15.21 -6.82 -41.09
N ALA F 236 15.75 -5.91 -41.89
CA ALA F 236 16.33 -4.72 -41.27
C ALA F 236 15.24 -3.76 -40.79
N GLY F 237 14.05 -3.79 -41.40
CA GLY F 237 12.98 -2.90 -40.95
C GLY F 237 12.65 -3.26 -39.52
N LEU F 238 12.10 -4.46 -39.37
CA LEU F 238 11.81 -5.01 -38.08
C LEU F 238 12.93 -4.82 -37.07
N ARG F 239 14.17 -5.12 -37.44
CA ARG F 239 15.23 -5.01 -36.43
C ARG F 239 15.40 -3.61 -35.91
N ALA F 240 15.39 -2.66 -36.82
CA ALA F 240 15.56 -1.27 -36.45
C ALA F 240 14.34 -0.72 -35.72
N LEU F 241 13.16 -1.09 -36.18
CA LEU F 241 11.96 -0.60 -35.55
C LEU F 241 11.76 -1.11 -34.13
N LEU F 242 12.12 -2.37 -33.84
CA LEU F 242 11.97 -2.93 -32.50
C LEU F 242 12.94 -2.25 -31.53
N VAL F 243 14.11 -1.88 -32.01
CA VAL F 243 15.09 -1.19 -31.17
C VAL F 243 14.56 0.21 -30.90
N LEU F 244 13.94 0.79 -31.91
CA LEU F 244 13.44 2.15 -31.78
C LEU F 244 12.16 2.23 -30.97
N ALA F 245 11.21 1.36 -31.24
CA ALA F 245 9.93 1.42 -30.55
C ALA F 245 9.88 0.83 -29.14
N GLY F 246 10.86 0.00 -28.80
CA GLY F 246 10.87 -0.65 -27.49
C GLY F 246 11.51 0.08 -26.32
N GLN F 247 12.01 1.28 -26.55
CA GLN F 247 12.66 2.02 -25.49
C GLN F 247 11.62 2.72 -24.68
N TRP F 248 10.67 1.94 -24.23
CA TRP F 248 9.53 2.44 -23.56
C TRP F 248 9.51 1.61 -22.31
N GLN F 249 9.05 2.22 -21.26
CA GLN F 249 9.19 1.68 -19.94
C GLN F 249 7.87 1.33 -19.45
N GLY F 250 7.00 1.84 -20.26
CA GLY F 250 5.70 2.24 -19.84
C GLY F 250 4.57 1.76 -19.04
N LEU F 251 3.88 2.64 -18.30
CA LEU F 251 2.66 2.24 -17.60
C LEU F 251 1.46 2.86 -18.38
N GLY F 252 0.57 3.42 -17.68
FE1 SF4 G . -21.31 -21.99 17.20
FE2 SF4 G . -19.10 -22.39 15.74
FE3 SF4 G . -19.54 -23.80 17.97
FE4 SF4 G . -21.02 -24.28 15.79
S1 SF4 G . -18.80 -24.60 15.98
S2 SF4 G . -21.76 -24.07 17.92
S3 SF4 G . -21.21 -22.21 14.95
S4 SF4 G . -19.19 -21.58 17.85
PB MGD H . -14.02 -34.02 21.43
O1B MGD H . -12.66 -34.40 21.05
O2B MGD H . -14.84 -33.23 20.49
O3B MGD H . -13.83 -33.44 22.87
O3A MGD H . -13.52 -32.64 25.16
PA MGD H . -14.51 -33.48 24.30
O1A MGD H . -15.85 -32.88 24.04
O2A MGD H . -14.39 -34.83 24.80
O5' MGD H . -14.83 -35.28 21.68
C5' MGD H . -16.19 -35.36 21.36
C4' MGD H . -16.51 -36.80 21.32
O4' MGD H . -17.90 -36.74 21.22
C3' MGD H . -16.05 -37.53 20.13
O3' MGD H . -15.98 -38.87 20.50
C2' MGD H . -17.18 -37.27 19.16
O2' MGD H . -17.15 -38.26 18.22
C1' MGD H . -18.40 -37.33 20.02
N9 MGD H . -19.63 -36.64 19.57
C8 MGD H . -19.72 -35.53 18.89
N7 MGD H . -20.96 -35.13 18.67
C5 MGD H . -21.75 -35.98 19.27
C6 MGD H . -23.22 -36.13 19.49
O6 MGD H . -24.08 -35.36 19.01
N1 MGD H . -23.56 -37.19 20.24
C2 MGD H . -22.70 -38.08 20.76
N2 MGD H . -23.07 -39.13 21.48
N3 MGD H . -21.41 -37.94 20.59
C4 MGD H . -20.85 -36.96 19.87
C10 MGD H . -13.65 -31.23 25.28
C11 MGD H . -12.76 -30.81 26.36
O11 MGD H . -11.56 -31.50 26.16
C12 MGD H . -12.54 -29.40 26.51
S12 MGD H . -13.80 -28.28 26.56
C13 MGD H . -11.34 -28.91 26.71
S13 MGD H . -10.96 -27.35 26.86
C14 MGD H . -10.16 -29.64 26.87
N15 MGD H . -9.29 -29.38 25.74
C16 MGD H . -8.22 -30.20 25.68
C17 MGD H . -6.96 -29.91 25.09
O17 MGD H . -6.78 -28.83 24.52
N18 MGD H . -6.01 -30.81 25.20
C19 MGD H . -6.15 -31.96 25.80
N19 MGD H . -5.18 -32.89 25.82
N20 MGD H . -7.28 -32.24 26.38
C21 MGD H . -8.32 -31.47 26.34
N22 MGD H . -9.45 -31.83 26.89
C23 MGD H . -10.58 -31.02 27.04
PB MGD I . -6.11 -20.76 26.21
O1B MGD I . -5.53 -21.97 26.77
O2B MGD I . -6.32 -19.64 27.03
O3B MGD I . -7.38 -21.39 25.58
O3A MGD I . -9.27 -21.91 24.05
PA MGD I . -8.77 -20.87 25.05
O1A MGD I . -9.80 -20.84 26.03
O2A MGD I . -8.63 -19.63 24.38
O5' MGD I . -5.27 -20.28 25.05
C5' MGD I . -4.47 -21.01 24.17
C4' MGD I . -3.31 -20.11 24.09
O4' MGD I . -2.75 -20.22 25.36
C3' MGD I . -2.18 -20.48 23.16
O3' MGD I . -1.81 -19.37 22.36
C2' MGD I . -1.01 -20.85 24.06
O2' MGD I . 0.13 -20.21 23.62
C1' MGD I . -1.36 -20.15 25.30
N9 MGD I . -0.57 -20.41 26.50
C8 MGD I . 0.04 -21.55 26.85
N7 MGD I . 0.70 -21.44 28.00
C5 MGD I . 0.52 -20.20 28.42
C6 MGD I . 1.01 -19.41 29.52
O6 MGD I . 1.68 -19.98 30.36
N1 MGD I . 0.64 -18.16 29.61
C2 MGD I . -0.11 -17.57 28.68
N2 MGD I . -0.46 -16.27 28.81
N3 MGD I . -0.59 -18.22 27.62
C4 MGD I . -0.32 -19.51 27.43
C10 MGD I . -9.88 -23.13 24.26
C11 MGD I . -11.30 -22.85 24.11
O11 MGD I . -11.57 -22.57 22.76
C12 MGD I . -12.18 -23.89 24.76
S12 MGD I . -11.96 -24.36 26.31
C13 MGD I . -13.20 -24.48 24.10
S13 MGD I . -14.20 -25.53 24.89
C14 MGD I . -13.47 -24.19 22.68
N15 MGD I . -13.07 -25.16 21.79
C16 MGD I . -12.81 -24.86 20.51
C17 MGD I . -12.43 -25.82 19.47
O17 MGD I . -12.36 -27.03 19.75
N18 MGD I . -12.21 -25.40 18.21
C19 MGD I . -12.28 -24.10 17.97
N19 MGD I . -12.01 -23.73 16.77
N20 MGD I . -12.59 -23.13 18.84
C21 MGD I . -12.89 -23.49 20.09
N22 MGD I . -13.18 -22.63 21.01
C23 MGD I . -12.94 -22.86 22.36
MO MO J . -13.17 -26.15 26.91
FE1 SF4 K . -14.23 -13.69 7.96
FE2 SF4 K . -11.66 -14.13 7.36
FE3 SF4 K . -13.18 -16.09 8.37
FE4 SF4 K . -13.59 -15.25 5.86
S1 SF4 K . -11.73 -16.26 6.64
S2 SF4 K . -15.17 -15.66 7.42
S3 SF4 K . -13.16 -13.06 6.06
S4 SF4 K . -12.58 -14.19 9.42
FE1 SF4 L . -18.98 -16.54 -1.33
FE2 SF4 L . -17.57 -16.38 -3.60
FE3 SF4 L . -18.34 -18.76 -2.64
FE4 SF4 L . -20.15 -17.09 -3.70
S1 SF4 L . -18.45 -18.07 -4.79
S2 SF4 L . -20.35 -18.26 -1.77
S3 SF4 L . -19.35 -15.11 -3.06
S4 SF4 L . -16.89 -17.33 -1.66
FE1 SF4 M . -12.14 -13.74 -11.74
FE2 SF4 M . -9.83 -12.65 -12.53
FE3 SF4 M . -9.95 -15.25 -11.92
FE4 SF4 M . -11.11 -14.34 -14.17
S1 SF4 M . -8.91 -14.33 -13.70
S2 SF4 M . -12.01 -15.79 -12.67
S3 SF4 M . -11.83 -12.34 -13.50
S4 SF4 M . -10.26 -13.54 -10.49
FE1 SF4 N . -14.26 -23.97 -20.26
FE2 SF4 N . -12.31 -22.26 -19.59
FE3 SF4 N . -12.15 -23.69 -21.85
FE4 SF4 N . -13.91 -21.68 -21.66
S1 SF4 N . -11.67 -21.49 -21.59
S2 SF4 N . -14.30 -23.74 -22.51
S3 SF4 N . -14.52 -21.84 -19.51
S4 SF4 N . -12.13 -24.51 -19.75
C1 MQ7 O . -8.95 -28.62 -26.37
O1 MQ7 O . -9.65 -29.12 -25.52
C2 MQ7 O . -9.47 -28.44 -27.74
C2M MQ7 O . -10.87 -28.89 -28.08
C3 MQ7 O . -8.71 -27.88 -28.69
C4 MQ7 O . -7.33 -27.44 -28.40
O4 MQ7 O . -6.65 -26.93 -29.28
C5 MQ7 O . -6.78 -27.59 -27.03
C6 MQ7 O . -5.49 -27.16 -26.74
C7 MQ7 O . -5.00 -27.33 -25.45
C8 MQ7 O . -5.79 -27.91 -24.47
C9 MQ7 O . -7.08 -28.32 -24.75
C10 MQ7 O . -7.58 -28.17 -26.04
C11 MQ7 O . -9.26 -27.72 -30.08
C12 MQ7 O . -10.50 -28.57 -30.24
FE1 SF4 P . 13.25 33.17 -0.74
FE2 SF4 P . 15.68 32.10 -1.11
FE3 SF4 P . 14.52 32.07 1.31
FE4 SF4 P . 13.57 30.49 -0.64
S1 SF4 P . 15.61 30.36 0.31
S2 SF4 P . 12.36 31.77 0.77
S3 SF4 P . 13.89 31.81 -2.43
S4 SF4 P . 15.19 33.90 0.18
PB MGD Q . 9.82 40.51 -9.86
O1B MGD Q . 9.19 39.99 -11.04
O2B MGD Q . 10.48 39.65 -8.81
O3B MGD Q . 8.60 41.15 -9.03
O3A MGD Q . 7.13 42.37 -7.21
PA MGD Q . 8.54 42.33 -7.95
O1A MGD Q . 9.72 42.18 -7.03
O2A MGD Q . 8.34 43.47 -8.83
O5' MGD Q . 10.82 41.58 -10.33
C5' MGD Q . 11.77 42.23 -9.53
C4' MGD Q . 12.76 42.84 -10.44
O4' MGD Q . 13.98 42.97 -9.77
C3' MGD Q . 13.03 42.04 -11.61
O3' MGD Q . 13.03 42.95 -12.62
C2' MGD Q . 14.39 41.46 -11.38
O2' MGD Q . 15.12 41.21 -12.52
C1' MGD Q . 15.03 42.47 -10.55
N9 MGD Q . 16.01 41.98 -9.63
C8 MGD Q . 16.15 40.84 -9.08
N7 MGD Q . 17.17 40.82 -8.19
C5 MGD Q . 17.69 42.00 -8.14
C6 MGD Q . 18.75 42.69 -7.47
O6 MGD Q . 19.47 42.11 -6.70
N1 MGD Q . 18.91 43.98 -7.76
C2 MGD Q . 18.17 44.61 -8.61
N2 MGD Q . 18.36 45.88 -8.87
N3 MGD Q . 17.19 44.03 -9.25
C4 MGD Q . 16.90 42.76 -9.09
C10 MGD Q . 6.58 41.40 -6.45
C11 MGD Q . 5.27 41.88 -6.08
O11 MGD Q . 4.44 41.80 -7.21
C12 MGD Q . 4.68 41.04 -5.02
S12 MGD Q . 5.52 40.79 -3.58
C13 MGD Q . 3.48 40.48 -5.17
S13 MGD Q . 2.78 39.55 -4.01
C14 MGD Q . 2.66 40.70 -6.34
N15 MGD Q . 2.63 39.53 -7.16
C16 MGD Q . 1.98 39.75 -8.33
C17 MGD Q . 1.13 38.80 -9.02
O17 MGD Q . 1.04 37.65 -8.64
N18 MGD Q . 0.45 39.16 -10.10
C19 MGD Q . 0.57 40.35 -10.61
N19 MGD Q . -0.10 40.62 -11.73
N20 MGD Q . 1.28 41.26 -10.04
C21 MGD Q . 2.02 41.07 -8.94
N22 MGD Q . 2.65 42.06 -8.35
C23 MGD Q . 3.06 41.96 -7.00
PB MGD R . -2.64 33.91 -1.98
O1B MGD R . -3.45 34.71 -2.96
O2B MGD R . -3.00 34.04 -0.56
O3B MGD R . -1.12 34.21 -1.98
O3A MGD R . 1.28 33.78 -1.98
PA MGD R . 0.07 33.80 -0.98
O1A MGD R . 0.32 34.86 -0.05
O2A MGD R . -0.22 32.38 -0.62
O5' MGD R . -2.86 32.39 -2.43
C5' MGD R . -2.83 31.86 -3.71
C4' MGD R . -4.12 31.17 -3.87
O4' MGD R . -5.15 32.07 -3.73
C3' MGD R . -4.40 30.38 -5.12
O3' MGD R . -4.32 28.90 -5.07
C2' MGD R . -5.74 30.88 -5.63
O2' MGD R . -6.55 29.86 -6.14
C1' MGD R . -6.26 31.45 -4.34
N9 MGD R . -7.48 32.28 -4.48
C8 MGD R . -7.90 32.96 -5.54
N7 MGD R . -9.11 33.56 -5.40
C5 MGD R . -9.52 33.25 -4.21
C6 MGD R . -10.69 33.57 -3.44
O6 MGD R . -11.53 34.35 -3.90
N1 MGD R . -10.78 33.08 -2.23
C2 MGD R . -9.79 32.31 -1.74
N2 MGD R . -9.94 31.80 -0.52
N3 MGD R . -8.71 31.91 -2.41
C4 MGD R . -8.48 32.39 -3.61
C10 MGD R . 2.06 34.80 -2.47
C11 MGD R . 3.30 34.89 -1.64
O11 MGD R . 4.08 33.80 -1.95
C12 MGD R . 3.93 36.18 -1.89
S12 MGD R . 2.91 37.47 -1.75
C13 MGD R . 5.23 36.35 -2.09
S13 MGD R . 5.94 37.87 -1.96
C14 MGD R . 6.11 35.14 -2.30
N15 MGD R . 6.41 34.90 -3.64
C16 MGD R . 6.79 33.71 -3.95
C17 MGD R . 7.34 33.43 -5.21
O17 MGD R . 7.42 34.39 -5.91
N18 MGD R . 7.68 32.19 -5.57
C19 MGD R . 7.46 31.21 -4.80
N19 MGD R . 7.78 30.09 -5.24
N20 MGD R . 6.94 31.35 -3.55
C21 MGD R . 6.59 32.57 -3.10
N22 MGD R . 6.11 32.79 -1.96
C23 MGD R . 5.46 33.99 -1.64
MO MO S . 4.17 39.54 -1.99
FE1 SF4 T . 9.70 16.84 -2.47
FE2 SF4 T . 10.73 19.23 -1.82
FE3 SF4 T . 10.81 17.20 -0.08
FE4 SF4 T . 12.37 17.16 -2.25
S1 SF4 T . 12.49 18.63 -0.57
S2 SF4 T . 11.13 15.44 -1.45
S3 SF4 T . 11.05 18.13 -3.77
S4 SF4 T . 8.95 18.22 -0.84
FE1 SF4 U . 21.19 11.87 -5.11
FE2 SF4 U . 21.32 14.46 -5.79
FE3 SF4 U . 20.28 13.72 -3.43
FE4 SF4 U . 22.92 13.51 -3.84
S1 SF4 U . 21.72 15.42 -3.80
S2 SF4 U . 21.58 11.96 -2.90
S3 SF4 U . 22.97 12.95 -6.01
S4 SF4 U . 19.43 13.25 -5.47
FE1 SF4 V . 20.15 1.01 -11.30
FE2 SF4 V . 17.73 2.00 -11.90
FE3 SF4 V . 18.16 0.77 -9.55
FE4 SF4 V . 19.22 3.18 -10.01
S1 SF4 V . 17.02 2.70 -9.89
S2 SF4 V . 20.26 1.40 -9.09
S3 SF4 V . 19.70 3.05 -12.18
S4 SF4 V . 18.26 -0.19 -11.60
FE1 SF4 W . 28.28 0.22 -18.20
FE2 SF4 W . 27.56 0.95 -20.67
FE3 SF4 W . 26.24 1.90 -18.54
FE4 SF4 W . 28.72 2.74 -19.06
S1 SF4 W . 26.91 3.07 -20.35
S2 SF4 W . 27.91 2.13 -17.05
S3 SF4 W . 29.66 0.88 -19.87
S4 SF4 W . 26.32 -0.26 -19.20
C1 MQ7 X . 28.02 -3.35 -29.15
O1 MQ7 X . 27.68 -4.44 -29.54
C2 MQ7 X . 29.45 -3.04 -28.95
C2M MQ7 X . 30.48 -4.10 -29.23
C3 MQ7 X . 29.84 -1.83 -28.50
C4 MQ7 X . 28.86 -0.78 -28.21
O4 MQ7 X . 29.23 0.31 -27.82
C5 MQ7 X . 27.41 -1.04 -28.40
C6 MQ7 X . 26.47 -0.06 -28.14
C7 MQ7 X . 25.12 -0.34 -28.33
C8 MQ7 X . 24.72 -1.58 -28.78
C9 MQ7 X . 25.65 -2.57 -29.05
C10 MQ7 X . 27.00 -2.31 -28.86
C11 MQ7 X . 31.31 -1.56 -28.31
C12 MQ7 X . 32.06 -0.84 -29.43
#